data_5GJE
#
_entry.id   5GJE
#
loop_
_entity.id
_entity.type
_entity.pdbx_description
1 polymer 'Low-density lipoprotein receptor-related protein 6'
2 polymer 'Low-density lipoprotein receptor-related protein 6'
3 polymer 'Dickkopf-related protein 1'
4 branched 2-acetamido-2-deoxy-beta-D-glucopyranose-(1-4)-2-acetamido-2-deoxy-beta-D-glucopyranose
5 branched 2-acetamido-2-deoxy-beta-D-glucopyranose-(1-4)-[alpha-L-fucopyranose-(1-6)]2-acetamido-2-deoxy-beta-D-glucopyranose
6 non-polymer 'PHOSPHATE ION'
7 non-polymer 2-acetamido-2-deoxy-beta-D-glucopyranose
8 non-polymer GLYCEROL
9 water water
#
loop_
_entity_poly.entity_id
_entity_poly.type
_entity_poly.pdbx_seq_one_letter_code
_entity_poly.pdbx_strand_id
1 'polypeptide(L)'
;APLLLYANRRDLRLVDATNGKENATIVVGGLEDAAAVDFVFSHGLIYWSDVSEEAIKRTEFNKTESVQNVVVSGLLSPDG
LACDWLGEKLYWTDSETNRIEVSNLDGSLRKVLFWQELDQPRAIALDPSSGFMYWTDWGEVPKIERAGMDGSSRFIIINS
EIYWPNGLTLDYEEQKLYWADAKLNFIHKSNLDGTNRQAVVKGSLPHPFALTLFEDILYWTDWSTHSILACNKYTGEGLR
EIHSDIFSPMDIHAFSQQRQPNATNPCGIDNGGCSHLCLMSPVKPFYQCACPTGVKLLENGKTCKDGATELLLLARRTDL
RRISLDTPDFTDIVLQLEDIRHAIAIDYDPVEGYIYWTDDEVRAIRRSFIDGSGSQFVVTAQIAHPDGIAVDWVARNLYW
TDTGTDRIEVTRLNGTMRKILISEDLEEPRAIVLDPMVGYMYWTDWGEIPKIERAALDGSDRVVLVNTSLGWPNGLALDY
DEGKIYWGDAKTDKIEVMNTDGTGRRVLVEDKIPHIFGFTLLGDYVYWTDWQRRSIERVHKRSAEREVIIDQLPDLMGLK
ATNVHRVIGSNPCAEENGGCSHLCLYRPQGLRCACPIGFELISDMKTCIVP
;
A
2 'polypeptide(L)'
;EAFLLFSRRADIRRISLETNNNNVAIPLTGVKEASALDFDVTDNRIYWTDISLKTISRAFMNGSALEHVVEFGLDYPEGM
AVDWLGKNLYWADTGTNRIEVSKLDGQHRQVLVWKDLDSPRALALDPAEGFMYWTEWGGKPKIDRAAMDGSERTTLVPNV
GRANGLTIDYAKRRLYWTDLDTNLIESSNMLGLNREVIADDLPHPFGLTQYQDYIYWTDWSRRSIERANKTSGQNRTIIQ
GHLDYVMDILVFHSSRQSGWNECASSNGHCSHLCLAVPVGGFVCGCPAHYSLNADNRTCSAPTTFLLFSQKSAINRMVID
EQQSPDIILPIHSLRNVRAIDYDPLDKQLYWIDSRQNMIRKAQEDGSQGFTVVVSSVPSQNLEIQPYDLSIDIYSRYIYW
TCEATNVINVTRLDGRSVGVVLKGEQDRPRAIVVNPEKGYMYFTNLQERSPKIERAALDGTEREVLFFSGLSKPIALALD
SRLGKLFWADSDLRRIESSDLSGANRIVLEDSNILQPVGLTVFENWLYWIDKQQQMIEKIDMTGREGRTKVQARIAQLSD
IHAVKELNLQEYRQHPCAQDNGGCSHICLVKGDGTTRCSCPMHLVLLQDELSCGEP
;
B
3 'polypeptide(L)'
;KGQEGSVCLRSSDCASGLCCARHFWSKICKPVLKEGQVCTKHRRKGSHGLEIFQRCYCGEGLSCRIQKDHHQASNSSRLH
TCQRH
;
C
#
loop_
_chem_comp.id
_chem_comp.type
_chem_comp.name
_chem_comp.formula
FUC L-saccharide, alpha linking alpha-L-fucopyranose 'C6 H12 O5'
GOL non-polymer GLYCEROL 'C3 H8 O3'
NAG D-saccharide, beta linking 2-acetamido-2-deoxy-beta-D-glucopyranose 'C8 H15 N O6'
PO4 non-polymer 'PHOSPHATE ION' 'O4 P -3'
#
# COMPACT_ATOMS: atom_id res chain seq x y z
N ALA A 1 44.41 -19.10 47.23
CA ALA A 1 43.27 -19.83 46.62
C ALA A 1 42.42 -18.91 45.74
N PRO A 2 42.55 -19.04 44.41
CA PRO A 2 41.85 -18.12 43.50
C PRO A 2 40.35 -18.34 43.58
N LEU A 3 39.62 -17.33 44.04
CA LEU A 3 38.16 -17.31 43.87
C LEU A 3 37.81 -16.90 42.44
N LEU A 4 36.93 -17.66 41.80
CA LEU A 4 36.41 -17.26 40.50
C LEU A 4 35.00 -16.66 40.62
N LEU A 5 34.76 -15.57 39.90
CA LEU A 5 33.46 -14.90 39.94
C LEU A 5 32.85 -14.88 38.55
N TYR A 6 31.57 -15.23 38.48
CA TYR A 6 30.94 -15.45 37.19
C TYR A 6 29.45 -15.19 37.22
N ALA A 7 28.94 -14.65 36.10
CA ALA A 7 27.52 -14.43 35.93
C ALA A 7 26.83 -15.74 35.63
N ASN A 8 25.52 -15.76 35.77
CA ASN A 8 24.82 -17.03 35.65
C ASN A 8 23.34 -16.80 35.32
N ARG A 9 23.05 -15.65 34.72
CA ARG A 9 21.74 -15.36 34.17
C ARG A 9 20.74 -15.10 35.27
N ARG A 10 20.63 -16.06 36.19
CA ARG A 10 19.72 -15.96 37.31
C ARG A 10 20.38 -15.34 38.54
N ASP A 11 21.70 -15.44 38.64
CA ASP A 11 22.42 -14.84 39.74
C ASP A 11 23.87 -14.60 39.38
N LEU A 12 24.57 -13.80 40.19
CA LEU A 12 26.02 -13.75 40.12
C LEU A 12 26.53 -14.78 41.10
N ARG A 13 27.66 -15.42 40.79
CA ARG A 13 28.20 -16.45 41.66
C ARG A 13 29.71 -16.40 41.87
N LEU A 14 30.11 -16.63 43.11
CA LEU A 14 31.52 -16.72 43.49
C LEU A 14 31.85 -18.16 43.86
N VAL A 15 32.86 -18.72 43.21
CA VAL A 15 33.33 -20.07 43.55
C VAL A 15 34.82 -20.24 43.37
N ASP A 16 35.45 -20.85 44.37
CA ASP A 16 36.45 -21.88 44.14
C ASP A 16 37.05 -22.33 45.46
N ALA A 17 37.25 -21.38 46.36
CA ALA A 17 38.10 -21.58 47.54
C ALA A 17 39.47 -22.05 47.05
N THR A 18 39.92 -23.19 47.54
CA THR A 18 41.13 -23.83 47.01
C THR A 18 40.74 -24.98 46.07
N ASN A 19 39.59 -24.82 45.41
CA ASN A 19 39.00 -25.87 44.56
C ASN A 19 38.54 -27.08 45.35
N GLY A 20 37.67 -26.85 46.34
CA GLY A 20 37.24 -27.92 47.21
C GLY A 20 35.92 -27.63 47.92
N LYS A 21 35.20 -28.72 48.24
CA LYS A 21 33.94 -28.69 49.00
C LYS A 21 32.75 -28.07 48.26
N GLU A 22 32.98 -27.63 47.02
CA GLU A 22 31.93 -27.11 46.15
C GLU A 22 31.09 -26.01 46.82
N ASN A 23 31.78 -25.00 47.34
CA ASN A 23 31.10 -23.85 47.91
C ASN A 23 30.94 -22.77 46.84
N ALA A 24 29.99 -22.96 45.94
CA ALA A 24 29.64 -21.88 45.02
C ALA A 24 28.64 -21.00 45.76
N THR A 25 29.03 -19.75 46.01
CA THR A 25 28.19 -18.83 46.76
C THR A 25 27.41 -17.89 45.85
N ILE A 26 26.12 -17.74 46.12
CA ILE A 26 25.26 -16.85 45.34
C ILE A 26 25.43 -15.41 45.80
N VAL A 27 26.44 -14.74 45.25
CA VAL A 27 26.76 -13.39 45.68
C VAL A 27 25.55 -12.46 45.61
N VAL A 28 25.08 -12.19 44.41
CA VAL A 28 23.79 -11.52 44.25
C VAL A 28 22.85 -12.56 43.69
N GLY A 29 21.55 -12.25 43.64
CA GLY A 29 20.60 -13.21 43.12
C GLY A 29 19.29 -12.56 42.75
N GLY A 30 18.37 -13.37 42.24
CA GLY A 30 17.09 -12.83 41.81
C GLY A 30 17.21 -11.88 40.63
N LEU A 31 18.33 -11.93 39.92
CA LEU A 31 18.48 -11.19 38.67
C LEU A 31 17.60 -11.87 37.60
N GLU A 32 17.56 -11.31 36.39
CA GLU A 32 16.65 -11.77 35.33
C GLU A 32 17.36 -12.38 34.11
N ASP A 33 18.41 -11.71 33.64
CA ASP A 33 19.21 -12.17 32.51
C ASP A 33 20.60 -11.52 32.49
N ALA A 34 21.43 -11.86 33.48
CA ALA A 34 22.73 -11.24 33.66
C ALA A 34 23.79 -11.70 32.67
N ALA A 35 24.62 -10.79 32.18
CA ALA A 35 25.60 -11.16 31.17
C ALA A 35 27.05 -10.92 31.60
N ALA A 36 27.35 -9.67 31.96
CA ALA A 36 28.69 -9.27 32.32
C ALA A 36 28.73 -8.96 33.80
N VAL A 37 29.92 -9.09 34.40
CA VAL A 37 30.20 -8.61 35.76
C VAL A 37 31.61 -8.06 35.79
N ASP A 38 31.96 -7.42 36.90
CA ASP A 38 33.32 -7.01 37.18
C ASP A 38 33.25 -6.44 38.58
N PHE A 39 34.39 -5.99 39.09
CA PHE A 39 34.46 -5.46 40.44
C PHE A 39 35.49 -4.34 40.55
N VAL A 40 35.38 -3.53 41.59
CA VAL A 40 36.53 -2.74 42.04
C VAL A 40 36.81 -3.26 43.45
N PHE A 41 37.93 -3.93 43.62
CA PHE A 41 38.09 -4.80 44.79
C PHE A 41 38.20 -3.98 46.05
N SER A 42 39.05 -2.97 45.98
CA SER A 42 39.30 -2.05 47.09
C SER A 42 37.99 -1.59 47.73
N HIS A 43 37.07 -1.13 46.89
CA HIS A 43 35.81 -0.58 47.36
C HIS A 43 34.77 -1.65 47.59
N GLY A 44 35.11 -2.89 47.24
CA GLY A 44 34.24 -4.02 47.53
C GLY A 44 33.00 -4.00 46.65
N LEU A 45 33.18 -3.52 45.42
CA LEU A 45 32.07 -3.34 44.49
C LEU A 45 31.99 -4.49 43.48
N ILE A 46 30.75 -4.94 43.23
CA ILE A 46 30.46 -5.89 42.17
C ILE A 46 29.45 -5.33 41.16
N TYR A 47 29.87 -5.19 39.91
CA TYR A 47 28.96 -4.78 38.82
C TYR A 47 28.52 -5.92 37.91
N TRP A 48 27.28 -5.83 37.44
CA TRP A 48 26.82 -6.70 36.36
C TRP A 48 25.88 -5.98 35.39
N SER A 49 25.67 -6.60 34.24
CA SER A 49 24.65 -6.16 33.29
C SER A 49 23.52 -7.15 33.22
N ASP A 50 22.33 -6.64 32.87
CA ASP A 50 21.15 -7.46 32.70
C ASP A 50 20.46 -7.11 31.38
N VAL A 51 20.35 -8.09 30.50
CA VAL A 51 19.96 -7.86 29.12
C VAL A 51 18.44 -7.71 28.97
N SER A 52 17.71 -8.19 29.97
CA SER A 52 16.27 -8.11 29.96
C SER A 52 15.85 -6.80 30.61
N GLU A 53 16.70 -6.32 31.49
CA GLU A 53 16.39 -5.08 32.20
C GLU A 53 17.11 -3.90 31.56
N GLU A 54 18.02 -4.20 30.64
CA GLU A 54 18.82 -3.17 30.01
C GLU A 54 19.24 -2.17 31.09
N ALA A 55 19.95 -2.70 32.09
CA ALA A 55 20.59 -1.88 33.10
C ALA A 55 21.90 -2.53 33.53
N ILE A 56 22.76 -1.70 34.13
CA ILE A 56 24.01 -2.14 34.70
C ILE A 56 23.86 -1.77 36.16
N LYS A 57 24.24 -2.66 37.06
CA LYS A 57 24.03 -2.42 38.47
C LYS A 57 25.28 -2.80 39.27
N ARG A 58 25.27 -2.49 40.57
CA ARG A 58 26.39 -2.81 41.45
C ARG A 58 25.92 -3.13 42.87
N THR A 59 26.70 -3.92 43.58
CA THR A 59 26.44 -4.21 45.00
C THR A 59 27.70 -4.20 45.86
N GLU A 60 27.51 -4.35 47.17
CA GLU A 60 28.60 -4.35 48.16
C GLU A 60 28.92 -5.78 48.56
N PHE A 61 30.20 -6.16 48.47
CA PHE A 61 30.63 -7.54 48.70
C PHE A 61 30.22 -8.06 50.07
N ASN A 62 30.17 -7.16 51.07
CA ASN A 62 29.80 -7.53 52.43
C ASN A 62 28.38 -8.08 52.50
N LYS A 63 28.03 -8.65 53.64
CA LYS A 63 26.67 -9.14 53.88
C LYS A 63 25.69 -7.97 53.76
N THR A 64 24.96 -7.93 52.65
CA THR A 64 24.05 -6.82 52.41
C THR A 64 23.20 -7.09 51.17
N GLU A 65 22.04 -6.43 51.11
CA GLU A 65 21.20 -6.48 49.93
C GLU A 65 21.60 -5.36 48.96
N SER A 66 22.36 -4.40 49.49
CA SER A 66 22.56 -3.12 48.80
C SER A 66 22.85 -3.29 47.31
N VAL A 67 21.85 -2.96 46.50
CA VAL A 67 22.00 -2.94 45.06
C VAL A 67 21.57 -1.58 44.50
N GLN A 68 22.38 -1.03 43.62
CA GLN A 68 22.11 0.28 43.05
C GLN A 68 22.12 0.25 41.52
N ASN A 69 21.04 0.73 40.94
CA ASN A 69 20.99 0.95 39.51
C ASN A 69 22.14 1.90 39.14
N VAL A 70 22.87 1.59 38.07
CA VAL A 70 24.07 2.34 37.70
C VAL A 70 23.93 2.99 36.34
N VAL A 71 23.49 2.20 35.36
CA VAL A 71 22.94 2.75 34.13
C VAL A 71 21.57 2.09 33.93
N VAL A 72 20.59 2.87 33.51
CA VAL A 72 19.26 2.31 33.38
C VAL A 72 18.58 2.92 32.18
N SER A 73 19.37 3.15 31.13
CA SER A 73 18.89 3.86 29.99
C SER A 73 19.93 3.93 28.91
N GLY A 74 19.53 3.59 27.69
CA GLY A 74 20.42 3.78 26.57
C GLY A 74 21.12 2.49 26.28
N LEU A 75 20.67 1.43 26.96
CA LEU A 75 21.34 0.14 26.86
C LEU A 75 20.42 -0.85 26.18
N LEU A 76 21.01 -1.72 25.36
CA LEU A 76 20.26 -2.81 24.75
C LEU A 76 20.87 -4.21 25.00
N SER A 77 22.12 -4.39 24.59
CA SER A 77 22.83 -5.62 24.92
C SER A 77 24.22 -5.37 25.51
N PRO A 78 24.28 -4.81 26.72
CA PRO A 78 25.57 -4.66 27.42
C PRO A 78 26.19 -6.03 27.78
N ASP A 79 27.11 -6.55 26.97
CA ASP A 79 27.61 -7.91 27.17
C ASP A 79 29.09 -7.92 27.61
N GLY A 80 29.64 -6.73 27.82
CA GLY A 80 31.02 -6.58 28.23
C GLY A 80 31.11 -5.46 29.25
N LEU A 81 31.90 -5.66 30.30
CA LEU A 81 31.91 -4.74 31.42
C LEU A 81 33.30 -4.78 32.04
N ALA A 82 33.90 -3.62 32.25
CA ALA A 82 35.24 -3.55 32.84
C ALA A 82 35.35 -2.29 33.70
N CYS A 83 35.71 -2.50 34.98
CA CYS A 83 35.90 -1.41 35.94
C CYS A 83 37.34 -0.95 35.92
N ASP A 84 37.53 0.35 36.06
CA ASP A 84 38.86 0.91 36.15
C ASP A 84 39.16 1.22 37.61
N TRP A 85 39.97 0.37 38.25
CA TRP A 85 40.16 0.44 39.69
C TRP A 85 41.16 1.55 40.05
N LEU A 86 41.80 2.10 39.02
CA LEU A 86 42.78 3.15 39.21
C LEU A 86 42.16 4.54 39.02
N GLY A 87 41.96 4.92 37.76
CA GLY A 87 41.31 6.19 37.46
C GLY A 87 39.89 6.28 37.99
N GLU A 88 39.37 5.18 38.51
CA GLU A 88 38.04 5.15 39.11
C GLU A 88 36.94 5.45 38.09
N LYS A 89 36.94 4.68 37.01
CA LYS A 89 35.90 4.83 36.01
C LYS A 89 35.24 3.46 35.72
N LEU A 90 34.14 3.49 34.97
CA LEU A 90 33.45 2.29 34.52
C LEU A 90 33.30 2.28 33.00
N TYR A 91 33.83 1.24 32.36
CA TYR A 91 33.72 1.09 30.91
C TYR A 91 32.79 -0.08 30.58
N TRP A 92 32.14 -0.03 29.43
CA TRP A 92 31.24 -1.11 28.99
C TRP A 92 30.92 -0.98 27.52
N THR A 93 30.89 -2.11 26.83
CA THR A 93 30.52 -2.20 25.41
C THR A 93 29.04 -2.55 25.31
N ASP A 94 28.39 -2.22 24.21
CA ASP A 94 27.03 -2.68 23.99
C ASP A 94 26.93 -3.26 22.58
N SER A 95 26.66 -4.56 22.47
CA SER A 95 26.84 -5.23 21.18
C SER A 95 25.76 -4.89 20.17
N GLU A 96 24.68 -4.24 20.61
CA GLU A 96 23.59 -3.92 19.70
C GLU A 96 23.51 -2.41 19.42
N THR A 97 23.82 -1.57 20.39
CA THR A 97 23.87 -0.15 20.09
C THR A 97 25.22 0.19 19.49
N ASN A 98 26.11 -0.79 19.49
CA ASN A 98 27.39 -0.65 18.81
C ASN A 98 28.10 0.59 19.31
N ARG A 99 28.01 0.84 20.61
CA ARG A 99 28.71 1.97 21.23
C ARG A 99 29.73 1.46 22.23
N ILE A 100 30.65 2.32 22.65
CA ILE A 100 31.51 2.02 23.80
C ILE A 100 31.57 3.23 24.71
N GLU A 101 31.23 3.06 25.98
CA GLU A 101 31.03 4.22 26.83
C GLU A 101 31.79 4.13 28.13
N VAL A 102 31.76 5.20 28.91
CA VAL A 102 32.38 5.20 30.23
C VAL A 102 31.57 6.06 31.19
N SER A 103 31.74 5.83 32.50
CA SER A 103 31.13 6.69 33.50
C SER A 103 31.96 6.67 34.78
N ASN A 104 31.52 7.42 35.78
CA ASN A 104 32.05 7.25 37.13
C ASN A 104 31.42 5.99 37.68
N LEU A 105 31.98 5.48 38.76
CA LEU A 105 31.48 4.27 39.39
C LEU A 105 30.09 4.44 39.99
N ASP A 106 29.39 5.50 39.60
CA ASP A 106 27.99 5.64 40.00
C ASP A 106 27.10 6.02 38.83
N GLY A 107 27.62 5.84 37.62
CA GLY A 107 26.80 5.94 36.42
C GLY A 107 26.75 7.37 35.90
N SER A 108 27.51 8.23 36.58
CA SER A 108 27.39 9.66 36.42
C SER A 108 28.44 10.11 35.45
N LEU A 109 28.24 11.30 34.90
CA LEU A 109 29.14 11.86 33.91
C LEU A 109 29.39 10.88 32.77
N ARG A 110 28.31 10.41 32.16
CA ARG A 110 28.37 9.27 31.27
C ARG A 110 28.87 9.67 29.89
N LYS A 111 30.10 9.32 29.54
CA LYS A 111 30.63 9.70 28.25
C LYS A 111 30.69 8.54 27.26
N VAL A 112 30.23 8.78 26.03
CA VAL A 112 30.39 7.81 24.95
C VAL A 112 31.78 7.98 24.35
N LEU A 113 32.58 6.94 24.42
CA LEU A 113 33.92 6.97 23.83
C LEU A 113 33.89 6.82 22.32
N PHE A 114 33.61 5.60 21.85
CA PHE A 114 33.56 5.32 20.42
C PHE A 114 32.16 4.91 20.01
N TRP A 115 31.85 5.05 18.73
CA TRP A 115 30.52 4.73 18.23
C TRP A 115 30.54 4.50 16.74
N GLN A 116 31.65 4.84 16.09
CA GLN A 116 31.81 4.56 14.66
C GLN A 116 32.58 3.27 14.38
N GLU A 117 32.22 2.63 13.27
CA GLU A 117 32.91 1.43 12.77
C GLU A 117 32.94 0.27 13.76
N LEU A 118 31.85 0.12 14.52
CA LEU A 118 31.73 -0.90 15.54
C LEU A 118 30.69 -1.94 15.17
N ASP A 119 31.10 -3.19 15.11
CA ASP A 119 30.16 -4.25 14.82
C ASP A 119 30.13 -5.19 16.00
N GLN A 120 29.10 -5.08 16.82
CA GLN A 120 28.91 -6.01 17.93
C GLN A 120 30.12 -6.11 18.84
N PRO A 121 30.56 -4.97 19.41
CA PRO A 121 31.60 -5.00 20.43
C PRO A 121 31.11 -5.74 21.68
N ARG A 122 31.91 -6.68 22.16
CA ARG A 122 31.57 -7.54 23.27
C ARG A 122 32.60 -7.50 24.39
N ALA A 123 33.55 -8.44 24.33
CA ALA A 123 34.55 -8.59 25.37
C ALA A 123 35.31 -7.29 25.56
N ILE A 124 35.65 -6.97 26.80
CA ILE A 124 36.42 -5.77 27.08
C ILE A 124 37.44 -5.93 28.20
N ALA A 125 38.64 -5.42 27.96
CA ALA A 125 39.72 -5.44 28.95
C ALA A 125 40.43 -4.10 29.09
N LEU A 126 40.65 -3.68 30.34
CA LEU A 126 41.36 -2.44 30.65
C LEU A 126 42.80 -2.70 31.07
N ASP A 127 43.70 -1.79 30.68
CA ASP A 127 45.06 -1.79 31.21
C ASP A 127 45.37 -0.45 31.89
N PRO A 128 44.82 -0.21 33.10
CA PRO A 128 45.01 1.08 33.78
C PRO A 128 46.47 1.40 34.04
N SER A 129 47.30 0.36 34.15
CA SER A 129 48.75 0.56 34.23
C SER A 129 49.17 1.54 33.16
N SER A 130 49.01 1.14 31.91
CA SER A 130 49.16 2.07 30.81
C SER A 130 47.82 2.77 30.66
N GLY A 131 47.59 3.37 29.50
CA GLY A 131 46.31 3.98 29.24
C GLY A 131 45.55 3.23 28.17
N PHE A 132 45.63 1.91 28.21
CA PHE A 132 45.08 1.11 27.13
C PHE A 132 43.88 0.29 27.56
N MET A 133 42.79 0.41 26.80
CA MET A 133 41.67 -0.52 26.88
C MET A 133 41.67 -1.38 25.62
N TYR A 134 41.29 -2.66 25.79
CA TYR A 134 41.19 -3.60 24.68
C TYR A 134 39.76 -4.12 24.65
N TRP A 135 39.23 -4.30 23.45
CA TRP A 135 37.95 -5.00 23.28
C TRP A 135 37.91 -5.75 21.95
N THR A 136 36.86 -6.53 21.73
CA THR A 136 36.68 -7.24 20.47
C THR A 136 35.31 -6.95 19.91
N ASP A 137 35.26 -6.38 18.72
CA ASP A 137 34.00 -6.35 18.01
C ASP A 137 34.07 -7.39 16.90
N TRP A 138 32.97 -8.08 16.66
CA TRP A 138 32.93 -9.04 15.58
C TRP A 138 31.62 -8.94 14.77
N GLY A 139 31.70 -9.31 13.50
CA GLY A 139 30.54 -9.17 12.63
C GLY A 139 30.94 -9.59 11.23
N GLU A 140 30.54 -8.82 10.23
CA GLU A 140 30.92 -9.07 8.84
C GLU A 140 32.45 -9.18 8.72
N VAL A 141 33.13 -8.32 9.47
CA VAL A 141 34.58 -8.41 9.60
C VAL A 141 34.96 -8.27 11.07
N PRO A 142 35.36 -9.38 11.71
CA PRO A 142 35.76 -9.44 13.13
C PRO A 142 37.15 -8.85 13.34
N LYS A 143 37.43 -8.41 14.57
CA LYS A 143 38.73 -7.86 14.92
C LYS A 143 38.88 -7.58 16.42
N ILE A 144 40.09 -7.70 16.94
CA ILE A 144 40.39 -7.14 18.25
C ILE A 144 41.02 -5.77 18.13
N GLU A 145 40.57 -4.84 18.98
CA GLU A 145 41.02 -3.45 18.92
C GLU A 145 41.69 -2.96 20.19
N ARG A 146 42.65 -2.05 20.02
CA ARG A 146 43.22 -1.29 21.14
C ARG A 146 42.94 0.20 20.97
N ALA A 147 42.72 0.88 22.08
CA ALA A 147 42.81 2.33 22.11
C ALA A 147 43.09 2.82 23.52
N GLY A 148 43.35 4.11 23.66
CA GLY A 148 43.54 4.67 24.97
C GLY A 148 42.20 4.68 25.67
N MET A 149 42.21 4.61 26.99
CA MET A 149 40.97 4.63 27.72
C MET A 149 40.36 6.01 27.69
N ASP A 150 40.90 6.88 26.84
CA ASP A 150 40.49 8.27 26.77
C ASP A 150 39.79 8.57 25.46
N GLY A 151 39.77 7.60 24.56
CA GLY A 151 39.19 7.81 23.24
C GLY A 151 40.20 8.05 22.13
N SER A 152 41.47 7.75 22.37
CA SER A 152 42.51 8.14 21.42
C SER A 152 43.22 6.94 20.83
N SER A 153 43.71 7.10 19.59
CA SER A 153 44.66 6.15 19.03
C SER A 153 43.98 4.79 18.90
N ARG A 154 42.77 4.79 18.35
CA ARG A 154 42.07 3.54 18.09
C ARG A 154 42.85 2.70 17.08
N PHE A 155 43.54 1.67 17.58
CA PHE A 155 44.34 0.78 16.73
C PHE A 155 43.71 -0.62 16.60
N ILE A 156 43.61 -1.12 15.37
CA ILE A 156 43.29 -2.52 15.10
C ILE A 156 44.56 -3.36 15.16
N ILE A 157 44.68 -4.20 16.18
CA ILE A 157 45.87 -5.03 16.35
C ILE A 157 45.76 -6.42 15.71
N ILE A 158 44.82 -7.23 16.19
CA ILE A 158 44.57 -8.53 15.61
C ILE A 158 43.33 -8.51 14.74
N ASN A 159 43.50 -8.85 13.46
CA ASN A 159 42.38 -8.83 12.51
C ASN A 159 42.38 -10.02 11.56
N SER A 160 43.06 -11.09 11.96
CA SER A 160 43.09 -12.32 11.17
C SER A 160 43.09 -13.56 12.07
N GLU A 161 42.74 -14.73 11.52
CA GLU A 161 42.70 -15.97 12.29
C GLU A 161 41.65 -15.87 13.40
N ILE A 162 40.70 -14.98 13.22
CA ILE A 162 39.65 -14.76 14.22
C ILE A 162 38.26 -14.94 13.64
N TYR A 163 37.38 -15.53 14.42
CA TYR A 163 35.97 -15.61 14.07
C TYR A 163 35.23 -15.64 15.39
N TRP A 164 34.32 -14.70 15.61
CA TRP A 164 33.73 -14.56 16.93
C TRP A 164 34.82 -14.49 17.99
N PRO A 165 35.77 -13.55 17.87
CA PRO A 165 36.90 -13.48 18.81
C PRO A 165 36.42 -13.31 20.24
N ASN A 166 36.92 -14.18 21.12
CA ASN A 166 36.30 -14.35 22.43
C ASN A 166 37.03 -13.67 23.58
N GLY A 167 36.66 -14.04 24.81
CA GLY A 167 37.07 -13.29 25.98
C GLY A 167 38.47 -12.70 25.95
N LEU A 168 38.60 -11.48 26.45
CA LEU A 168 39.88 -10.79 26.56
C LEU A 168 40.37 -10.80 28.00
N THR A 169 41.66 -11.01 28.19
CA THR A 169 42.26 -10.96 29.52
C THR A 169 43.78 -10.93 29.42
N LEU A 170 44.39 -10.11 30.26
CA LEU A 170 45.79 -9.74 30.06
C LEU A 170 46.72 -10.15 31.21
N ASP A 171 47.92 -10.59 30.86
CA ASP A 171 48.94 -10.96 31.85
C ASP A 171 49.87 -9.78 32.15
N TYR A 172 49.61 -9.10 33.27
CA TYR A 172 50.31 -7.87 33.61
C TYR A 172 51.76 -8.19 33.93
N GLU A 173 52.00 -9.43 34.37
CA GLU A 173 53.34 -9.88 34.68
C GLU A 173 54.17 -9.99 33.40
N GLU A 174 53.52 -10.38 32.31
CA GLU A 174 54.24 -10.68 31.09
C GLU A 174 54.04 -9.63 30.01
N GLN A 175 53.20 -8.64 30.29
CA GLN A 175 52.88 -7.63 29.28
C GLN A 175 52.38 -8.29 27.99
N LYS A 176 51.62 -9.38 28.15
CA LYS A 176 50.97 -10.04 27.02
C LYS A 176 49.47 -10.14 27.28
N LEU A 177 48.70 -10.16 26.20
CA LEU A 177 47.25 -10.26 26.30
C LEU A 177 46.78 -11.56 25.67
N TYR A 178 45.89 -12.27 26.36
CA TYR A 178 45.30 -13.48 25.79
C TYR A 178 43.91 -13.22 25.23
N TRP A 179 43.52 -14.01 24.24
CA TRP A 179 42.13 -14.02 23.78
C TRP A 179 41.71 -15.37 23.23
N ALA A 180 40.42 -15.67 23.32
CA ALA A 180 39.89 -16.94 22.86
C ALA A 180 39.09 -16.75 21.59
N ASP A 181 38.13 -17.65 21.36
CA ASP A 181 37.33 -17.61 20.15
C ASP A 181 36.19 -18.64 20.21
N ALA A 182 34.96 -18.15 20.02
CA ALA A 182 33.77 -18.94 20.30
C ALA A 182 33.41 -19.82 19.11
N LYS A 183 34.20 -19.71 18.04
CA LYS A 183 33.97 -20.48 16.82
C LYS A 183 35.15 -21.33 16.43
N LEU A 184 36.28 -20.70 16.13
CA LEU A 184 37.49 -21.41 15.71
C LEU A 184 38.13 -22.20 16.85
N ASN A 185 37.56 -22.09 18.05
CA ASN A 185 37.94 -22.95 19.16
C ASN A 185 39.44 -23.05 19.42
N PHE A 186 40.07 -21.89 19.65
CA PHE A 186 41.44 -21.85 20.13
C PHE A 186 41.59 -20.89 21.30
N ILE A 187 42.77 -20.90 21.91
CA ILE A 187 43.21 -19.78 22.73
C ILE A 187 44.51 -19.29 22.13
N HIS A 188 44.67 -17.98 22.06
CA HIS A 188 45.92 -17.41 21.59
C HIS A 188 46.55 -16.47 22.62
N LYS A 189 47.43 -15.59 22.15
CA LYS A 189 48.36 -14.86 23.00
C LYS A 189 49.28 -13.97 22.17
N SER A 190 49.43 -12.71 22.59
CA SER A 190 50.29 -11.76 21.88
C SER A 190 50.96 -10.78 22.82
N ASN A 191 51.82 -9.95 22.27
CA ASN A 191 52.27 -8.75 22.96
C ASN A 191 51.20 -7.66 22.82
N LEU A 192 51.29 -6.63 23.64
CA LEU A 192 50.24 -5.62 23.74
C LEU A 192 50.10 -4.83 22.46
N ASP A 193 50.99 -5.06 21.52
CA ASP A 193 50.78 -4.59 20.16
C ASP A 193 49.99 -5.69 19.46
N GLY A 194 49.99 -5.68 18.13
CA GLY A 194 49.40 -6.79 17.41
C GLY A 194 50.36 -7.96 17.29
N THR A 195 51.46 -7.86 18.03
CA THR A 195 52.69 -8.59 17.72
C THR A 195 52.82 -9.95 18.39
N ASN A 196 53.49 -10.86 17.70
CA ASN A 196 53.90 -12.14 18.27
C ASN A 196 52.72 -13.03 18.57
N ARG A 197 51.87 -13.23 17.57
CA ARG A 197 50.64 -13.99 17.74
C ARG A 197 50.91 -15.48 17.95
N GLN A 198 51.00 -15.91 19.21
CA GLN A 198 51.33 -17.30 19.53
C GLN A 198 50.09 -18.10 19.96
N ALA A 199 50.08 -19.39 19.67
CA ALA A 199 49.01 -20.28 20.15
C ALA A 199 49.32 -20.79 21.55
N VAL A 200 48.34 -20.70 22.46
CA VAL A 200 48.49 -21.32 23.78
C VAL A 200 47.69 -22.62 23.85
N VAL A 201 46.46 -22.57 23.37
CA VAL A 201 45.68 -23.79 23.21
C VAL A 201 45.06 -23.84 21.81
N LYS A 202 45.90 -23.90 20.77
CA LYS A 202 45.42 -24.16 19.41
C LYS A 202 44.84 -25.56 19.37
N GLY A 203 44.00 -25.82 18.37
CA GLY A 203 43.37 -27.12 18.27
C GLY A 203 41.97 -26.94 18.77
N SER A 204 41.04 -27.73 18.25
CA SER A 204 39.64 -27.37 18.31
C SER A 204 38.95 -27.73 19.64
N LEU A 205 39.74 -27.99 20.67
CA LEU A 205 39.20 -28.49 21.93
C LEU A 205 38.47 -27.44 22.77
N PRO A 206 39.09 -26.28 22.99
CA PRO A 206 38.41 -25.23 23.77
C PRO A 206 37.23 -24.61 23.02
N HIS A 207 36.09 -24.51 23.69
CA HIS A 207 34.95 -23.74 23.19
C HIS A 207 34.55 -22.71 24.25
N PRO A 208 35.48 -21.79 24.59
CA PRO A 208 35.36 -20.84 25.70
C PRO A 208 34.37 -19.71 25.46
N PHE A 209 33.65 -19.35 26.52
CA PHE A 209 32.76 -18.20 26.50
C PHE A 209 33.47 -17.01 27.12
N ALA A 210 34.18 -17.23 28.21
CA ALA A 210 34.82 -16.15 28.91
C ALA A 210 36.13 -16.59 29.52
N LEU A 211 37.17 -15.80 29.29
CA LEU A 211 38.49 -16.16 29.78
C LEU A 211 38.89 -15.30 30.97
N THR A 212 39.72 -15.86 31.85
CA THR A 212 40.31 -15.12 32.95
C THR A 212 41.67 -15.75 33.17
N LEU A 213 42.31 -15.46 34.29
CA LEU A 213 43.56 -16.13 34.65
C LEU A 213 44.02 -15.77 36.06
N PHE A 214 44.89 -16.61 36.61
CA PHE A 214 45.50 -16.35 37.91
C PHE A 214 46.67 -17.28 38.14
N GLU A 215 47.87 -16.72 38.01
CA GLU A 215 49.12 -17.47 38.22
C GLU A 215 49.22 -18.68 37.30
N ASP A 216 49.55 -18.43 36.03
CA ASP A 216 49.90 -19.49 35.09
C ASP A 216 48.70 -20.30 34.61
N ILE A 217 47.54 -20.05 35.20
CA ILE A 217 46.34 -20.84 34.95
C ILE A 217 45.29 -20.04 34.22
N LEU A 218 45.00 -20.44 32.98
CA LEU A 218 43.87 -19.91 32.24
C LEU A 218 42.58 -20.63 32.63
N TYR A 219 41.63 -19.91 33.19
CA TYR A 219 40.31 -20.45 33.40
C TYR A 219 39.34 -19.94 32.32
N TRP A 220 38.24 -20.67 32.10
CA TRP A 220 37.21 -20.20 31.19
C TRP A 220 35.94 -21.02 31.30
N THR A 221 34.88 -20.53 30.67
CA THR A 221 33.60 -21.20 30.65
C THR A 221 33.31 -21.79 29.27
N ASP A 222 32.67 -22.95 29.28
CA ASP A 222 32.05 -23.51 28.10
C ASP A 222 30.59 -23.76 28.48
N TRP A 223 29.74 -22.82 28.10
CA TRP A 223 28.33 -22.89 28.43
C TRP A 223 27.77 -24.25 28.02
N SER A 224 28.20 -24.74 26.85
CA SER A 224 27.67 -25.98 26.30
C SER A 224 27.80 -27.07 27.35
N THR A 225 29.04 -27.34 27.75
CA THR A 225 29.36 -28.36 28.73
C THR A 225 28.93 -27.92 30.13
N HIS A 226 28.46 -26.68 30.24
CA HIS A 226 28.05 -26.14 31.53
C HIS A 226 29.16 -26.23 32.57
N SER A 227 30.40 -26.10 32.09
CA SER A 227 31.57 -26.36 32.92
C SER A 227 32.49 -25.15 32.99
N ILE A 228 33.46 -25.23 33.90
CA ILE A 228 34.62 -24.34 33.88
C ILE A 228 35.88 -25.18 33.66
N LEU A 229 36.80 -24.67 32.85
CA LEU A 229 38.02 -25.37 32.50
C LEU A 229 39.27 -24.55 32.86
N ALA A 230 40.43 -25.10 32.57
CA ALA A 230 41.69 -24.49 33.00
C ALA A 230 42.85 -25.27 32.41
N CYS A 231 43.98 -24.59 32.17
CA CYS A 231 45.18 -25.24 31.65
C CYS A 231 46.42 -24.36 31.81
N ASN A 232 47.58 -24.87 31.39
CA ASN A 232 48.82 -24.09 31.48
C ASN A 232 48.60 -22.75 30.81
N LYS A 233 49.39 -21.77 31.24
CA LYS A 233 49.32 -20.44 30.65
C LYS A 233 50.15 -20.46 29.38
N TYR A 234 51.05 -21.45 29.29
CA TYR A 234 52.08 -21.45 28.27
C TYR A 234 51.83 -22.46 27.15
N THR A 235 51.22 -23.59 27.51
CA THR A 235 50.75 -24.56 26.51
C THR A 235 49.35 -25.04 26.89
N GLY A 236 48.77 -25.88 26.06
CA GLY A 236 47.45 -26.40 26.35
C GLY A 236 47.46 -27.33 27.55
N GLU A 237 48.64 -27.78 27.95
CA GLU A 237 48.75 -28.85 28.94
C GLU A 237 47.98 -28.54 30.21
N GLY A 238 47.59 -29.60 30.92
CA GLY A 238 47.00 -29.46 32.23
C GLY A 238 45.48 -29.41 32.22
N LEU A 239 44.89 -29.63 31.05
CA LEU A 239 43.48 -29.29 30.80
C LEU A 239 42.45 -30.10 31.58
N ARG A 240 42.38 -29.87 32.89
CA ARG A 240 41.33 -30.42 33.74
C ARG A 240 40.21 -29.38 33.87
N GLU A 241 39.02 -29.81 34.23
CA GLU A 241 37.91 -28.88 34.41
C GLU A 241 37.55 -28.74 35.88
N ILE A 242 37.63 -27.51 36.39
CA ILE A 242 37.27 -27.23 37.77
C ILE A 242 35.84 -27.65 38.00
N HIS A 243 35.53 -28.06 39.22
CA HIS A 243 34.19 -28.52 39.56
C HIS A 243 33.13 -27.53 39.05
N SER A 244 32.25 -28.04 38.20
CA SER A 244 31.35 -27.22 37.41
C SER A 244 30.22 -28.02 36.77
N ASP A 245 29.01 -27.82 37.28
CA ASP A 245 27.79 -28.36 36.68
C ASP A 245 26.78 -27.20 36.61
N ILE A 246 27.23 -26.09 36.06
CA ILE A 246 26.67 -24.79 36.37
C ILE A 246 25.68 -24.29 35.32
N PHE A 247 24.51 -23.85 35.78
CA PHE A 247 23.41 -23.52 34.90
C PHE A 247 23.65 -22.27 34.04
N SER A 248 24.34 -22.46 32.92
CA SER A 248 24.60 -21.34 32.01
C SER A 248 25.57 -20.30 32.56
N PRO A 249 26.84 -20.67 32.79
CA PRO A 249 27.87 -19.68 33.13
C PRO A 249 28.22 -18.78 31.94
N MET A 250 28.18 -17.47 32.17
CA MET A 250 28.49 -16.51 31.13
C MET A 250 29.87 -15.90 31.39
N ASP A 251 29.88 -14.59 31.69
CA ASP A 251 31.10 -13.84 32.05
C ASP A 251 31.73 -14.39 33.35
N ILE A 252 33.05 -14.25 33.46
CA ILE A 252 33.78 -14.78 34.61
C ILE A 252 35.12 -14.07 34.76
N HIS A 253 35.49 -13.77 36.00
CA HIS A 253 36.79 -13.18 36.31
C HIS A 253 37.40 -13.83 37.53
N ALA A 254 38.73 -13.80 37.59
CA ALA A 254 39.44 -14.15 38.81
C ALA A 254 39.23 -13.03 39.85
N PHE A 255 38.50 -13.34 40.91
CA PHE A 255 38.13 -12.37 41.96
C PHE A 255 39.23 -12.18 43.00
N SER A 256 40.32 -11.55 42.58
CA SER A 256 41.52 -11.47 43.41
C SER A 256 42.18 -10.09 43.32
N GLN A 257 42.44 -9.50 44.47
CA GLN A 257 43.07 -8.18 44.52
C GLN A 257 44.35 -8.12 43.70
N GLN A 258 44.87 -9.28 43.33
CA GLN A 258 46.11 -9.34 42.56
C GLN A 258 45.85 -9.13 41.07
N ARG A 259 44.59 -9.29 40.66
CA ARG A 259 44.23 -9.12 39.26
C ARG A 259 43.98 -7.64 38.95
N GLN A 260 44.08 -6.81 39.98
CA GLN A 260 44.06 -5.36 39.81
C GLN A 260 45.22 -4.74 40.57
N PRO A 261 46.40 -4.74 39.95
CA PRO A 261 47.60 -4.12 40.55
C PRO A 261 47.46 -2.61 40.65
N ASN A 262 47.54 -2.07 41.87
CA ASN A 262 47.39 -0.63 42.08
C ASN A 262 48.68 0.14 41.81
N ALA A 263 48.56 1.46 41.63
CA ALA A 263 49.69 2.28 41.26
C ALA A 263 49.35 3.76 41.29
N THR A 264 50.25 4.58 40.77
CA THR A 264 50.10 6.04 40.81
C THR A 264 48.98 6.45 39.85
N ASN A 265 48.11 7.34 40.31
CA ASN A 265 47.00 7.85 39.51
C ASN A 265 47.45 9.08 38.71
N PRO A 266 47.30 9.05 37.37
CA PRO A 266 47.81 10.12 36.49
C PRO A 266 47.34 11.52 36.91
N CYS A 267 46.13 11.60 37.46
CA CYS A 267 45.71 12.77 38.22
C CYS A 267 45.81 12.40 39.69
N GLY A 268 46.14 13.36 40.54
CA GLY A 268 46.19 13.07 41.96
C GLY A 268 44.79 12.97 42.54
N ILE A 269 44.70 12.99 43.87
CA ILE A 269 43.45 13.37 44.52
C ILE A 269 43.34 14.87 44.31
N ASP A 270 44.47 15.47 43.96
CA ASP A 270 44.51 16.87 43.56
C ASP A 270 43.89 16.98 42.18
N ASN A 271 43.43 18.19 41.84
CA ASN A 271 42.82 18.44 40.53
C ASN A 271 41.51 17.67 40.38
N GLY A 272 41.49 16.43 40.87
CA GLY A 272 40.39 15.55 40.53
C GLY A 272 40.46 15.36 39.04
N GLY A 273 41.65 15.52 38.50
CA GLY A 273 41.85 15.34 37.08
C GLY A 273 41.47 16.55 36.27
N CYS A 274 40.17 16.83 36.16
CA CYS A 274 39.73 18.02 35.42
C CYS A 274 38.53 18.73 36.07
N SER A 275 37.42 18.86 35.34
CA SER A 275 36.19 19.43 35.90
C SER A 275 35.07 18.39 35.95
N HIS A 276 35.04 17.52 34.95
CA HIS A 276 34.06 16.44 34.91
C HIS A 276 34.74 15.08 34.87
N LEU A 277 35.51 14.81 33.81
CA LEU A 277 36.13 13.50 33.65
C LEU A 277 37.64 13.54 33.44
N CYS A 278 38.35 12.82 34.32
CA CYS A 278 39.78 12.52 34.12
C CYS A 278 39.93 11.05 33.74
N LEU A 279 40.20 10.80 32.47
CA LEU A 279 40.41 9.46 31.97
C LEU A 279 41.89 9.19 31.75
N MET A 280 42.30 7.96 32.00
CA MET A 280 43.70 7.57 31.81
C MET A 280 44.09 7.73 30.34
N SER A 281 45.39 7.74 30.06
CA SER A 281 45.88 7.98 28.70
C SER A 281 47.37 7.65 28.51
N PRO A 282 47.74 7.17 27.31
CA PRO A 282 49.12 7.01 26.83
C PRO A 282 49.82 8.35 26.57
N VAL A 283 49.03 9.36 26.24
CA VAL A 283 49.51 10.73 26.01
C VAL A 283 50.34 11.19 27.21
N LYS A 284 51.29 12.09 26.95
CA LYS A 284 52.34 12.41 27.91
C LYS A 284 51.85 12.61 29.34
N PRO A 285 50.87 13.49 29.56
CA PRO A 285 50.46 13.74 30.94
C PRO A 285 49.96 12.45 31.61
N PHE A 286 49.55 11.49 30.79
CA PHE A 286 49.02 10.21 31.23
C PHE A 286 47.61 10.24 31.79
N TYR A 287 47.00 11.43 31.74
CA TYR A 287 45.57 11.57 31.97
C TYR A 287 45.02 12.53 30.93
N GLN A 288 43.70 12.50 30.73
CA GLN A 288 43.06 13.27 29.67
C GLN A 288 41.72 13.79 30.13
N CYS A 289 41.22 14.82 29.46
CA CYS A 289 40.07 15.58 29.94
C CYS A 289 38.81 15.30 29.11
N ALA A 290 37.69 15.09 29.81
CA ALA A 290 36.45 14.70 29.15
C ALA A 290 35.21 15.35 29.73
N CYS A 291 34.23 15.58 28.85
CA CYS A 291 32.91 16.01 29.24
C CYS A 291 31.88 14.91 28.92
N PRO A 292 30.72 14.94 29.58
CA PRO A 292 29.66 13.98 29.26
C PRO A 292 29.25 14.07 27.80
N THR A 293 28.32 13.22 27.40
CA THR A 293 27.94 13.13 26.01
C THR A 293 27.28 14.39 25.49
N GLY A 294 27.73 14.86 24.33
CA GLY A 294 27.09 15.99 23.69
C GLY A 294 27.57 17.31 24.26
N VAL A 295 28.60 17.25 25.08
CA VAL A 295 29.14 18.44 25.72
C VAL A 295 30.58 18.72 25.31
N LYS A 296 30.84 19.94 24.85
CA LYS A 296 32.13 20.26 24.26
C LYS A 296 33.11 20.80 25.30
N LEU A 297 34.40 20.67 24.99
CA LEU A 297 35.43 21.03 25.95
C LEU A 297 36.15 22.30 25.51
N LEU A 298 36.32 23.24 26.44
CA LEU A 298 36.90 24.55 26.15
C LEU A 298 38.30 24.44 25.55
N GLU A 299 38.78 25.54 24.97
CA GLU A 299 40.09 25.54 24.30
C GLU A 299 41.24 25.32 25.28
N ASN A 300 41.03 25.63 26.55
CA ASN A 300 42.03 25.35 27.56
C ASN A 300 42.13 23.87 27.87
N GLY A 301 41.07 23.12 27.58
CA GLY A 301 40.99 21.74 28.05
C GLY A 301 40.70 21.70 29.54
N LYS A 302 40.41 20.52 30.08
CA LYS A 302 40.25 20.37 31.52
C LYS A 302 38.95 20.98 32.08
N THR A 303 38.37 21.94 31.36
CA THR A 303 37.09 22.53 31.77
C THR A 303 35.99 22.33 30.72
N CYS A 304 34.90 21.65 31.10
CA CYS A 304 33.78 21.37 30.20
C CYS A 304 32.84 22.55 30.19
N LYS A 305 32.29 22.87 29.04
CA LYS A 305 31.23 23.89 28.95
C LYS A 305 30.01 23.48 29.75
N ASP A 306 29.02 24.35 29.83
CA ASP A 306 27.79 23.94 30.46
C ASP A 306 26.82 23.40 29.43
N GLY A 307 26.55 22.10 29.52
CA GLY A 307 25.56 21.48 28.66
C GLY A 307 25.80 21.74 27.18
N ALA A 308 24.82 21.40 26.36
CA ALA A 308 24.98 21.62 24.93
C ALA A 308 24.49 23.01 24.58
N THR A 309 24.91 23.51 23.43
CA THR A 309 24.55 24.86 23.05
C THR A 309 23.28 24.84 22.21
N GLU A 310 23.35 24.17 21.07
CA GLU A 310 22.14 23.80 20.34
C GLU A 310 21.70 22.43 20.86
N LEU A 311 20.55 21.96 20.39
CA LEU A 311 19.97 20.75 20.93
C LEU A 311 18.76 20.40 20.08
N LEU A 312 18.66 19.12 19.69
CA LEU A 312 17.56 18.68 18.84
C LEU A 312 16.60 17.78 19.62
N LEU A 313 15.39 18.28 19.82
CA LEU A 313 14.43 17.67 20.71
C LEU A 313 13.49 16.79 19.89
N LEU A 314 13.32 15.54 20.31
CA LEU A 314 12.51 14.60 19.57
C LEU A 314 11.21 14.41 20.28
N ALA A 315 10.15 14.13 19.53
CA ALA A 315 8.94 13.58 20.13
C ALA A 315 8.60 12.22 19.51
N ARG A 316 8.81 11.12 20.22
CA ARG A 316 8.24 9.85 19.76
C ARG A 316 6.83 9.66 20.33
N ARG A 317 6.12 8.59 19.94
CA ARG A 317 4.75 8.33 20.41
C ARG A 317 4.69 8.39 21.93
N THR A 318 5.65 7.76 22.61
CA THR A 318 5.52 7.49 24.05
C THR A 318 6.72 7.98 24.86
N ASP A 319 7.62 8.71 24.23
CA ASP A 319 8.68 9.40 24.96
C ASP A 319 9.20 10.65 24.24
N LEU A 320 9.92 11.49 24.98
CA LEU A 320 10.60 12.63 24.38
C LEU A 320 12.06 12.30 24.47
N ARG A 321 12.88 12.90 23.62
CA ARG A 321 14.30 12.63 23.64
C ARG A 321 14.97 13.89 23.17
N ARG A 322 16.22 14.08 23.59
CA ARG A 322 17.05 15.14 23.05
C ARG A 322 18.34 14.55 22.46
N ILE A 323 18.65 14.93 21.22
CA ILE A 323 20.01 14.82 20.70
C ILE A 323 20.72 16.16 20.75
N SER A 324 21.94 16.18 21.26
CA SER A 324 22.77 17.38 21.19
C SER A 324 23.26 17.68 19.79
N LEU A 325 23.52 18.96 19.53
CA LEU A 325 24.05 19.39 18.25
C LEU A 325 25.46 19.97 18.37
N ASP A 326 26.07 19.83 19.55
CA ASP A 326 27.43 20.34 19.81
C ASP A 326 28.54 19.36 19.43
N THR A 327 28.20 18.10 19.21
CA THR A 327 29.20 17.05 19.03
C THR A 327 28.86 16.19 17.82
N PRO A 328 29.86 15.48 17.27
CA PRO A 328 29.75 14.63 16.08
C PRO A 328 28.93 13.35 16.30
N ASP A 329 28.89 12.87 17.54
CA ASP A 329 28.31 11.55 17.85
C ASP A 329 26.82 11.44 17.57
N PHE A 330 26.10 12.53 17.73
CA PHE A 330 24.70 12.57 17.35
C PHE A 330 23.87 11.51 18.00
N THR A 331 23.95 10.31 17.44
CA THR A 331 22.90 9.30 17.61
C THR A 331 22.69 9.02 19.11
N ASP A 332 23.44 9.74 19.93
CA ASP A 332 23.15 9.77 21.35
C ASP A 332 21.89 10.57 21.54
N ILE A 333 20.76 9.90 21.33
CA ILE A 333 19.50 10.33 21.88
C ILE A 333 19.62 10.11 23.39
N VAL A 334 18.83 10.82 24.18
CA VAL A 334 18.63 10.46 25.57
C VAL A 334 17.23 10.95 25.85
N LEU A 335 16.47 10.26 26.70
CA LEU A 335 15.06 10.62 26.87
C LEU A 335 14.68 10.89 28.30
N GLN A 336 13.37 10.86 28.59
CA GLN A 336 12.79 10.98 29.94
C GLN A 336 11.23 10.92 29.95
N LEU A 337 10.62 11.03 31.15
CA LEU A 337 9.17 11.30 31.37
C LEU A 337 8.25 10.09 31.60
N GLU A 338 7.03 10.35 32.07
CA GLU A 338 6.04 9.28 32.30
C GLU A 338 4.62 9.62 31.77
N ASP A 339 3.85 8.58 31.51
CA ASP A 339 2.50 8.78 31.01
C ASP A 339 2.38 9.58 29.72
N ILE A 340 3.34 9.43 28.83
CA ILE A 340 3.25 10.03 27.51
C ILE A 340 2.58 9.03 26.56
N ARG A 341 1.39 9.37 26.07
CA ARG A 341 0.62 8.40 25.31
C ARG A 341 0.91 8.51 23.84
N HIS A 342 0.55 9.65 23.26
CA HIS A 342 0.74 9.85 21.83
C HIS A 342 1.19 11.31 21.68
N ALA A 343 2.50 11.52 21.69
CA ALA A 343 3.03 12.87 21.50
C ALA A 343 2.95 13.27 20.04
N ILE A 344 2.68 14.56 19.81
CA ILE A 344 2.55 15.09 18.46
C ILE A 344 3.57 16.21 18.17
N ALA A 345 3.40 17.36 18.80
CA ALA A 345 4.19 18.54 18.46
C ALA A 345 5.07 18.92 19.63
N ILE A 346 6.22 19.53 19.33
CA ILE A 346 7.13 19.91 20.41
C ILE A 346 7.73 21.30 20.19
N ASP A 347 8.00 22.00 21.28
CA ASP A 347 8.71 23.28 21.22
C ASP A 347 9.38 23.59 22.54
N TYR A 348 10.17 24.66 22.58
CA TYR A 348 11.01 24.91 23.73
C TYR A 348 11.23 26.38 24.03
N ASP A 349 11.40 26.68 25.32
CA ASP A 349 11.64 28.04 25.75
C ASP A 349 12.99 28.15 26.46
N PRO A 350 13.99 28.70 25.75
CA PRO A 350 15.38 28.75 26.23
C PRO A 350 15.54 29.54 27.54
N VAL A 351 14.60 30.46 27.80
CA VAL A 351 14.71 31.34 28.96
C VAL A 351 14.51 30.56 30.25
N GLU A 352 13.43 29.78 30.31
CA GLU A 352 13.17 28.98 31.49
C GLU A 352 13.52 27.50 31.33
N GLY A 353 13.91 27.11 30.11
CA GLY A 353 14.30 25.74 29.87
C GLY A 353 13.17 24.73 29.98
N TYR A 354 11.95 25.17 29.71
CA TYR A 354 10.81 24.26 29.62
C TYR A 354 10.56 23.73 28.20
N ILE A 355 10.47 22.42 28.09
CA ILE A 355 10.03 21.79 26.86
C ILE A 355 8.50 21.80 26.88
N TYR A 356 7.87 22.17 25.78
CA TYR A 356 6.42 22.08 25.69
C TYR A 356 6.03 21.08 24.63
N TRP A 357 4.98 20.30 24.88
CA TRP A 357 4.59 19.29 23.91
C TRP A 357 3.12 18.93 24.00
N THR A 358 2.60 18.37 22.91
CA THR A 358 1.19 18.07 22.78
C THR A 358 1.02 16.56 22.72
N ASP A 359 -0.12 16.07 23.19
CA ASP A 359 -0.39 14.66 23.22
C ASP A 359 -1.85 14.60 22.90
N ASP A 360 -2.22 13.82 21.90
CA ASP A 360 -3.56 13.94 21.33
C ASP A 360 -4.46 12.73 21.57
N GLU A 361 -4.00 11.80 22.41
CA GLU A 361 -4.90 10.87 23.08
C GLU A 361 -5.26 11.39 24.44
N VAL A 362 -4.24 11.77 25.20
CA VAL A 362 -4.46 12.44 26.46
C VAL A 362 -5.23 13.74 26.23
N ARG A 363 -5.01 14.35 25.08
CA ARG A 363 -5.61 15.64 24.73
C ARG A 363 -5.18 16.75 25.62
N ALA A 364 -3.88 16.85 25.87
CA ALA A 364 -3.39 17.85 26.80
C ALA A 364 -2.06 18.47 26.36
N ILE A 365 -1.71 19.65 26.90
CA ILE A 365 -0.36 20.16 26.75
C ILE A 365 0.37 20.16 28.08
N ARG A 366 1.68 19.85 28.03
CA ARG A 366 2.51 19.66 29.22
C ARG A 366 3.89 20.25 29.00
N ARG A 367 4.61 20.47 30.09
CA ARG A 367 5.96 20.99 30.03
C ARG A 367 6.88 20.34 31.06
N SER A 368 8.18 20.35 30.78
CA SER A 368 9.14 19.65 31.62
C SER A 368 10.47 20.33 31.55
N PHE A 369 11.37 19.92 32.44
CA PHE A 369 12.74 20.38 32.43
C PHE A 369 13.62 19.36 31.75
N ILE A 370 13.26 18.89 30.57
CA ILE A 370 14.12 17.86 29.96
C ILE A 370 14.33 16.66 30.93
N ASP A 371 15.60 16.34 31.15
CA ASP A 371 15.90 15.39 32.21
C ASP A 371 15.75 16.18 33.52
N GLY A 372 14.49 16.53 33.78
CA GLY A 372 14.13 17.27 34.97
C GLY A 372 12.70 16.93 35.38
N SER A 373 12.43 17.03 36.68
CA SER A 373 11.10 16.79 37.23
C SER A 373 10.26 18.00 36.84
N GLY A 374 10.53 18.55 35.67
CA GLY A 374 9.84 19.75 35.27
C GLY A 374 8.33 19.55 35.34
N SER A 375 7.92 18.30 35.17
CA SER A 375 6.63 18.00 34.56
C SER A 375 5.40 18.57 35.26
N GLN A 376 4.84 19.61 34.64
CA GLN A 376 3.49 20.03 34.97
C GLN A 376 2.60 20.01 33.73
N PHE A 377 1.31 19.98 33.96
CA PHE A 377 0.34 20.17 32.92
C PHE A 377 0.19 21.67 32.63
N VAL A 378 -0.51 21.99 31.55
CA VAL A 378 -0.57 23.34 31.03
C VAL A 378 -1.96 23.62 30.51
N VAL A 379 -2.42 22.80 29.57
CA VAL A 379 -3.81 22.83 29.15
C VAL A 379 -4.30 21.41 29.28
N THR A 380 -5.58 21.24 29.64
CA THR A 380 -6.21 19.92 29.61
C THR A 380 -7.65 20.00 29.14
N ALA A 381 -8.19 21.21 29.02
CA ALA A 381 -9.61 21.39 28.65
C ALA A 381 -9.86 21.95 27.25
N GLN A 382 -10.94 21.47 26.63
CA GLN A 382 -11.35 21.86 25.28
C GLN A 382 -10.16 21.70 24.30
N ILE A 383 -9.67 20.47 24.16
CA ILE A 383 -8.62 20.16 23.19
C ILE A 383 -9.02 18.98 22.32
N ALA A 384 -8.63 19.01 21.05
CA ALA A 384 -8.82 17.86 20.20
C ALA A 384 -7.47 17.35 19.72
N HIS A 385 -7.03 17.78 18.53
CA HIS A 385 -5.76 17.29 18.01
C HIS A 385 -4.75 18.43 17.92
N PRO A 386 -4.00 18.66 19.00
CA PRO A 386 -3.00 19.73 19.02
C PRO A 386 -1.83 19.44 18.09
N ASP A 387 -2.06 19.58 16.78
CA ASP A 387 -1.09 19.12 15.80
C ASP A 387 0.10 20.06 15.63
N GLY A 388 0.18 21.07 16.49
CA GLY A 388 1.27 22.03 16.37
C GLY A 388 1.28 23.02 17.50
N ILE A 389 2.46 23.33 17.99
CA ILE A 389 2.56 24.25 19.10
C ILE A 389 3.76 25.15 18.90
N ALA A 390 3.65 26.39 19.38
CA ALA A 390 4.75 27.35 19.31
C ALA A 390 4.87 28.15 20.59
N VAL A 391 6.05 28.11 21.18
CA VAL A 391 6.42 29.04 22.22
C VAL A 391 6.75 30.44 21.68
N ASP A 392 6.03 31.44 22.18
CA ASP A 392 6.48 32.84 22.08
C ASP A 392 7.37 33.23 23.26
N TRP A 393 8.66 33.36 23.02
CA TRP A 393 9.63 33.48 24.11
C TRP A 393 9.84 34.91 24.59
N VAL A 394 9.06 35.84 24.07
CA VAL A 394 9.20 37.25 24.39
C VAL A 394 7.99 37.78 25.16
N ALA A 395 6.81 37.56 24.62
CA ALA A 395 5.59 37.94 25.31
C ALA A 395 5.25 36.91 26.39
N ARG A 396 5.97 35.78 26.37
CA ARG A 396 5.77 34.69 27.33
C ARG A 396 4.36 34.13 27.24
N ASN A 397 3.92 33.81 26.02
CA ASN A 397 2.63 33.14 25.78
C ASN A 397 2.85 31.85 24.99
N LEU A 398 1.87 30.94 25.04
CA LEU A 398 1.97 29.71 24.30
C LEU A 398 0.89 29.62 23.23
N TYR A 399 1.31 29.48 21.97
CA TYR A 399 0.35 29.27 20.87
C TYR A 399 0.23 27.78 20.57
N TRP A 400 -0.97 27.32 20.26
CA TRP A 400 -1.13 25.99 19.69
C TRP A 400 -2.32 25.93 18.75
N THR A 401 -2.22 25.11 17.71
CA THR A 401 -3.33 24.92 16.78
C THR A 401 -4.14 23.70 17.19
N ASP A 402 -5.31 23.52 16.59
CA ASP A 402 -6.10 22.31 16.84
C ASP A 402 -6.85 21.86 15.59
N THR A 403 -6.68 20.60 15.23
CA THR A 403 -7.30 20.03 14.04
C THR A 403 -8.78 19.67 14.24
N GLY A 404 -9.13 19.22 15.43
CA GLY A 404 -10.48 18.75 15.65
C GLY A 404 -11.49 19.88 15.80
N THR A 405 -11.02 21.02 16.26
CA THR A 405 -11.88 22.17 16.53
C THR A 405 -11.54 23.30 15.59
N ASP A 406 -10.56 23.07 14.73
CA ASP A 406 -10.20 24.07 13.73
C ASP A 406 -10.01 25.44 14.37
N ARG A 407 -9.08 25.55 15.32
CA ARG A 407 -8.82 26.82 16.00
C ARG A 407 -7.33 27.05 16.21
N ILE A 408 -6.96 28.32 16.38
CA ILE A 408 -5.66 28.62 16.96
C ILE A 408 -5.95 29.35 18.26
N GLU A 409 -5.20 29.03 19.30
CA GLU A 409 -5.49 29.59 20.60
C GLU A 409 -4.19 29.99 21.22
N VAL A 410 -4.23 31.00 22.08
CA VAL A 410 -3.06 31.45 22.84
C VAL A 410 -3.33 31.38 24.35
N THR A 411 -2.32 31.01 25.13
CA THR A 411 -2.38 31.17 26.57
C THR A 411 -1.02 31.65 27.00
N ARG A 412 -0.92 32.07 28.25
CA ARG A 412 0.37 32.33 28.84
C ARG A 412 1.01 30.95 28.97
N LEU A 413 2.32 30.89 29.11
CA LEU A 413 3.00 29.59 29.09
C LEU A 413 2.42 28.60 30.10
N ASN A 414 1.94 29.11 31.23
CA ASN A 414 1.37 28.28 32.29
C ASN A 414 -0.08 27.91 32.02
N GLY A 415 -0.56 28.17 30.81
CA GLY A 415 -1.89 27.71 30.43
C GLY A 415 -3.02 28.56 30.98
N THR A 416 -2.66 29.74 31.49
CA THR A 416 -3.62 30.72 32.00
C THR A 416 -4.09 31.64 30.87
N MET A 417 -5.30 32.17 30.99
CA MET A 417 -5.74 33.28 30.14
C MET A 417 -6.01 32.81 28.72
N ARG A 418 -6.73 31.71 28.59
CA ARG A 418 -6.90 31.11 27.27
C ARG A 418 -7.77 32.01 26.42
N LYS A 419 -7.42 32.14 25.14
CA LYS A 419 -8.15 33.02 24.22
C LYS A 419 -8.06 32.55 22.78
N ILE A 420 -9.21 32.34 22.15
CA ILE A 420 -9.24 31.86 20.78
C ILE A 420 -8.98 32.99 19.77
N LEU A 421 -7.85 32.91 19.07
CA LEU A 421 -7.49 33.92 18.08
C LEU A 421 -8.12 33.68 16.70
N ILE A 422 -8.13 32.42 16.25
CA ILE A 422 -8.64 32.07 14.93
C ILE A 422 -9.49 30.80 14.91
N SER A 423 -10.63 30.85 14.23
CA SER A 423 -11.54 29.71 14.17
C SER A 423 -12.28 29.60 12.83
N GLU A 424 -11.69 28.85 11.90
CA GLU A 424 -12.18 28.80 10.52
C GLU A 424 -13.12 27.62 10.29
N ASP A 425 -14.17 27.84 9.48
CA ASP A 425 -15.20 26.82 9.28
C ASP A 425 -14.66 25.70 8.39
N LEU A 426 -14.06 26.08 7.26
CA LEU A 426 -13.58 25.08 6.31
C LEU A 426 -12.20 24.58 6.73
N GLU A 427 -11.18 25.39 6.49
CA GLU A 427 -9.80 24.99 6.71
C GLU A 427 -9.56 24.71 8.19
N GLU A 428 -8.61 23.82 8.47
CA GLU A 428 -8.29 23.45 9.85
C GLU A 428 -6.78 23.49 10.15
N PRO A 429 -6.39 24.25 11.18
CA PRO A 429 -5.00 24.63 11.46
C PRO A 429 -4.14 23.44 11.88
N ARG A 430 -2.94 23.39 11.33
CA ARG A 430 -2.04 22.28 11.58
C ARG A 430 -0.76 22.77 12.22
N ALA A 431 0.19 23.19 11.40
CA ALA A 431 1.54 23.50 11.88
C ALA A 431 1.72 25.01 12.01
N ILE A 432 2.47 25.43 13.02
CA ILE A 432 2.54 26.85 13.37
C ILE A 432 3.91 27.32 13.82
N VAL A 433 4.32 28.47 13.30
CA VAL A 433 5.55 29.11 13.72
C VAL A 433 5.35 30.62 13.99
N LEU A 434 6.27 31.19 14.78
CA LEU A 434 6.15 32.55 15.31
C LEU A 434 7.32 33.45 14.94
N ASP A 435 7.06 34.74 14.90
CA ASP A 435 8.10 35.75 14.74
C ASP A 435 7.83 36.90 15.70
N PRO A 436 8.09 36.70 17.00
CA PRO A 436 7.72 37.67 18.03
C PRO A 436 8.33 39.05 17.80
N MET A 437 9.35 39.11 16.97
CA MET A 437 9.77 40.38 16.41
C MET A 437 9.13 40.46 15.03
N VAL A 438 8.77 41.66 14.59
CA VAL A 438 7.97 41.76 13.37
C VAL A 438 6.52 41.41 13.66
N GLY A 439 6.27 40.71 14.76
CA GLY A 439 4.89 40.46 15.20
C GLY A 439 4.02 39.63 14.26
N TYR A 440 4.60 38.62 13.62
CA TYR A 440 3.83 37.69 12.78
C TYR A 440 3.74 36.26 13.33
N MET A 441 2.61 35.61 13.09
CA MET A 441 2.48 34.17 13.33
C MET A 441 2.02 33.44 12.06
N TYR A 442 2.88 32.59 11.50
CA TYR A 442 2.54 31.85 10.29
C TYR A 442 2.10 30.44 10.66
N TRP A 443 1.21 29.88 9.86
CA TRP A 443 0.77 28.52 10.06
C TRP A 443 0.29 27.86 8.77
N THR A 444 0.57 26.57 8.62
CA THR A 444 -0.08 25.77 7.59
C THR A 444 -1.42 25.33 8.16
N ASP A 445 -2.41 25.20 7.30
CA ASP A 445 -3.59 24.43 7.65
C ASP A 445 -4.07 23.64 6.43
N TRP A 446 -4.69 22.49 6.70
CA TRP A 446 -5.18 21.59 5.68
C TRP A 446 -6.57 22.03 5.38
N GLY A 447 -7.33 21.18 4.68
CA GLY A 447 -8.71 21.49 4.41
C GLY A 447 -9.02 21.22 2.95
N GLU A 448 -10.23 21.58 2.52
CA GLU A 448 -10.61 21.44 1.12
C GLU A 448 -9.69 22.26 0.20
N ILE A 449 -9.31 23.44 0.63
CA ILE A 449 -8.29 24.21 -0.07
C ILE A 449 -7.11 24.44 0.85
N PRO A 450 -6.18 23.50 0.85
CA PRO A 450 -4.99 23.60 1.69
C PRO A 450 -4.12 24.79 1.30
N LYS A 451 -3.91 25.70 2.25
CA LYS A 451 -3.13 26.91 2.04
C LYS A 451 -2.11 27.10 3.16
N ILE A 452 -1.25 28.10 3.02
CA ILE A 452 -0.42 28.60 4.12
C ILE A 452 -0.73 30.07 4.43
N GLU A 453 -1.34 30.31 5.59
CA GLU A 453 -1.75 31.64 5.97
C GLU A 453 -0.71 32.31 6.85
N ARG A 454 -0.94 33.59 7.14
CA ARG A 454 -0.15 34.32 8.12
C ARG A 454 -1.04 35.33 8.80
N ALA A 455 -0.60 35.83 9.95
CA ALA A 455 -1.29 36.92 10.62
C ALA A 455 -0.37 37.54 11.64
N ALA A 456 -0.80 38.67 12.18
CA ALA A 456 -0.16 39.26 13.34
C ALA A 456 -0.31 38.30 14.51
N LEU A 457 0.39 38.58 15.60
CA LEU A 457 0.37 37.68 16.75
C LEU A 457 -0.93 37.66 17.56
N ASP A 458 -1.99 38.25 17.03
CA ASP A 458 -3.31 38.19 17.67
C ASP A 458 -4.40 37.78 16.67
N GLY A 459 -3.97 37.37 15.48
CA GLY A 459 -4.88 36.81 14.49
C GLY A 459 -5.50 37.86 13.58
N SER A 460 -5.04 39.10 13.73
CA SER A 460 -5.79 40.24 13.24
C SER A 460 -5.77 40.39 11.72
N ASP A 461 -4.57 40.38 11.14
CA ASP A 461 -4.42 40.73 9.74
C ASP A 461 -4.19 39.52 8.89
N ARG A 462 -5.23 38.70 8.74
CA ARG A 462 -5.08 37.45 8.00
C ARG A 462 -4.65 37.71 6.56
N VAL A 463 -3.51 37.15 6.20
CA VAL A 463 -3.05 37.15 4.81
C VAL A 463 -2.74 35.71 4.39
N VAL A 464 -3.30 35.27 3.26
CA VAL A 464 -3.05 33.93 2.74
C VAL A 464 -1.77 33.85 1.90
N LEU A 465 -0.67 33.46 2.52
CA LEU A 465 0.65 33.45 1.89
C LEU A 465 0.77 32.53 0.67
N VAL A 466 0.23 31.31 0.77
CA VAL A 466 0.34 30.34 -0.31
C VAL A 466 -0.98 29.62 -0.52
N ASN A 467 -1.28 29.31 -1.77
CA ASN A 467 -2.64 28.94 -2.11
C ASN A 467 -2.69 27.74 -3.04
N THR A 468 -1.72 27.68 -3.95
CA THR A 468 -1.78 26.74 -5.07
C THR A 468 -0.67 25.67 -5.07
N SER A 469 -1.00 24.51 -5.62
CA SER A 469 -0.07 23.37 -5.70
C SER A 469 0.39 22.88 -4.33
N LEU A 470 -0.55 22.88 -3.39
CA LEU A 470 -0.29 22.35 -2.06
C LEU A 470 -1.34 21.30 -1.70
N GLY A 471 -0.89 20.09 -1.37
CA GLY A 471 -1.82 19.05 -1.01
C GLY A 471 -2.08 18.99 0.49
N TRP A 472 -1.10 18.47 1.23
CA TRP A 472 -1.19 18.43 2.68
C TRP A 472 0.06 19.03 3.32
N PRO A 473 0.10 20.35 3.45
CA PRO A 473 1.30 21.00 3.99
C PRO A 473 1.59 20.56 5.43
N ASN A 474 2.84 20.18 5.68
CA ASN A 474 3.19 19.58 6.96
C ASN A 474 4.06 20.47 7.81
N GLY A 475 5.36 20.21 7.81
CA GLY A 475 6.25 20.98 8.65
C GLY A 475 6.26 22.43 8.19
N LEU A 476 6.85 23.29 9.02
CA LEU A 476 6.90 24.70 8.70
C LEU A 476 7.92 25.40 9.59
N ALA A 477 9.18 25.43 9.17
CA ALA A 477 10.23 26.12 9.91
C ALA A 477 10.38 27.57 9.48
N LEU A 478 11.21 28.32 10.20
CA LEU A 478 11.40 29.74 9.89
C LEU A 478 12.85 30.19 9.97
N ASP A 479 13.42 30.61 8.84
CA ASP A 479 14.76 31.19 8.85
C ASP A 479 14.65 32.70 9.06
N TYR A 480 15.10 33.15 10.23
CA TYR A 480 14.78 34.50 10.71
C TYR A 480 15.58 35.57 10.00
N ASP A 481 16.87 35.66 10.30
CA ASP A 481 17.64 36.74 9.72
C ASP A 481 18.02 36.38 8.27
N GLU A 482 17.11 35.72 7.57
CA GLU A 482 17.25 35.53 6.13
C GLU A 482 15.87 35.64 5.49
N GLY A 483 14.85 35.72 6.34
CA GLY A 483 13.53 36.11 5.87
C GLY A 483 12.88 35.12 4.93
N LYS A 484 13.35 33.88 4.97
CA LYS A 484 12.72 32.78 4.22
C LYS A 484 11.92 31.88 5.18
N ILE A 485 10.99 31.13 4.62
CA ILE A 485 10.11 30.29 5.41
C ILE A 485 9.94 28.91 4.77
N TYR A 486 10.57 27.90 5.38
CA TYR A 486 10.61 26.55 4.81
C TYR A 486 9.42 25.73 5.26
N TRP A 487 8.87 24.92 4.34
CA TRP A 487 7.76 24.02 4.69
C TRP A 487 7.79 22.71 3.90
N GLY A 488 6.89 21.78 4.25
CA GLY A 488 6.74 20.56 3.48
C GLY A 488 5.29 20.30 3.09
N ASP A 489 5.07 19.29 2.24
CA ASP A 489 3.70 18.87 1.95
C ASP A 489 3.62 17.38 1.63
N ALA A 490 2.87 16.66 2.44
CA ALA A 490 2.83 15.20 2.38
C ALA A 490 2.30 14.71 1.05
N LYS A 491 1.30 15.40 0.52
CA LYS A 491 0.66 14.94 -0.70
C LYS A 491 1.58 15.05 -1.92
N THR A 492 2.25 16.20 -2.04
CA THR A 492 3.06 16.51 -3.22
C THR A 492 4.48 15.98 -3.10
N ASP A 493 4.92 15.76 -1.86
CA ASP A 493 6.19 15.10 -1.56
C ASP A 493 7.38 15.94 -1.95
N LYS A 494 7.32 17.23 -1.65
CA LYS A 494 8.46 18.11 -1.92
C LYS A 494 8.60 19.24 -0.92
N ILE A 495 9.84 19.44 -0.44
CA ILE A 495 10.14 20.52 0.49
C ILE A 495 10.43 21.81 -0.26
N GLU A 496 9.60 22.84 -0.05
CA GLU A 496 9.73 24.10 -0.78
C GLU A 496 10.22 25.23 0.11
N VAL A 497 10.62 26.35 -0.49
CA VAL A 497 11.05 27.50 0.27
C VAL A 497 10.34 28.75 -0.22
N MET A 498 10.57 29.88 0.43
CA MET A 498 9.79 31.06 0.15
C MET A 498 10.37 32.33 0.76
N ASN A 499 9.99 33.46 0.19
CA ASN A 499 10.26 34.75 0.80
C ASN A 499 9.25 34.97 1.91
N THR A 500 9.65 35.75 2.92
CA THR A 500 8.84 35.98 4.09
C THR A 500 7.47 36.55 3.74
N ASP A 501 7.35 37.08 2.53
CA ASP A 501 6.09 37.63 2.03
C ASP A 501 5.41 36.77 0.96
N GLY A 502 5.99 35.61 0.67
CA GLY A 502 5.28 34.64 -0.15
C GLY A 502 5.58 34.74 -1.63
N THR A 503 6.84 34.96 -1.95
CA THR A 503 7.25 35.32 -3.30
C THR A 503 8.47 34.55 -3.81
N GLY A 504 9.47 34.36 -2.99
CA GLY A 504 10.69 33.72 -3.46
C GLY A 504 10.53 32.23 -3.73
N ARG A 505 9.31 31.79 -3.96
CA ARG A 505 8.96 30.37 -3.85
C ARG A 505 9.78 29.47 -4.75
N ARG A 506 9.96 28.22 -4.33
CA ARG A 506 10.62 27.23 -5.15
C ARG A 506 10.76 25.90 -4.39
N VAL A 507 10.65 24.79 -5.13
CA VAL A 507 11.02 23.49 -4.60
C VAL A 507 12.49 23.53 -4.19
N LEU A 508 12.82 22.99 -3.02
CA LEU A 508 14.22 22.87 -2.65
C LEU A 508 14.66 21.45 -2.99
N VAL A 509 14.08 20.46 -2.33
CA VAL A 509 14.29 19.06 -2.73
C VAL A 509 12.98 18.28 -2.77
N GLU A 510 12.99 17.17 -3.52
CA GLU A 510 11.87 16.25 -3.45
C GLU A 510 12.10 15.29 -2.30
N ASP A 511 11.01 14.79 -1.73
CA ASP A 511 11.10 13.91 -0.57
C ASP A 511 9.78 13.21 -0.28
N LYS A 512 9.88 11.94 0.10
CA LYS A 512 8.71 11.16 0.48
C LYS A 512 8.44 11.50 1.94
N ILE A 513 7.31 12.15 2.18
CA ILE A 513 7.06 12.80 3.45
C ILE A 513 5.94 12.15 4.23
N PRO A 514 6.20 11.81 5.50
CA PRO A 514 5.17 11.23 6.37
C PRO A 514 4.04 12.22 6.71
N HIS A 515 2.85 11.70 6.96
CA HIS A 515 1.72 12.52 7.36
C HIS A 515 1.95 13.27 8.67
N ILE A 516 2.54 12.59 9.66
CA ILE A 516 2.96 13.28 10.87
C ILE A 516 4.45 13.57 10.76
N PHE A 517 4.79 14.85 10.70
CA PHE A 517 6.08 15.24 10.16
C PHE A 517 6.87 16.15 11.09
N GLY A 518 8.10 15.76 11.38
CA GLY A 518 8.98 16.57 12.20
C GLY A 518 9.93 17.35 11.32
N PHE A 519 10.10 18.64 11.60
CA PHE A 519 10.63 19.56 10.61
C PHE A 519 11.00 20.89 11.27
N THR A 520 12.30 21.14 11.38
CA THR A 520 12.75 22.34 12.07
C THR A 520 14.08 22.86 11.52
N LEU A 521 14.40 24.11 11.81
CA LEU A 521 15.58 24.73 11.23
C LEU A 521 16.42 25.32 12.33
N LEU A 522 17.73 25.30 12.15
CA LEU A 522 18.59 25.95 13.10
C LEU A 522 20.01 25.95 12.58
N GLY A 523 20.50 27.15 12.25
CA GLY A 523 21.88 27.34 11.82
C GLY A 523 22.32 26.73 10.49
N ASP A 524 21.69 27.14 9.39
CA ASP A 524 22.05 26.64 8.05
C ASP A 524 21.50 25.24 7.75
N TYR A 525 21.21 24.50 8.82
CA TYR A 525 20.68 23.13 8.75
C TYR A 525 19.19 23.02 8.98
N VAL A 526 18.57 22.09 8.26
CA VAL A 526 17.18 21.70 8.46
C VAL A 526 17.16 20.25 8.92
N TYR A 527 16.26 19.89 9.84
CA TYR A 527 16.12 18.50 10.27
C TYR A 527 14.70 18.00 10.05
N TRP A 528 14.54 16.89 9.35
CA TRP A 528 13.21 16.29 9.26
C TRP A 528 13.24 14.79 9.46
N THR A 529 12.06 14.19 9.52
CA THR A 529 11.97 12.76 9.73
C THR A 529 11.67 12.11 8.39
N ASP A 530 12.08 10.86 8.23
CA ASP A 530 11.93 10.18 6.96
C ASP A 530 10.50 9.67 6.81
N TRP A 531 10.27 8.92 5.75
CA TRP A 531 8.93 8.43 5.45
C TRP A 531 8.49 7.36 6.46
N GLN A 532 9.47 6.64 7.01
CA GLN A 532 9.18 5.53 7.90
C GLN A 532 9.32 5.96 9.38
N ARG A 533 9.67 7.22 9.58
CA ARG A 533 9.73 7.79 10.92
C ARG A 533 10.66 7.01 11.83
N ARG A 534 11.72 6.44 11.25
CA ARG A 534 12.72 5.72 12.03
C ARG A 534 14.07 6.37 11.87
N SER A 535 14.10 7.50 11.18
CA SER A 535 15.36 8.19 10.93
C SER A 535 15.21 9.70 10.77
N ILE A 536 16.28 10.43 11.08
CA ILE A 536 16.27 11.88 10.94
C ILE A 536 17.40 12.36 10.02
N GLU A 537 17.03 13.22 9.07
CA GLU A 537 17.99 13.79 8.14
C GLU A 537 18.41 15.19 8.52
N ARG A 538 19.68 15.49 8.30
CA ARG A 538 20.17 16.85 8.41
C ARG A 538 20.45 17.33 7.01
N VAL A 539 19.84 18.44 6.64
CA VAL A 539 20.01 19.02 5.31
C VAL A 539 20.55 20.45 5.38
N HIS A 540 21.49 20.79 4.49
CA HIS A 540 21.91 22.18 4.27
C HIS A 540 20.78 22.93 3.56
N LYS A 541 20.28 23.99 4.17
CA LYS A 541 19.29 24.86 3.53
C LYS A 541 19.99 25.73 2.49
N ARG A 542 21.21 26.16 2.82
CA ARG A 542 22.13 26.74 1.85
C ARG A 542 23.22 25.73 1.51
N SER A 543 22.87 24.88 0.53
CA SER A 543 23.73 23.90 -0.11
C SER A 543 22.95 22.65 -0.58
N ALA A 544 21.74 22.47 -0.03
CA ALA A 544 20.76 21.48 -0.53
C ALA A 544 21.02 20.00 -0.19
N GLU A 545 22.22 19.69 0.29
CA GLU A 545 22.66 18.30 0.43
C GLU A 545 22.21 17.67 1.75
N ARG A 546 21.91 16.37 1.67
CA ARG A 546 21.31 15.64 2.78
C ARG A 546 22.31 14.82 3.56
N GLU A 547 21.85 14.31 4.69
CA GLU A 547 22.62 13.41 5.55
C GLU A 547 21.68 12.84 6.63
N VAL A 548 22.07 11.71 7.20
CA VAL A 548 21.22 10.97 8.14
C VAL A 548 21.97 10.83 9.45
N ILE A 549 21.50 11.51 10.48
CA ILE A 549 22.22 11.56 11.74
C ILE A 549 21.83 10.44 12.69
N ILE A 550 20.67 9.82 12.44
CA ILE A 550 20.20 8.77 13.31
C ILE A 550 19.06 7.99 12.68
N ASP A 551 19.21 6.67 12.66
CA ASP A 551 18.17 5.75 12.18
C ASP A 551 17.74 4.79 13.26
N GLN A 552 16.89 3.84 12.89
CA GLN A 552 16.44 2.81 13.81
C GLN A 552 15.79 3.45 15.04
N LEU A 553 15.10 4.57 14.84
CA LEU A 553 14.35 5.19 15.93
C LEU A 553 12.92 5.39 15.48
N PRO A 554 12.09 4.36 15.66
CA PRO A 554 10.68 4.33 15.20
C PRO A 554 9.79 5.35 15.89
N ASP A 555 8.65 5.58 15.28
CA ASP A 555 7.58 6.39 15.86
C ASP A 555 8.01 7.84 16.11
N LEU A 556 9.02 8.33 15.38
CA LEU A 556 9.33 9.76 15.44
C LEU A 556 8.10 10.57 15.02
N MET A 557 7.68 11.54 15.83
CA MET A 557 6.54 12.36 15.47
C MET A 557 6.91 13.81 15.13
N GLY A 558 7.57 14.50 16.05
CA GLY A 558 7.86 15.90 15.84
C GLY A 558 9.21 16.32 16.39
N LEU A 559 9.85 17.26 15.71
CA LEU A 559 11.21 17.69 16.09
C LEU A 559 11.23 19.18 16.37
N LYS A 560 12.22 19.61 17.13
CA LYS A 560 12.47 21.02 17.35
C LYS A 560 13.96 21.21 17.58
N ALA A 561 14.63 21.93 16.69
CA ALA A 561 16.02 22.28 16.89
C ALA A 561 16.04 23.66 17.52
N THR A 562 16.89 23.84 18.53
CA THR A 562 16.77 25.00 19.39
C THR A 562 18.07 25.21 20.10
N ASN A 563 18.43 26.48 20.30
CA ASN A 563 19.49 26.83 21.25
C ASN A 563 18.99 26.51 22.65
N VAL A 564 19.90 26.21 23.58
CA VAL A 564 19.53 26.16 24.98
C VAL A 564 19.94 27.50 25.60
N HIS A 565 19.08 28.10 26.43
CA HIS A 565 19.36 29.43 27.00
C HIS A 565 19.30 30.57 25.97
N ARG A 566 20.03 30.43 24.86
CA ARG A 566 20.18 31.53 23.89
C ARG A 566 18.85 31.99 23.31
N VAL A 567 18.64 33.30 23.32
CA VAL A 567 17.38 33.88 22.86
C VAL A 567 17.64 35.09 21.99
N ILE A 568 16.70 35.38 21.09
CA ILE A 568 16.92 36.36 20.05
C ILE A 568 15.65 37.10 19.71
N GLY A 569 15.77 38.43 19.55
CA GLY A 569 14.63 39.23 19.14
C GLY A 569 13.92 39.80 20.35
N SER A 570 13.02 40.76 20.14
CA SER A 570 12.25 41.35 21.23
C SER A 570 11.22 42.35 20.71
N ASN A 571 10.33 42.77 21.60
CA ASN A 571 9.32 43.79 21.28
C ASN A 571 8.71 44.32 22.59
N PRO A 572 7.96 45.44 22.54
CA PRO A 572 7.52 46.11 23.76
C PRO A 572 6.69 45.29 24.75
N CYS A 573 6.19 44.14 24.28
CA CYS A 573 5.49 43.23 25.18
C CYS A 573 6.44 42.73 26.29
N ALA A 574 7.74 42.71 25.99
CA ALA A 574 8.71 42.24 26.96
C ALA A 574 8.83 43.24 28.09
N GLU A 575 8.23 44.42 27.91
CA GLU A 575 8.24 45.45 28.93
C GLU A 575 7.01 45.32 29.82
N GLU A 576 7.16 44.64 30.96
CA GLU A 576 6.04 44.46 31.86
C GLU A 576 4.76 44.10 31.10
N ASN A 577 4.88 43.20 30.12
CA ASN A 577 3.72 42.63 29.43
C ASN A 577 2.93 43.68 28.66
N GLY A 578 3.63 44.68 28.13
CA GLY A 578 2.98 45.71 27.33
C GLY A 578 2.09 46.67 28.13
N GLY A 579 1.96 46.42 29.42
CA GLY A 579 1.09 47.23 30.24
C GLY A 579 -0.28 46.59 30.33
N CYS A 580 -0.42 45.45 29.68
CA CYS A 580 -1.69 44.74 29.67
C CYS A 580 -1.78 43.85 30.89
N SER A 581 -2.96 43.75 31.48
CA SER A 581 -3.15 43.05 32.75
C SER A 581 -3.24 41.53 32.57
N HIS A 582 -3.41 41.09 31.32
CA HIS A 582 -3.65 39.68 31.02
C HIS A 582 -2.85 39.23 29.81
N LEU A 583 -3.44 39.36 28.63
CA LEU A 583 -2.76 38.98 27.40
C LEU A 583 -2.22 40.18 26.63
N CYS A 584 -0.95 40.14 26.31
CA CYS A 584 -0.32 41.15 25.46
C CYS A 584 0.13 40.56 24.13
N LEU A 585 -0.50 40.98 23.03
CA LEU A 585 -0.25 40.38 21.72
C LEU A 585 0.34 41.36 20.70
N TYR A 586 1.59 41.13 20.34
CA TYR A 586 2.34 42.07 19.50
C TYR A 586 1.86 42.08 18.05
N ARG A 587 1.89 43.26 17.43
CA ARG A 587 1.53 43.44 16.02
C ARG A 587 2.53 44.36 15.37
N PRO A 588 2.56 44.40 14.03
CA PRO A 588 3.49 45.24 13.27
C PRO A 588 3.30 46.72 13.62
N GLN A 589 2.05 47.18 13.52
CA GLN A 589 1.71 48.49 14.05
C GLN A 589 2.12 48.63 15.53
N GLY A 590 1.61 47.77 16.38
CA GLY A 590 1.99 47.83 17.78
C GLY A 590 1.12 46.91 18.61
N LEU A 591 1.59 46.60 19.82
CA LEU A 591 0.94 45.56 20.61
C LEU A 591 -0.53 45.89 20.87
N ARG A 592 -1.34 44.86 21.08
CA ARG A 592 -2.72 45.05 21.50
C ARG A 592 -2.97 44.15 22.70
N CYS A 593 -3.64 44.66 23.72
CA CYS A 593 -3.94 43.85 24.90
C CYS A 593 -5.26 43.11 24.76
N ALA A 594 -5.33 41.91 25.31
CA ALA A 594 -6.53 41.11 25.15
C ALA A 594 -6.93 40.44 26.45
N CYS A 595 -8.05 39.72 26.41
CA CYS A 595 -8.60 39.17 27.63
C CYS A 595 -9.08 37.73 27.49
N PRO A 596 -9.03 36.98 28.59
CA PRO A 596 -9.62 35.65 28.66
C PRO A 596 -11.12 35.70 28.44
N ILE A 597 -11.71 34.55 28.16
CA ILE A 597 -13.12 34.50 27.79
C ILE A 597 -13.98 35.00 28.95
N GLY A 598 -14.93 35.87 28.63
CA GLY A 598 -15.86 36.37 29.63
C GLY A 598 -15.47 37.74 30.15
N PHE A 599 -14.20 38.09 30.00
CA PHE A 599 -13.71 39.38 30.48
C PHE A 599 -14.01 40.51 29.52
N GLU A 600 -13.66 41.72 29.96
CA GLU A 600 -13.91 42.93 29.19
C GLU A 600 -12.73 43.89 29.27
N LEU A 601 -12.30 44.40 28.11
CA LEU A 601 -11.25 45.43 28.08
C LEU A 601 -11.83 46.81 28.36
N ILE A 602 -11.28 47.49 29.35
CA ILE A 602 -11.73 48.83 29.70
C ILE A 602 -11.08 49.82 28.75
N SER A 603 -11.54 51.05 28.77
CA SER A 603 -11.07 52.06 27.83
C SER A 603 -9.59 52.38 27.96
N ASP A 604 -8.95 51.92 29.04
CA ASP A 604 -7.48 51.91 29.10
C ASP A 604 -6.90 51.29 27.83
N MET A 605 -7.64 50.34 27.25
CA MET A 605 -7.09 49.49 26.21
C MET A 605 -5.92 48.68 26.80
N LYS A 606 -5.92 48.58 28.14
CA LYS A 606 -4.85 47.91 28.85
C LYS A 606 -5.36 46.93 29.90
N THR A 607 -6.61 47.08 30.31
CA THR A 607 -7.06 46.36 31.48
C THR A 607 -8.32 45.54 31.26
N CYS A 608 -8.39 44.37 31.88
CA CYS A 608 -9.59 43.56 31.79
C CYS A 608 -10.28 43.40 33.14
N ILE A 609 -11.61 43.39 33.13
CA ILE A 609 -12.38 43.07 34.32
C ILE A 609 -13.57 42.18 33.96
N VAL A 610 -14.18 41.57 34.97
CA VAL A 610 -15.39 40.79 34.75
C VAL A 610 -16.61 41.67 34.94
N PRO A 611 -17.45 41.82 33.89
CA PRO A 611 -18.58 42.74 33.92
C PRO A 611 -19.69 42.34 34.88
N GLU B 1 -48.75 15.61 -9.06
CA GLU B 1 -47.87 16.69 -9.48
C GLU B 1 -46.53 16.19 -9.97
N ALA B 2 -45.91 16.95 -10.86
CA ALA B 2 -44.57 16.64 -11.33
C ALA B 2 -43.56 16.97 -10.25
N PHE B 3 -42.71 16.01 -9.91
CA PHE B 3 -41.65 16.25 -8.94
C PHE B 3 -40.28 15.88 -9.51
N LEU B 4 -39.23 16.32 -8.82
CA LEU B 4 -37.88 16.18 -9.33
C LEU B 4 -37.11 15.06 -8.62
N LEU B 5 -36.54 14.15 -9.40
CA LEU B 5 -35.70 13.08 -8.87
C LEU B 5 -34.27 13.29 -9.31
N PHE B 6 -33.32 13.02 -8.43
CA PHE B 6 -31.91 13.13 -8.79
C PHE B 6 -31.02 12.14 -8.02
N SER B 7 -30.00 11.63 -8.68
CA SER B 7 -29.06 10.71 -8.05
C SER B 7 -27.96 11.51 -7.36
N ARG B 8 -27.42 10.95 -6.29
CA ARG B 8 -26.39 11.65 -5.52
C ARG B 8 -25.50 10.69 -4.75
N ARG B 9 -24.66 9.97 -5.49
CA ARG B 9 -23.71 9.04 -4.92
C ARG B 9 -24.36 7.95 -4.08
N ALA B 10 -24.38 8.14 -2.77
CA ALA B 10 -24.89 7.11 -1.86
C ALA B 10 -26.41 6.98 -1.87
N ASP B 11 -27.10 8.01 -2.36
CA ASP B 11 -28.56 8.00 -2.34
C ASP B 11 -29.23 8.72 -3.51
N ILE B 12 -30.50 8.39 -3.72
CA ILE B 12 -31.33 9.04 -4.73
C ILE B 12 -32.47 9.76 -4.02
N ARG B 13 -32.69 11.03 -4.36
CA ARG B 13 -33.62 11.88 -3.62
C ARG B 13 -34.70 12.51 -4.47
N ARG B 14 -35.78 12.97 -3.84
CA ARG B 14 -36.85 13.67 -4.56
C ARG B 14 -37.15 15.03 -3.93
N ILE B 15 -37.40 16.01 -4.80
CA ILE B 15 -37.76 17.36 -4.37
C ILE B 15 -38.89 17.88 -5.26
N SER B 16 -39.51 18.98 -4.83
CA SER B 16 -40.56 19.61 -5.63
C SER B 16 -39.98 20.70 -6.51
N LEU B 17 -40.82 21.27 -7.38
CA LEU B 17 -40.38 22.34 -8.26
C LEU B 17 -40.20 23.65 -7.50
N GLU B 18 -40.56 23.62 -6.22
CA GLU B 18 -40.53 24.82 -5.38
C GLU B 18 -39.16 25.09 -4.78
N THR B 19 -38.81 26.38 -4.71
CA THR B 19 -37.54 26.81 -4.16
C THR B 19 -37.42 26.50 -2.67
N ASN B 20 -36.33 25.86 -2.28
CA ASN B 20 -36.03 25.56 -0.88
C ASN B 20 -37.00 24.58 -0.21
N ASN B 21 -37.78 23.87 -1.03
CA ASN B 21 -38.76 22.93 -0.51
C ASN B 21 -38.08 21.67 0.03
N ASN B 22 -38.86 20.80 0.66
CA ASN B 22 -38.33 19.60 1.31
C ASN B 22 -37.56 18.65 0.37
N ASN B 23 -36.52 18.03 0.92
CA ASN B 23 -35.61 17.19 0.16
C ASN B 23 -35.46 15.82 0.84
N VAL B 24 -36.09 14.80 0.28
CA VAL B 24 -36.15 13.49 0.92
C VAL B 24 -35.47 12.38 0.10
N ALA B 25 -34.76 11.49 0.80
CA ALA B 25 -34.09 10.37 0.14
C ALA B 25 -35.01 9.17 -0.02
N ILE B 26 -34.98 8.56 -1.20
CA ILE B 26 -35.71 7.33 -1.46
C ILE B 26 -35.12 6.20 -0.64
N PRO B 27 -35.94 5.55 0.20
CA PRO B 27 -35.47 4.48 1.09
C PRO B 27 -34.90 3.27 0.35
N LEU B 28 -33.65 3.38 -0.08
CA LEU B 28 -32.98 2.29 -0.79
C LEU B 28 -31.87 1.69 0.07
N THR B 29 -31.38 0.52 -0.33
CA THR B 29 -30.36 -0.18 0.44
C THR B 29 -29.17 -0.63 -0.42
N GLY B 30 -27.98 -0.49 0.13
CA GLY B 30 -26.78 -1.00 -0.52
C GLY B 30 -26.34 -0.21 -1.73
N VAL B 31 -26.80 1.04 -1.83
CA VAL B 31 -26.38 1.91 -2.92
C VAL B 31 -25.03 2.53 -2.58
N LYS B 32 -24.05 2.32 -3.47
CA LYS B 32 -22.71 2.82 -3.24
C LYS B 32 -22.44 4.10 -4.02
N GLU B 33 -22.62 4.06 -5.34
CA GLU B 33 -22.35 5.22 -6.18
C GLU B 33 -23.34 5.30 -7.35
N ALA B 34 -24.52 5.85 -7.09
CA ALA B 34 -25.55 5.98 -8.11
C ALA B 34 -25.16 7.05 -9.12
N SER B 35 -25.33 6.74 -10.40
CA SER B 35 -25.01 7.71 -11.44
C SER B 35 -26.21 7.94 -12.36
N ALA B 36 -26.34 7.14 -13.41
CA ALA B 36 -27.43 7.32 -14.37
C ALA B 36 -28.77 7.01 -13.71
N LEU B 37 -29.80 7.73 -14.12
CA LEU B 37 -31.09 7.62 -13.46
C LEU B 37 -32.25 7.80 -14.45
N ASP B 38 -33.23 6.90 -14.36
CA ASP B 38 -34.47 7.04 -15.14
C ASP B 38 -35.64 6.46 -14.35
N PHE B 39 -36.81 6.37 -15.00
CA PHE B 39 -38.00 5.91 -14.29
C PHE B 39 -39.06 5.31 -15.20
N ASP B 40 -40.08 4.72 -14.58
CA ASP B 40 -41.21 4.14 -15.27
C ASP B 40 -42.49 4.47 -14.51
N VAL B 41 -43.07 5.62 -14.82
CA VAL B 41 -44.23 6.14 -14.08
C VAL B 41 -45.40 5.16 -14.03
N THR B 42 -45.65 4.47 -15.14
CA THR B 42 -46.77 3.53 -15.22
C THR B 42 -46.60 2.37 -14.24
N ASP B 43 -45.35 2.03 -13.95
CA ASP B 43 -45.05 0.93 -13.05
C ASP B 43 -44.63 1.45 -11.68
N ASN B 44 -44.53 2.78 -11.58
CA ASN B 44 -44.08 3.44 -10.35
C ASN B 44 -42.72 2.92 -9.91
N ARG B 45 -41.76 2.95 -10.82
CA ARG B 45 -40.46 2.35 -10.58
C ARG B 45 -39.32 3.30 -10.95
N ILE B 46 -38.20 3.19 -10.24
CA ILE B 46 -37.01 3.93 -10.61
C ILE B 46 -35.86 2.99 -10.95
N TYR B 47 -35.11 3.35 -11.98
CA TYR B 47 -33.92 2.60 -12.39
C TYR B 47 -32.69 3.49 -12.21
N TRP B 48 -31.61 2.91 -11.72
CA TRP B 48 -30.37 3.66 -11.58
C TRP B 48 -29.14 2.76 -11.76
N THR B 49 -28.05 3.36 -12.22
CA THR B 49 -26.80 2.62 -12.38
C THR B 49 -25.87 2.94 -11.23
N ASP B 50 -25.03 1.97 -10.86
CA ASP B 50 -24.07 2.17 -9.79
C ASP B 50 -22.68 1.83 -10.33
N ILE B 51 -21.85 2.86 -10.48
CA ILE B 51 -20.56 2.68 -11.12
C ILE B 51 -19.49 2.13 -10.17
N SER B 52 -19.89 1.91 -8.92
CA SER B 52 -19.02 1.28 -7.95
C SER B 52 -19.38 -0.20 -7.84
N LEU B 53 -20.68 -0.48 -7.80
CA LEU B 53 -21.17 -1.85 -7.80
C LEU B 53 -21.09 -2.49 -9.18
N LYS B 54 -20.97 -1.65 -10.20
CA LYS B 54 -20.96 -2.12 -11.58
C LYS B 54 -22.27 -2.87 -11.86
N THR B 55 -23.38 -2.21 -11.60
CA THR B 55 -24.71 -2.81 -11.78
C THR B 55 -25.76 -1.79 -12.23
N ILE B 56 -26.89 -2.31 -12.70
CA ILE B 56 -28.07 -1.50 -12.95
C ILE B 56 -29.21 -2.08 -12.13
N SER B 57 -29.84 -1.24 -11.31
CA SER B 57 -30.85 -1.69 -10.36
C SER B 57 -32.19 -0.98 -10.52
N ARG B 58 -33.22 -1.53 -9.89
CA ARG B 58 -34.55 -0.93 -9.93
C ARG B 58 -35.31 -1.24 -8.65
N ALA B 59 -36.30 -0.42 -8.35
CA ALA B 59 -37.16 -0.60 -7.19
C ALA B 59 -38.35 0.33 -7.29
N PHE B 60 -39.38 0.08 -6.48
CA PHE B 60 -40.53 0.98 -6.44
C PHE B 60 -40.18 2.24 -5.65
N MET B 61 -40.98 3.28 -5.82
CA MET B 61 -40.76 4.54 -5.11
C MET B 61 -40.79 4.34 -3.60
N ASN B 62 -41.47 3.29 -3.16
CA ASN B 62 -41.51 2.98 -1.73
C ASN B 62 -40.29 2.15 -1.28
N GLY B 63 -39.27 2.11 -2.12
CA GLY B 63 -38.03 1.44 -1.82
C GLY B 63 -38.10 -0.08 -1.91
N SER B 64 -39.31 -0.61 -2.02
CA SER B 64 -39.52 -2.04 -2.01
C SER B 64 -39.08 -2.66 -3.33
N ALA B 65 -38.88 -3.97 -3.33
CA ALA B 65 -38.55 -4.74 -4.52
C ALA B 65 -37.19 -4.38 -5.12
N LEU B 66 -36.22 -4.04 -4.25
CA LEU B 66 -34.88 -3.73 -4.69
C LEU B 66 -34.26 -4.94 -5.38
N GLU B 67 -34.02 -4.81 -6.69
CA GLU B 67 -33.43 -5.90 -7.44
C GLU B 67 -32.40 -5.39 -8.45
N HIS B 68 -31.38 -6.21 -8.70
CA HIS B 68 -30.37 -5.89 -9.70
C HIS B 68 -30.79 -6.49 -11.04
N VAL B 69 -30.81 -5.65 -12.06
CA VAL B 69 -31.31 -6.04 -13.38
C VAL B 69 -30.17 -6.41 -14.33
N VAL B 70 -29.03 -5.74 -14.16
CA VAL B 70 -27.81 -6.05 -14.88
C VAL B 70 -26.65 -6.01 -13.90
N GLU B 71 -25.91 -7.11 -13.77
CA GLU B 71 -24.79 -7.15 -12.84
C GLU B 71 -23.52 -7.77 -13.42
N PHE B 72 -23.54 -8.04 -14.72
CA PHE B 72 -22.36 -8.57 -15.40
C PHE B 72 -21.93 -7.67 -16.57
N GLY B 73 -20.66 -7.78 -16.95
CA GLY B 73 -20.15 -7.11 -18.13
C GLY B 73 -20.34 -5.61 -18.14
N LEU B 74 -20.25 -5.01 -16.96
CA LEU B 74 -20.32 -3.55 -16.84
C LEU B 74 -19.00 -3.00 -16.29
N ASP B 75 -18.62 -1.83 -16.78
CA ASP B 75 -17.40 -1.18 -16.35
C ASP B 75 -17.77 0.19 -15.80
N TYR B 76 -18.38 1.02 -16.66
CA TYR B 76 -18.85 2.33 -16.25
C TYR B 76 -20.18 2.67 -16.95
N PRO B 77 -21.29 2.16 -16.40
CA PRO B 77 -22.64 2.38 -16.94
C PRO B 77 -23.08 3.83 -16.75
N GLU B 78 -22.38 4.76 -17.40
CA GLU B 78 -22.64 6.18 -17.19
C GLU B 78 -23.97 6.64 -17.80
N GLY B 79 -24.44 5.91 -18.81
CA GLY B 79 -25.68 6.26 -19.48
C GLY B 79 -26.73 5.15 -19.43
N MET B 80 -27.99 5.54 -19.24
CA MET B 80 -29.06 4.57 -19.07
C MET B 80 -30.44 5.20 -19.21
N ALA B 81 -31.30 4.55 -19.98
CA ALA B 81 -32.62 5.09 -20.27
C ALA B 81 -33.70 4.01 -20.35
N VAL B 82 -34.93 4.40 -20.02
CA VAL B 82 -36.05 3.48 -20.01
C VAL B 82 -36.97 3.67 -21.21
N ASP B 83 -37.26 2.58 -21.90
CA ASP B 83 -38.20 2.59 -23.02
C ASP B 83 -39.58 2.17 -22.50
N TRP B 84 -40.36 3.14 -22.04
CA TRP B 84 -41.62 2.86 -21.35
C TRP B 84 -42.67 2.23 -22.25
N LEU B 85 -42.46 2.28 -23.55
CA LEU B 85 -43.41 1.72 -24.52
C LEU B 85 -43.15 0.24 -24.79
N GLY B 86 -41.96 -0.08 -25.28
CA GLY B 86 -41.59 -1.46 -25.52
C GLY B 86 -41.17 -2.18 -24.25
N LYS B 87 -41.18 -1.46 -23.14
CA LYS B 87 -40.75 -2.00 -21.86
C LYS B 87 -39.33 -2.58 -21.91
N ASN B 88 -38.41 -1.77 -22.41
CA ASN B 88 -37.01 -2.17 -22.55
C ASN B 88 -36.09 -1.23 -21.78
N LEU B 89 -34.90 -1.73 -21.45
CA LEU B 89 -33.92 -0.91 -20.75
C LEU B 89 -32.68 -0.72 -21.61
N TYR B 90 -32.38 0.53 -21.94
CA TYR B 90 -31.18 0.87 -22.69
C TYR B 90 -30.12 1.43 -21.74
N TRP B 91 -28.85 1.17 -22.05
CA TRP B 91 -27.75 1.75 -21.29
C TRP B 91 -26.47 1.79 -22.10
N ALA B 92 -25.57 2.69 -21.70
CA ALA B 92 -24.29 2.86 -22.36
C ALA B 92 -23.18 2.76 -21.34
N ASP B 93 -22.04 2.23 -21.77
CA ASP B 93 -20.92 2.02 -20.85
C ASP B 93 -19.64 2.58 -21.47
N THR B 94 -19.06 3.58 -20.82
CA THR B 94 -17.87 4.25 -21.34
C THR B 94 -16.63 3.36 -21.28
N GLY B 95 -16.66 2.37 -20.39
CA GLY B 95 -15.53 1.47 -20.20
C GLY B 95 -15.52 0.33 -21.20
N THR B 96 -16.69 -0.22 -21.49
CA THR B 96 -16.82 -1.33 -22.42
C THR B 96 -17.13 -0.86 -23.83
N ASN B 97 -17.42 0.44 -23.97
CA ASN B 97 -17.78 1.03 -25.26
C ASN B 97 -18.89 0.29 -25.97
N ARG B 98 -20.04 0.19 -25.31
CA ARG B 98 -21.18 -0.54 -25.83
C ARG B 98 -22.46 0.18 -25.45
N ILE B 99 -23.40 0.21 -26.39
CA ILE B 99 -24.77 0.58 -26.07
C ILE B 99 -25.62 -0.68 -26.11
N GLU B 100 -26.16 -1.06 -24.95
CA GLU B 100 -26.91 -2.32 -24.84
C GLU B 100 -28.38 -2.09 -24.53
N VAL B 101 -29.16 -3.15 -24.69
CA VAL B 101 -30.59 -3.10 -24.41
C VAL B 101 -31.05 -4.44 -23.83
N SER B 102 -32.15 -4.41 -23.09
CA SER B 102 -32.76 -5.62 -22.57
C SER B 102 -34.15 -5.29 -22.09
N LYS B 103 -34.88 -6.32 -21.67
CA LYS B 103 -36.17 -6.10 -21.05
C LYS B 103 -35.96 -5.36 -19.74
N LEU B 104 -37.00 -4.70 -19.24
CA LEU B 104 -36.88 -3.93 -18.01
C LEU B 104 -36.45 -4.78 -16.81
N ASP B 105 -36.74 -6.08 -16.87
CA ASP B 105 -36.35 -6.99 -15.79
C ASP B 105 -34.96 -7.58 -16.01
N GLY B 106 -34.37 -7.29 -17.16
CA GLY B 106 -32.98 -7.63 -17.41
C GLY B 106 -32.70 -8.76 -18.38
N GLN B 107 -33.71 -9.55 -18.70
CA GLN B 107 -33.50 -10.72 -19.56
C GLN B 107 -33.53 -10.41 -21.04
N HIS B 108 -32.90 -11.28 -21.82
CA HIS B 108 -32.71 -11.08 -23.26
C HIS B 108 -31.84 -9.86 -23.57
N ARG B 109 -30.73 -9.75 -22.86
CA ARG B 109 -29.77 -8.67 -23.11
C ARG B 109 -29.13 -8.81 -24.48
N GLN B 110 -28.91 -7.68 -25.14
CA GLN B 110 -28.33 -7.67 -26.47
C GLN B 110 -27.52 -6.39 -26.68
N VAL B 111 -26.45 -6.50 -27.48
CA VAL B 111 -25.63 -5.34 -27.79
C VAL B 111 -26.13 -4.67 -29.07
N LEU B 112 -26.34 -3.36 -29.01
CA LEU B 112 -26.87 -2.62 -30.15
C LEU B 112 -25.79 -1.87 -30.93
N VAL B 113 -24.82 -1.32 -30.23
CA VAL B 113 -23.71 -0.62 -30.85
C VAL B 113 -22.39 -1.02 -30.18
N TRP B 114 -21.43 -1.49 -30.96
CA TRP B 114 -20.14 -1.89 -30.39
C TRP B 114 -18.94 -1.45 -31.22
N LYS B 115 -19.16 -1.16 -32.50
CA LYS B 115 -18.10 -0.71 -33.39
C LYS B 115 -18.05 0.81 -33.45
N ASP B 116 -16.82 1.35 -33.51
CA ASP B 116 -16.62 2.80 -33.65
C ASP B 116 -17.24 3.58 -32.50
N LEU B 117 -17.20 3.00 -31.30
CA LEU B 117 -17.69 3.69 -30.12
C LEU B 117 -16.55 4.16 -29.23
N ASP B 118 -16.61 5.43 -28.84
CA ASP B 118 -15.55 6.06 -28.06
C ASP B 118 -16.15 6.79 -26.86
N SER B 119 -16.53 6.02 -25.84
CA SER B 119 -17.08 6.57 -24.60
C SER B 119 -18.46 7.22 -24.78
N PRO B 120 -19.51 6.41 -24.94
CA PRO B 120 -20.88 6.91 -24.97
C PRO B 120 -21.29 7.31 -23.55
N ARG B 121 -21.77 8.54 -23.37
CA ARG B 121 -22.08 9.05 -22.04
C ARG B 121 -23.57 9.07 -21.73
N ALA B 122 -24.25 10.13 -22.15
CA ALA B 122 -25.67 10.29 -21.85
C ALA B 122 -26.54 9.68 -22.94
N LEU B 123 -27.75 9.28 -22.57
CA LEU B 123 -28.62 8.53 -23.47
C LEU B 123 -30.07 9.01 -23.32
N ALA B 124 -30.69 9.38 -24.44
CA ALA B 124 -32.09 9.80 -24.43
C ALA B 124 -32.90 9.01 -25.44
N LEU B 125 -34.06 8.53 -25.02
CA LEU B 125 -34.89 7.70 -25.89
C LEU B 125 -36.13 8.44 -26.40
N ASP B 126 -36.58 8.08 -27.60
CA ASP B 126 -37.81 8.61 -28.16
C ASP B 126 -38.61 7.51 -28.84
N PRO B 127 -39.11 6.54 -28.04
CA PRO B 127 -39.78 5.35 -28.56
C PRO B 127 -40.96 5.67 -29.49
N ALA B 128 -41.53 6.86 -29.36
CA ALA B 128 -42.65 7.26 -30.22
C ALA B 128 -42.22 7.41 -31.67
N GLU B 129 -40.99 7.87 -31.87
CA GLU B 129 -40.44 8.08 -33.21
C GLU B 129 -39.55 6.92 -33.65
N GLY B 130 -39.10 6.13 -32.68
CA GLY B 130 -38.21 5.01 -32.98
C GLY B 130 -36.75 5.42 -33.09
N PHE B 131 -36.40 6.53 -32.45
CA PHE B 131 -35.01 6.99 -32.44
C PHE B 131 -34.41 6.99 -31.04
N MET B 132 -33.10 6.77 -30.96
CA MET B 132 -32.36 6.96 -29.73
C MET B 132 -31.21 7.94 -29.96
N TYR B 133 -30.92 8.75 -28.96
CA TYR B 133 -29.85 9.74 -29.05
C TYR B 133 -28.86 9.53 -27.90
N TRP B 134 -27.58 9.80 -28.16
CA TRP B 134 -26.59 9.74 -27.10
C TRP B 134 -25.44 10.72 -27.31
N THR B 135 -24.78 11.10 -26.23
CA THR B 135 -23.58 11.91 -26.29
C THR B 135 -22.35 11.02 -26.24
N GLU B 136 -21.27 11.44 -26.90
CA GLU B 136 -20.06 10.64 -26.95
C GLU B 136 -18.86 11.49 -26.54
N TRP B 137 -18.00 10.95 -25.70
CA TRP B 137 -16.91 11.70 -25.08
C TRP B 137 -15.54 11.15 -25.45
N GLY B 138 -15.21 11.14 -26.74
CA GLY B 138 -13.93 10.58 -27.14
C GLY B 138 -12.89 11.66 -27.34
N GLY B 139 -12.01 11.44 -28.31
CA GLY B 139 -11.07 12.47 -28.72
C GLY B 139 -11.82 13.55 -29.47
N LYS B 140 -12.93 13.15 -30.10
CA LYS B 140 -13.74 14.07 -30.86
C LYS B 140 -15.20 13.92 -30.46
N PRO B 141 -15.56 14.48 -29.30
CA PRO B 141 -16.91 14.36 -28.76
C PRO B 141 -17.97 14.73 -29.78
N LYS B 142 -19.15 14.12 -29.67
CA LYS B 142 -20.25 14.40 -30.59
C LYS B 142 -21.57 13.91 -30.01
N ILE B 143 -22.66 14.24 -30.68
CA ILE B 143 -23.97 13.71 -30.31
C ILE B 143 -24.53 12.89 -31.48
N ASP B 144 -24.60 11.58 -31.31
CA ASP B 144 -25.08 10.71 -32.38
C ASP B 144 -26.55 10.34 -32.22
N ARG B 145 -27.10 9.75 -33.28
CA ARG B 145 -28.48 9.29 -33.28
C ARG B 145 -28.53 7.95 -33.99
N ALA B 146 -29.55 7.16 -33.69
CA ALA B 146 -29.75 5.89 -34.37
C ALA B 146 -31.14 5.34 -34.11
N ALA B 147 -31.55 4.38 -34.92
CA ALA B 147 -32.80 3.67 -34.65
C ALA B 147 -32.64 2.94 -33.33
N MET B 148 -33.76 2.68 -32.66
CA MET B 148 -33.70 2.03 -31.35
C MET B 148 -33.40 0.54 -31.44
N ASP B 149 -32.89 0.11 -32.60
CA ASP B 149 -32.37 -1.24 -32.76
C ASP B 149 -30.86 -1.19 -33.04
N GLY B 150 -30.33 0.03 -33.11
CA GLY B 150 -28.91 0.23 -33.35
C GLY B 150 -28.59 0.49 -34.80
N SER B 151 -29.63 0.57 -35.63
CA SER B 151 -29.48 0.76 -37.07
C SER B 151 -29.47 2.23 -37.45
N GLU B 152 -28.85 2.55 -38.58
CA GLU B 152 -28.88 3.89 -39.14
C GLU B 152 -28.15 4.92 -38.28
N ARG B 153 -27.08 4.48 -37.62
CA ARG B 153 -26.29 5.37 -36.77
C ARG B 153 -25.69 6.53 -37.57
N THR B 154 -25.80 7.73 -37.02
CA THR B 154 -25.25 8.93 -37.66
C THR B 154 -25.02 10.04 -36.63
N THR B 155 -24.03 10.89 -36.89
CA THR B 155 -23.71 12.01 -36.00
C THR B 155 -24.63 13.21 -36.24
N LEU B 156 -25.31 13.65 -35.18
CA LEU B 156 -26.31 14.70 -35.28
C LEU B 156 -25.71 16.10 -35.05
N VAL B 157 -24.74 16.18 -34.15
CA VAL B 157 -24.02 17.42 -33.89
C VAL B 157 -22.56 17.15 -33.53
N PRO B 158 -21.64 17.53 -34.43
CA PRO B 158 -20.21 17.20 -34.38
C PRO B 158 -19.34 18.20 -33.63
N ASN B 159 -19.76 19.45 -33.55
CA ASN B 159 -18.91 20.51 -32.99
C ASN B 159 -19.24 20.82 -31.53
N VAL B 160 -18.93 19.87 -30.64
CA VAL B 160 -19.33 19.99 -29.24
C VAL B 160 -18.28 19.34 -28.33
N GLY B 161 -18.27 19.73 -27.05
CA GLY B 161 -17.38 19.12 -26.09
C GLY B 161 -18.06 17.93 -25.41
N ARG B 162 -17.63 17.59 -24.20
CA ARG B 162 -18.28 16.54 -23.43
C ARG B 162 -19.71 16.95 -23.03
N ALA B 163 -20.69 16.45 -23.77
CA ALA B 163 -22.09 16.79 -23.50
C ALA B 163 -22.69 15.83 -22.48
N ASN B 164 -23.61 16.35 -21.67
CA ASN B 164 -24.22 15.57 -20.61
C ASN B 164 -25.68 15.93 -20.43
N GLY B 165 -26.38 15.18 -19.60
CA GLY B 165 -27.78 15.45 -19.32
C GLY B 165 -28.63 15.58 -20.57
N LEU B 166 -28.29 14.80 -21.59
CA LEU B 166 -29.03 14.85 -22.85
C LEU B 166 -30.50 14.55 -22.62
N THR B 167 -31.34 15.55 -22.87
CA THR B 167 -32.76 15.41 -22.62
C THR B 167 -33.59 15.95 -23.79
N ILE B 168 -34.72 15.32 -24.04
CA ILE B 168 -35.58 15.67 -25.17
C ILE B 168 -36.85 16.39 -24.72
N ASP B 169 -37.13 17.53 -25.33
CA ASP B 169 -38.41 18.22 -25.15
C ASP B 169 -39.38 17.67 -26.20
N TYR B 170 -40.09 16.61 -25.83
CA TYR B 170 -40.93 15.88 -26.78
C TYR B 170 -42.02 16.75 -27.42
N ALA B 171 -42.69 17.55 -26.60
CA ALA B 171 -43.80 18.38 -27.07
C ALA B 171 -43.36 19.38 -28.13
N LYS B 172 -42.19 19.98 -27.94
CA LYS B 172 -41.73 21.02 -28.86
C LYS B 172 -40.54 20.58 -29.71
N ARG B 173 -40.34 19.27 -29.82
CA ARG B 173 -39.32 18.68 -30.69
C ARG B 173 -37.95 19.35 -30.65
N ARG B 174 -37.27 19.26 -29.50
CA ARG B 174 -35.94 19.81 -29.36
C ARG B 174 -35.06 18.97 -28.44
N LEU B 175 -33.75 19.18 -28.54
CA LEU B 175 -32.79 18.51 -27.68
C LEU B 175 -32.04 19.52 -26.82
N TYR B 176 -31.91 19.23 -25.53
CA TYR B 176 -31.10 20.06 -24.65
C TYR B 176 -29.95 19.26 -24.07
N TRP B 177 -28.82 19.92 -23.84
CA TRP B 177 -27.68 19.29 -23.20
C TRP B 177 -26.77 20.31 -22.55
N THR B 178 -25.97 19.86 -21.59
CA THR B 178 -24.92 20.67 -21.02
C THR B 178 -23.61 20.35 -21.73
N ASP B 179 -22.63 21.22 -21.58
CA ASP B 179 -21.31 20.99 -22.15
C ASP B 179 -20.25 21.23 -21.08
N LEU B 180 -19.57 20.17 -20.67
CA LEU B 180 -18.63 20.24 -19.57
C LEU B 180 -17.30 20.91 -19.94
N ASP B 181 -17.13 21.21 -21.22
CA ASP B 181 -15.88 21.82 -21.68
C ASP B 181 -16.04 23.31 -21.96
N THR B 182 -17.26 23.74 -22.23
CA THR B 182 -17.54 25.15 -22.50
C THR B 182 -18.56 25.74 -21.51
N ASN B 183 -18.92 24.94 -20.51
CA ASN B 183 -19.76 25.40 -19.42
C ASN B 183 -21.04 26.12 -19.85
N LEU B 184 -21.74 25.55 -20.82
CA LEU B 184 -22.99 26.15 -21.27
C LEU B 184 -24.08 25.12 -21.54
N ILE B 185 -25.32 25.61 -21.62
CA ILE B 185 -26.47 24.77 -21.93
C ILE B 185 -27.00 25.11 -23.31
N GLU B 186 -26.96 24.14 -24.22
CA GLU B 186 -27.35 24.38 -25.60
C GLU B 186 -28.64 23.64 -25.96
N SER B 187 -29.16 23.94 -27.13
CA SER B 187 -30.39 23.33 -27.59
C SER B 187 -30.38 23.23 -29.11
N SER B 188 -31.12 22.26 -29.65
CA SER B 188 -31.28 22.12 -31.09
C SER B 188 -32.52 21.27 -31.38
N ASN B 189 -33.02 21.38 -32.61
CA ASN B 189 -34.11 20.53 -33.04
C ASN B 189 -33.66 19.07 -33.14
N MET B 190 -34.61 18.17 -33.38
CA MET B 190 -34.33 16.75 -33.37
C MET B 190 -33.37 16.31 -34.48
N LEU B 191 -32.88 17.27 -35.25
CA LEU B 191 -31.97 16.97 -36.36
C LEU B 191 -30.59 17.57 -36.15
N GLY B 192 -30.40 18.21 -35.00
CA GLY B 192 -29.11 18.79 -34.66
C GLY B 192 -28.90 20.15 -35.28
N LEU B 193 -29.96 20.70 -35.86
CA LEU B 193 -29.91 22.02 -36.50
C LEU B 193 -30.56 23.07 -35.60
N ASN B 194 -30.55 24.31 -36.07
CA ASN B 194 -31.08 25.43 -35.30
C ASN B 194 -30.49 25.40 -33.89
N ARG B 195 -29.16 25.44 -33.83
CA ARG B 195 -28.42 25.29 -32.58
C ARG B 195 -28.26 26.61 -31.84
N GLU B 196 -28.97 26.76 -30.72
CA GLU B 196 -28.90 27.98 -29.93
C GLU B 196 -28.26 27.74 -28.57
N VAL B 197 -27.68 28.78 -27.98
CA VAL B 197 -27.13 28.70 -26.64
C VAL B 197 -28.10 29.29 -25.62
N ILE B 198 -28.64 28.44 -24.75
CA ILE B 198 -29.63 28.88 -23.77
C ILE B 198 -29.00 29.66 -22.63
N ALA B 199 -27.87 29.19 -22.11
CA ALA B 199 -27.18 29.85 -21.01
C ALA B 199 -25.67 29.65 -21.11
N ASP B 200 -24.91 30.73 -20.93
CA ASP B 200 -23.47 30.66 -21.07
C ASP B 200 -22.69 31.08 -19.82
N ASP B 201 -23.29 31.94 -19.01
CA ASP B 201 -22.63 32.45 -17.81
C ASP B 201 -22.74 31.48 -16.63
N LEU B 202 -22.52 30.19 -16.91
CA LEU B 202 -22.61 29.16 -15.88
C LEU B 202 -21.23 28.60 -15.55
N PRO B 203 -20.89 28.55 -14.26
CA PRO B 203 -19.57 28.12 -13.80
C PRO B 203 -19.28 26.64 -14.01
N HIS B 204 -20.22 25.77 -13.69
CA HIS B 204 -19.96 24.33 -13.75
C HIS B 204 -21.23 23.50 -13.89
N PRO B 205 -21.95 23.69 -15.02
CA PRO B 205 -23.19 22.95 -15.25
C PRO B 205 -22.91 21.47 -15.46
N PHE B 206 -23.79 20.61 -14.94
CA PHE B 206 -23.58 19.17 -15.10
C PHE B 206 -24.84 18.42 -15.51
N GLY B 207 -25.79 18.31 -14.59
CA GLY B 207 -27.04 17.63 -14.86
C GLY B 207 -28.02 18.52 -15.59
N LEU B 208 -29.02 17.91 -16.22
CA LEU B 208 -30.02 18.66 -16.95
C LEU B 208 -31.32 17.89 -17.13
N THR B 209 -32.43 18.64 -17.23
CA THR B 209 -33.72 18.07 -17.55
C THR B 209 -34.69 19.21 -17.83
N GLN B 210 -35.85 18.90 -18.37
CA GLN B 210 -36.82 19.95 -18.66
C GLN B 210 -38.25 19.47 -18.42
N TYR B 211 -39.14 20.42 -18.20
CA TYR B 211 -40.55 20.14 -18.00
C TYR B 211 -41.33 21.42 -18.26
N GLN B 212 -42.35 21.32 -19.09
CA GLN B 212 -43.14 22.49 -19.47
C GLN B 212 -42.23 23.55 -20.09
N ASP B 213 -42.19 24.75 -19.52
CA ASP B 213 -41.43 25.83 -20.15
C ASP B 213 -40.12 26.17 -19.44
N TYR B 214 -39.65 25.26 -18.59
CA TYR B 214 -38.39 25.48 -17.87
C TYR B 214 -37.40 24.34 -18.09
N ILE B 215 -36.11 24.66 -18.03
CA ILE B 215 -35.07 23.64 -17.94
C ILE B 215 -34.47 23.67 -16.53
N TYR B 216 -34.17 22.51 -15.98
CA TYR B 216 -33.50 22.42 -14.69
C TYR B 216 -32.12 21.81 -14.87
N TRP B 217 -31.11 22.39 -14.22
CA TRP B 217 -29.77 21.84 -14.29
C TRP B 217 -29.08 21.85 -12.92
N THR B 218 -27.96 21.14 -12.84
CA THR B 218 -27.17 21.14 -11.61
C THR B 218 -25.86 21.87 -11.86
N ASP B 219 -25.22 22.32 -10.78
CA ASP B 219 -23.94 22.98 -10.91
C ASP B 219 -23.03 22.56 -9.76
N TRP B 220 -21.92 21.93 -10.12
CA TRP B 220 -20.97 21.39 -9.16
C TRP B 220 -20.26 22.49 -8.36
N SER B 221 -20.07 23.65 -8.99
CA SER B 221 -19.37 24.76 -8.34
C SER B 221 -20.28 25.50 -7.36
N ARG B 222 -21.51 25.76 -7.79
CA ARG B 222 -22.45 26.48 -6.94
C ARG B 222 -23.29 25.54 -6.09
N ARG B 223 -22.97 24.25 -6.18
CA ARG B 223 -23.63 23.21 -5.37
C ARG B 223 -25.15 23.41 -5.35
N SER B 224 -25.77 23.35 -6.51
CA SER B 224 -27.15 23.80 -6.64
C SER B 224 -27.96 23.09 -7.71
N ILE B 225 -29.28 23.23 -7.62
CA ILE B 225 -30.19 22.86 -8.69
C ILE B 225 -30.96 24.13 -9.09
N GLU B 226 -30.70 24.62 -10.29
CA GLU B 226 -31.33 25.86 -10.76
C GLU B 226 -32.23 25.61 -11.96
N ARG B 227 -33.16 26.53 -12.21
CA ARG B 227 -34.01 26.43 -13.40
C ARG B 227 -34.08 27.77 -14.15
N ALA B 228 -34.57 27.72 -15.39
CA ALA B 228 -34.66 28.91 -16.21
C ALA B 228 -35.61 28.70 -17.40
N ASN B 229 -35.97 29.79 -18.05
CA ASN B 229 -36.75 29.77 -19.27
C ASN B 229 -36.06 28.88 -20.31
N LYS B 230 -36.77 27.86 -20.78
CA LYS B 230 -36.16 26.88 -21.70
C LYS B 230 -35.78 27.45 -23.07
N THR B 231 -36.47 28.52 -23.49
CA THR B 231 -36.14 29.16 -24.76
C THR B 231 -35.29 30.41 -24.52
N SER B 232 -35.63 31.17 -23.47
CA SER B 232 -34.95 32.41 -23.16
C SER B 232 -33.63 32.20 -22.43
N GLY B 233 -33.68 31.46 -21.32
CA GLY B 233 -32.51 31.26 -20.49
C GLY B 233 -32.51 32.24 -19.33
N GLN B 234 -33.55 33.06 -19.25
CA GLN B 234 -33.68 34.04 -18.18
C GLN B 234 -34.78 33.62 -17.20
N ASN B 235 -35.26 34.58 -16.41
CA ASN B 235 -36.18 34.27 -15.32
C ASN B 235 -35.61 33.13 -14.48
N ARG B 236 -34.33 33.25 -14.14
CA ARG B 236 -33.62 32.20 -13.44
C ARG B 236 -33.82 32.26 -11.92
N THR B 237 -34.08 31.11 -11.32
CA THR B 237 -34.16 30.99 -9.87
C THR B 237 -33.43 29.73 -9.42
N ILE B 238 -33.03 29.71 -8.15
CA ILE B 238 -32.41 28.53 -7.58
C ILE B 238 -33.45 27.70 -6.85
N ILE B 239 -33.53 26.41 -7.20
CA ILE B 239 -34.52 25.54 -6.57
C ILE B 239 -33.97 24.93 -5.29
N GLN B 240 -32.68 24.63 -5.29
CA GLN B 240 -32.03 24.01 -4.14
C GLN B 240 -30.56 24.40 -4.06
N GLY B 241 -30.09 24.70 -2.86
CA GLY B 241 -28.71 25.05 -2.65
C GLY B 241 -28.00 24.11 -1.71
N HIS B 242 -26.67 24.18 -1.67
CA HIS B 242 -25.88 23.36 -0.77
C HIS B 242 -26.03 21.86 -1.03
N LEU B 243 -26.07 21.49 -2.30
CA LEU B 243 -26.14 20.10 -2.70
C LEU B 243 -24.83 19.66 -3.34
N ASP B 244 -24.13 18.75 -2.68
CA ASP B 244 -22.83 18.29 -3.17
C ASP B 244 -22.96 17.08 -4.08
N TYR B 245 -22.27 17.13 -5.22
CA TYR B 245 -22.17 16.00 -6.15
C TYR B 245 -23.53 15.47 -6.62
N VAL B 246 -24.29 16.30 -7.32
CA VAL B 246 -25.55 15.84 -7.88
C VAL B 246 -25.32 15.28 -9.28
N MET B 247 -25.37 13.96 -9.39
CA MET B 247 -24.97 13.28 -10.60
C MET B 247 -25.97 13.48 -11.75
N ASP B 248 -27.14 12.87 -11.63
CA ASP B 248 -28.15 12.94 -12.69
C ASP B 248 -29.47 13.46 -12.13
N ILE B 249 -30.22 14.16 -12.96
CA ILE B 249 -31.51 14.72 -12.53
C ILE B 249 -32.59 14.45 -13.59
N LEU B 250 -33.85 14.48 -13.18
CA LEU B 250 -34.93 14.07 -14.07
C LEU B 250 -36.29 14.57 -13.55
N VAL B 251 -37.27 14.63 -14.44
CA VAL B 251 -38.61 15.05 -14.04
C VAL B 251 -39.56 13.86 -14.04
N PHE B 252 -40.04 13.49 -12.86
CA PHE B 252 -40.96 12.37 -12.71
C PHE B 252 -42.39 12.82 -12.88
N HIS B 253 -42.93 12.65 -14.08
CA HIS B 253 -44.33 12.97 -14.36
C HIS B 253 -44.82 12.14 -15.53
N SER B 254 -46.11 11.83 -15.53
CA SER B 254 -46.70 11.00 -16.57
C SER B 254 -46.57 11.63 -17.96
N SER B 255 -46.62 12.97 -18.01
CA SER B 255 -46.55 13.67 -19.28
C SER B 255 -45.20 13.48 -19.98
N ARG B 256 -44.19 13.06 -19.21
CA ARG B 256 -42.86 12.82 -19.75
C ARG B 256 -42.81 11.50 -20.51
N GLN B 257 -43.66 10.56 -20.12
CA GLN B 257 -43.69 9.25 -20.78
C GLN B 257 -45.04 8.97 -21.42
N SER B 258 -45.31 9.65 -22.53
CA SER B 258 -46.57 9.46 -23.27
C SER B 258 -46.29 8.78 -24.61
N GLY B 259 -47.16 9.02 -25.59
CA GLY B 259 -46.98 8.48 -26.93
C GLY B 259 -47.32 7.01 -27.03
N TRP B 260 -47.04 6.42 -28.19
CA TRP B 260 -47.41 5.04 -28.45
C TRP B 260 -46.72 4.46 -29.68
N ASN B 261 -46.56 3.14 -29.71
CA ASN B 261 -46.06 2.44 -30.89
C ASN B 261 -46.54 0.98 -30.95
N GLU B 262 -46.17 0.27 -32.01
CA GLU B 262 -46.61 -1.10 -32.20
C GLU B 262 -46.10 -2.04 -31.11
N CYS B 263 -45.02 -1.64 -30.43
CA CYS B 263 -44.43 -2.47 -29.39
C CYS B 263 -45.21 -2.45 -28.08
N ALA B 264 -45.95 -1.37 -27.86
CA ALA B 264 -46.73 -1.23 -26.63
C ALA B 264 -47.91 -2.20 -26.64
N SER B 265 -48.21 -2.75 -27.81
CA SER B 265 -49.36 -3.63 -27.98
C SER B 265 -48.95 -5.07 -28.27
N SER B 266 -49.06 -5.93 -27.26
CA SER B 266 -48.70 -7.34 -27.40
C SER B 266 -47.22 -7.51 -27.76
N ASN B 267 -46.41 -6.52 -27.40
CA ASN B 267 -44.97 -6.55 -27.64
C ASN B 267 -44.62 -6.83 -29.10
N GLY B 268 -45.48 -6.38 -30.02
CA GLY B 268 -45.27 -6.59 -31.43
C GLY B 268 -45.26 -8.06 -31.82
N HIS B 269 -45.80 -8.89 -30.94
CA HIS B 269 -45.82 -10.34 -31.15
C HIS B 269 -44.40 -10.89 -31.20
N CYS B 270 -43.45 -10.10 -30.71
CA CYS B 270 -42.04 -10.50 -30.71
C CYS B 270 -41.75 -11.51 -29.60
N SER B 271 -41.04 -12.56 -29.96
CA SER B 271 -40.70 -13.64 -29.03
C SER B 271 -39.85 -13.15 -27.86
N HIS B 272 -38.92 -12.25 -28.16
CA HIS B 272 -38.00 -11.76 -27.13
C HIS B 272 -38.00 -10.24 -26.98
N LEU B 273 -37.37 -9.55 -27.93
CA LEU B 273 -37.26 -8.09 -27.88
C LEU B 273 -38.12 -7.41 -28.94
N CYS B 274 -38.77 -6.32 -28.54
CA CYS B 274 -39.47 -5.47 -29.49
C CYS B 274 -38.78 -4.11 -29.59
N LEU B 275 -38.15 -3.86 -30.73
CA LEU B 275 -37.38 -2.63 -30.90
C LEU B 275 -38.00 -1.69 -31.92
N ALA B 276 -38.41 -0.51 -31.47
CA ALA B 276 -38.99 0.49 -32.35
C ALA B 276 -37.97 1.02 -33.35
N VAL B 277 -38.44 1.31 -34.56
CA VAL B 277 -37.60 1.90 -35.60
C VAL B 277 -38.39 3.00 -36.31
N PRO B 278 -37.69 4.02 -36.83
CA PRO B 278 -38.35 5.15 -37.49
C PRO B 278 -39.13 4.72 -38.73
N VAL B 279 -38.50 3.90 -39.58
CA VAL B 279 -39.14 3.44 -40.80
C VAL B 279 -39.57 1.98 -40.71
N GLY B 280 -40.86 1.75 -40.52
CA GLY B 280 -41.39 0.40 -40.44
C GLY B 280 -42.05 0.08 -39.10
N GLY B 281 -42.15 1.08 -38.24
CA GLY B 281 -42.79 0.90 -36.94
C GLY B 281 -41.88 0.29 -35.89
N PHE B 282 -41.52 -0.98 -36.10
CA PHE B 282 -40.68 -1.69 -35.15
C PHE B 282 -40.04 -2.90 -35.81
N VAL B 283 -39.01 -3.45 -35.16
CA VAL B 283 -38.41 -4.70 -35.61
C VAL B 283 -38.25 -5.63 -34.41
N CYS B 284 -38.33 -6.93 -34.64
CA CYS B 284 -38.11 -7.90 -33.57
C CYS B 284 -36.62 -8.14 -33.35
N GLY B 285 -36.22 -8.25 -32.09
CA GLY B 285 -34.83 -8.49 -31.75
C GLY B 285 -34.65 -9.77 -30.94
N CYS B 286 -33.40 -10.19 -30.79
CA CYS B 286 -33.09 -11.41 -30.05
C CYS B 286 -31.95 -11.17 -29.06
N PRO B 287 -31.77 -12.08 -28.10
CA PRO B 287 -30.63 -11.99 -27.18
C PRO B 287 -29.31 -12.06 -27.94
N ALA B 288 -28.22 -11.68 -27.29
CA ALA B 288 -26.90 -11.74 -27.91
C ALA B 288 -26.62 -13.11 -28.53
N HIS B 289 -26.18 -13.10 -29.78
CA HIS B 289 -25.78 -14.32 -30.51
C HIS B 289 -26.95 -15.16 -31.04
N TYR B 290 -28.18 -14.82 -30.65
CA TYR B 290 -29.35 -15.51 -31.16
C TYR B 290 -29.68 -15.07 -32.58
N SER B 291 -30.30 -15.97 -33.35
CA SER B 291 -30.73 -15.65 -34.70
C SER B 291 -32.23 -15.38 -34.74
N LEU B 292 -32.64 -14.40 -35.53
CA LEU B 292 -34.06 -14.17 -35.74
C LEU B 292 -34.57 -15.11 -36.82
N ASN B 293 -35.49 -16.00 -36.44
CA ASN B 293 -35.99 -17.02 -37.36
C ASN B 293 -36.74 -16.43 -38.56
N ALA B 294 -36.99 -17.27 -39.55
CA ALA B 294 -37.63 -16.84 -40.79
C ALA B 294 -38.97 -16.14 -40.56
N ASP B 295 -39.58 -16.41 -39.40
CA ASP B 295 -40.88 -15.82 -39.08
C ASP B 295 -40.78 -14.36 -38.65
N ASN B 296 -39.56 -13.84 -38.55
CA ASN B 296 -39.35 -12.45 -38.15
C ASN B 296 -39.86 -12.16 -36.74
N ARG B 297 -40.16 -13.21 -35.99
CA ARG B 297 -40.75 -13.04 -34.66
C ARG B 297 -40.07 -13.83 -33.56
N THR B 298 -39.61 -15.04 -33.87
CA THR B 298 -38.98 -15.90 -32.87
C THR B 298 -37.46 -15.99 -33.04
N CYS B 299 -36.79 -16.44 -31.98
CA CYS B 299 -35.33 -16.51 -31.99
C CYS B 299 -34.82 -17.91 -31.71
N SER B 300 -33.61 -18.19 -32.18
CA SER B 300 -32.95 -19.46 -31.90
C SER B 300 -31.55 -19.19 -31.37
N ALA B 301 -31.19 -19.92 -30.31
CA ALA B 301 -29.87 -19.79 -29.71
C ALA B 301 -28.77 -20.19 -30.69
N PRO B 302 -27.54 -19.70 -30.45
CA PRO B 302 -26.41 -20.07 -31.31
C PRO B 302 -26.11 -21.56 -31.19
N THR B 303 -25.81 -22.20 -32.31
CA THR B 303 -25.52 -23.63 -32.34
C THR B 303 -24.05 -23.90 -32.09
N THR B 304 -23.18 -23.23 -32.84
CA THR B 304 -21.74 -23.34 -32.63
C THR B 304 -21.16 -22.00 -32.21
N PHE B 305 -20.22 -22.05 -31.30
CA PHE B 305 -19.58 -20.85 -30.79
C PHE B 305 -18.26 -21.21 -30.12
N LEU B 306 -17.60 -20.22 -29.57
CA LEU B 306 -16.30 -20.41 -28.97
C LEU B 306 -16.27 -19.88 -27.54
N LEU B 307 -15.73 -20.66 -26.62
CA LEU B 307 -15.66 -20.25 -25.22
C LEU B 307 -14.23 -19.94 -24.81
N PHE B 308 -14.00 -18.72 -24.35
CA PHE B 308 -12.72 -18.37 -23.77
C PHE B 308 -12.89 -17.81 -22.37
N SER B 309 -12.12 -18.37 -21.45
CA SER B 309 -12.17 -17.98 -20.05
C SER B 309 -10.98 -17.10 -19.69
N GLN B 310 -11.22 -16.26 -18.70
CA GLN B 310 -10.21 -15.42 -18.09
C GLN B 310 -10.10 -15.90 -16.64
N LYS B 311 -9.50 -15.09 -15.79
CA LYS B 311 -9.42 -15.42 -14.38
C LYS B 311 -10.78 -15.33 -13.67
N SER B 312 -11.55 -14.29 -13.98
CA SER B 312 -12.79 -14.02 -13.26
C SER B 312 -14.05 -14.17 -14.12
N ALA B 313 -13.88 -14.58 -15.37
CA ALA B 313 -15.01 -14.65 -16.27
C ALA B 313 -14.84 -15.70 -17.37
N ILE B 314 -15.97 -16.22 -17.83
CA ILE B 314 -16.02 -17.06 -19.01
C ILE B 314 -16.84 -16.34 -20.06
N ASN B 315 -16.28 -16.16 -21.25
CA ASN B 315 -16.95 -15.41 -22.30
C ASN B 315 -17.40 -16.33 -23.43
N ARG B 316 -18.41 -15.90 -24.18
CA ARG B 316 -18.81 -16.60 -25.39
C ARG B 316 -18.72 -15.64 -26.56
N MET B 317 -18.16 -16.10 -27.67
CA MET B 317 -18.13 -15.29 -28.88
C MET B 317 -18.44 -16.12 -30.12
N VAL B 318 -19.19 -15.54 -31.03
CA VAL B 318 -19.57 -16.23 -32.26
C VAL B 318 -18.64 -15.83 -33.39
N ILE B 319 -18.60 -16.65 -34.43
CA ILE B 319 -17.83 -16.31 -35.62
C ILE B 319 -18.76 -15.85 -36.72
N ASP B 320 -19.00 -14.55 -36.77
CA ASP B 320 -19.91 -13.96 -37.76
C ASP B 320 -19.14 -13.12 -38.77
N GLU B 321 -19.74 -12.89 -39.92
CA GLU B 321 -19.23 -11.92 -40.87
C GLU B 321 -19.40 -10.53 -40.27
N GLN B 322 -20.41 -10.41 -39.41
CA GLN B 322 -20.75 -9.15 -38.76
C GLN B 322 -19.78 -8.80 -37.64
N GLN B 323 -19.01 -9.79 -37.19
CA GLN B 323 -18.09 -9.60 -36.08
C GLN B 323 -18.84 -9.29 -34.80
N SER B 324 -19.88 -10.08 -34.51
CA SER B 324 -20.68 -9.88 -33.30
C SER B 324 -19.81 -9.86 -32.05
N PRO B 325 -20.13 -8.98 -31.10
CA PRO B 325 -19.34 -8.82 -29.87
C PRO B 325 -19.43 -10.04 -28.97
N ASP B 326 -18.32 -10.37 -28.33
CA ASP B 326 -18.30 -11.40 -27.30
C ASP B 326 -19.09 -10.90 -26.10
N ILE B 327 -19.61 -11.83 -25.30
CA ILE B 327 -20.33 -11.46 -24.09
C ILE B 327 -19.84 -12.26 -22.89
N ILE B 328 -20.02 -11.69 -21.71
CA ILE B 328 -19.68 -12.35 -20.47
C ILE B 328 -20.86 -13.20 -20.00
N LEU B 329 -20.62 -14.49 -19.76
CA LEU B 329 -21.66 -15.38 -19.27
C LEU B 329 -21.97 -15.09 -17.81
N PRO B 330 -23.27 -14.98 -17.47
CA PRO B 330 -23.70 -14.59 -16.13
C PRO B 330 -23.65 -15.75 -15.13
N ILE B 331 -22.48 -16.34 -14.94
CA ILE B 331 -22.30 -17.36 -13.92
C ILE B 331 -21.87 -16.69 -12.60
N HIS B 332 -22.75 -16.75 -11.60
CA HIS B 332 -22.46 -16.17 -10.30
C HIS B 332 -21.40 -16.96 -9.55
N SER B 333 -21.33 -18.26 -9.82
CA SER B 333 -20.41 -19.15 -9.14
C SER B 333 -18.94 -18.86 -9.45
N LEU B 334 -18.68 -18.17 -10.56
CA LEU B 334 -17.30 -17.96 -11.01
C LEU B 334 -16.47 -17.12 -10.05
N ARG B 335 -15.23 -17.54 -9.82
CA ARG B 335 -14.27 -16.75 -9.04
C ARG B 335 -12.86 -16.79 -9.63
N ASN B 336 -12.33 -18.00 -9.82
CA ASN B 336 -10.95 -18.14 -10.30
C ASN B 336 -10.78 -19.32 -11.23
N VAL B 337 -11.25 -19.18 -12.46
CA VAL B 337 -11.23 -20.30 -13.41
C VAL B 337 -9.83 -20.56 -13.95
N ARG B 338 -9.52 -21.83 -14.13
CA ARG B 338 -8.20 -22.28 -14.54
C ARG B 338 -8.28 -23.07 -15.83
N ALA B 339 -9.41 -23.74 -16.03
CA ALA B 339 -9.65 -24.52 -17.25
C ALA B 339 -11.14 -24.68 -17.49
N ILE B 340 -11.54 -24.80 -18.76
CA ILE B 340 -12.95 -24.97 -19.09
C ILE B 340 -13.18 -26.10 -20.08
N ASP B 341 -14.34 -26.72 -19.99
CA ASP B 341 -14.78 -27.71 -20.96
C ASP B 341 -16.27 -27.52 -21.18
N TYR B 342 -16.85 -28.29 -22.08
CA TYR B 342 -18.28 -28.14 -22.37
C TYR B 342 -18.91 -29.46 -22.79
N ASP B 343 -20.00 -29.80 -22.13
CA ASP B 343 -20.79 -30.96 -22.51
C ASP B 343 -21.88 -30.55 -23.50
N PRO B 344 -21.71 -30.93 -24.77
CA PRO B 344 -22.68 -30.58 -25.83
C PRO B 344 -23.99 -31.34 -25.69
N LEU B 345 -23.94 -32.53 -25.10
CA LEU B 345 -25.13 -33.34 -24.91
C LEU B 345 -26.18 -32.59 -24.10
N ASP B 346 -25.88 -32.32 -22.83
CA ASP B 346 -26.80 -31.58 -21.96
C ASP B 346 -26.63 -30.06 -22.07
N LYS B 347 -25.69 -29.63 -22.91
CA LYS B 347 -25.43 -28.21 -23.13
C LYS B 347 -25.06 -27.48 -21.83
N GLN B 348 -24.03 -27.96 -21.15
CA GLN B 348 -23.60 -27.32 -19.90
C GLN B 348 -22.10 -27.05 -19.83
N LEU B 349 -21.75 -26.02 -19.06
CA LEU B 349 -20.38 -25.51 -19.01
C LEU B 349 -19.67 -25.98 -17.74
N TYR B 350 -18.48 -26.55 -17.91
CA TYR B 350 -17.68 -27.03 -16.78
C TYR B 350 -16.41 -26.19 -16.64
N TRP B 351 -16.00 -25.94 -15.39
CA TRP B 351 -14.74 -25.24 -15.14
C TRP B 351 -14.08 -25.64 -13.83
N ILE B 352 -12.79 -25.34 -13.72
CA ILE B 352 -12.02 -25.58 -12.49
C ILE B 352 -11.76 -24.28 -11.75
N ASP B 353 -12.19 -24.21 -10.50
CA ASP B 353 -11.90 -23.08 -9.64
C ASP B 353 -10.60 -23.36 -8.90
N SER B 354 -9.56 -22.59 -9.21
CA SER B 354 -8.23 -22.84 -8.67
C SER B 354 -8.09 -22.46 -7.20
N ARG B 355 -8.99 -21.60 -6.72
CA ARG B 355 -8.93 -21.16 -5.33
C ARG B 355 -9.76 -22.04 -4.41
N GLN B 356 -11.02 -22.25 -4.76
CA GLN B 356 -11.88 -23.13 -3.98
C GLN B 356 -11.58 -24.59 -4.31
N ASN B 357 -10.68 -24.79 -5.27
CA ASN B 357 -10.24 -26.13 -5.68
C ASN B 357 -11.36 -27.11 -5.93
N MET B 358 -12.21 -26.78 -6.90
CA MET B 358 -13.33 -27.66 -7.25
C MET B 358 -13.64 -27.60 -8.74
N ILE B 359 -14.31 -28.62 -9.24
CA ILE B 359 -14.81 -28.60 -10.60
C ILE B 359 -16.30 -28.34 -10.56
N ARG B 360 -16.73 -27.15 -11.00
CA ARG B 360 -18.13 -26.78 -10.98
C ARG B 360 -18.81 -26.92 -12.32
N LYS B 361 -20.14 -26.83 -12.31
CA LYS B 361 -20.94 -26.98 -13.51
C LYS B 361 -22.07 -25.97 -13.51
N ALA B 362 -22.51 -25.57 -14.70
CA ALA B 362 -23.62 -24.65 -14.88
C ALA B 362 -23.87 -24.46 -16.37
N GLN B 363 -25.11 -24.20 -16.74
CA GLN B 363 -25.41 -23.86 -18.12
C GLN B 363 -25.04 -22.40 -18.36
N GLU B 364 -24.90 -22.02 -19.63
CA GLU B 364 -24.49 -20.66 -19.99
C GLU B 364 -25.38 -19.63 -19.32
N ASP B 365 -26.61 -20.03 -19.03
CA ASP B 365 -27.59 -19.19 -18.35
C ASP B 365 -27.10 -18.77 -16.96
N GLY B 366 -26.25 -19.61 -16.37
CA GLY B 366 -25.75 -19.37 -15.04
C GLY B 366 -26.51 -20.20 -14.01
N SER B 367 -27.67 -20.70 -14.41
CA SER B 367 -28.51 -21.49 -13.52
C SER B 367 -28.10 -22.96 -13.54
N GLN B 368 -28.77 -23.76 -12.72
CA GLN B 368 -28.50 -25.19 -12.63
C GLN B 368 -27.04 -25.47 -12.28
N GLY B 369 -26.46 -24.60 -11.45
CA GLY B 369 -25.09 -24.79 -10.99
C GLY B 369 -24.97 -25.97 -10.07
N PHE B 370 -23.85 -26.67 -10.15
CA PHE B 370 -23.63 -27.88 -9.35
C PHE B 370 -22.16 -28.24 -9.27
N THR B 371 -21.68 -28.49 -8.06
CA THR B 371 -20.29 -28.91 -7.85
C THR B 371 -20.14 -30.41 -8.05
N VAL B 372 -19.21 -30.81 -8.90
CA VAL B 372 -19.02 -32.21 -9.23
C VAL B 372 -17.75 -32.82 -8.62
N VAL B 373 -16.85 -31.96 -8.17
CA VAL B 373 -15.65 -32.40 -7.44
C VAL B 373 -15.25 -31.41 -6.34
N VAL B 374 -15.16 -31.89 -5.10
CA VAL B 374 -14.74 -31.07 -3.96
C VAL B 374 -13.84 -31.85 -3.02
N SER B 375 -13.14 -31.14 -2.15
CA SER B 375 -12.29 -31.77 -1.16
C SER B 375 -12.78 -31.49 0.26
N GLU B 383 -6.00 -34.13 0.26
CA GLU B 383 -6.18 -32.86 -0.43
C GLU B 383 -6.34 -33.05 -1.93
N ILE B 384 -7.11 -32.16 -2.56
CA ILE B 384 -7.37 -32.21 -4.00
C ILE B 384 -7.09 -30.86 -4.64
N GLN B 385 -6.43 -30.86 -5.79
CA GLN B 385 -6.06 -29.63 -6.47
C GLN B 385 -6.11 -29.80 -7.99
N PRO B 386 -7.32 -29.78 -8.56
CA PRO B 386 -7.54 -30.04 -9.98
C PRO B 386 -6.77 -29.07 -10.87
N TYR B 387 -6.10 -29.60 -11.89
CA TYR B 387 -5.28 -28.80 -12.78
C TYR B 387 -5.92 -28.62 -14.14
N ASP B 388 -6.39 -29.73 -14.72
CA ASP B 388 -7.02 -29.68 -16.03
C ASP B 388 -8.03 -30.80 -16.17
N LEU B 389 -9.04 -30.55 -17.01
CA LEU B 389 -10.12 -31.52 -17.20
C LEU B 389 -10.42 -31.74 -18.66
N SER B 390 -10.90 -32.94 -18.98
CA SER B 390 -11.33 -33.27 -20.35
C SER B 390 -12.51 -34.22 -20.30
N ILE B 391 -13.65 -33.76 -20.82
CA ILE B 391 -14.90 -34.53 -20.73
C ILE B 391 -15.04 -35.60 -21.80
N ASP B 392 -15.30 -36.83 -21.35
CA ASP B 392 -15.71 -37.91 -22.23
C ASP B 392 -17.24 -37.87 -22.35
N ILE B 393 -17.72 -37.24 -23.42
CA ILE B 393 -19.15 -37.00 -23.57
C ILE B 393 -19.96 -38.27 -23.86
N TYR B 394 -19.26 -39.35 -24.18
CA TYR B 394 -19.93 -40.62 -24.49
C TYR B 394 -20.21 -41.44 -23.24
N SER B 395 -19.18 -41.64 -22.42
CA SER B 395 -19.35 -42.39 -21.18
C SER B 395 -19.81 -41.47 -20.05
N ARG B 396 -20.04 -40.21 -20.38
CA ARG B 396 -20.48 -39.22 -19.40
C ARG B 396 -19.46 -39.09 -18.27
N TYR B 397 -18.18 -39.06 -18.62
CA TYR B 397 -17.11 -39.00 -17.63
C TYR B 397 -16.23 -37.76 -17.77
N ILE B 398 -15.67 -37.31 -16.66
CA ILE B 398 -14.66 -36.25 -16.69
C ILE B 398 -13.31 -36.83 -16.33
N TYR B 399 -12.35 -36.72 -17.24
CA TYR B 399 -10.97 -37.07 -16.94
C TYR B 399 -10.25 -35.80 -16.50
N TRP B 400 -9.70 -35.83 -15.29
CA TRP B 400 -8.98 -34.66 -14.77
C TRP B 400 -7.65 -35.03 -14.11
N THR B 401 -6.80 -34.03 -13.94
CA THR B 401 -5.49 -34.22 -13.36
C THR B 401 -5.38 -33.45 -12.05
N CYS B 402 -4.71 -34.05 -11.07
CA CYS B 402 -4.53 -33.42 -9.77
C CYS B 402 -3.10 -32.97 -9.55
N GLU B 403 -2.93 -31.68 -9.30
CA GLU B 403 -1.60 -31.10 -9.09
C GLU B 403 -1.04 -31.50 -7.74
N ALA B 404 -1.89 -32.04 -6.87
CA ALA B 404 -1.48 -32.40 -5.52
C ALA B 404 -1.01 -33.86 -5.41
N THR B 405 -1.87 -34.79 -5.84
CA THR B 405 -1.55 -36.21 -5.76
C THR B 405 -0.98 -36.75 -7.08
N ASN B 406 -0.80 -35.87 -8.06
CA ASN B 406 -0.20 -36.23 -9.34
C ASN B 406 -0.80 -37.48 -9.99
N VAL B 407 -2.12 -37.47 -10.18
CA VAL B 407 -2.79 -38.61 -10.78
C VAL B 407 -3.79 -38.18 -11.84
N ILE B 408 -4.19 -39.10 -12.69
CA ILE B 408 -5.32 -38.87 -13.59
C ILE B 408 -6.56 -39.54 -13.00
N ASN B 409 -7.49 -38.71 -12.55
CA ASN B 409 -8.70 -39.15 -11.88
C ASN B 409 -9.87 -39.02 -12.85
N VAL B 410 -10.82 -39.95 -12.80
CA VAL B 410 -12.01 -39.85 -13.65
C VAL B 410 -13.32 -39.92 -12.85
N THR B 411 -14.18 -38.94 -13.08
CA THR B 411 -15.40 -38.77 -12.29
C THR B 411 -16.64 -38.66 -13.18
N ARG B 412 -17.73 -39.27 -12.75
CA ARG B 412 -18.99 -39.17 -13.47
C ARG B 412 -19.53 -37.75 -13.38
N LEU B 413 -20.38 -37.37 -14.33
CA LEU B 413 -20.92 -36.02 -14.40
C LEU B 413 -21.82 -35.66 -13.21
N ASP B 414 -22.32 -36.68 -12.51
CA ASP B 414 -23.24 -36.46 -11.40
C ASP B 414 -22.53 -36.26 -10.06
N GLY B 415 -21.26 -36.65 -10.00
CA GLY B 415 -20.48 -36.43 -8.80
C GLY B 415 -19.74 -37.63 -8.26
N ARG B 416 -20.26 -38.83 -8.52
CA ARG B 416 -19.63 -40.04 -7.98
C ARG B 416 -18.44 -40.50 -8.80
N SER B 417 -17.40 -40.94 -8.09
CA SER B 417 -16.12 -41.29 -8.69
C SER B 417 -16.13 -42.59 -9.47
N VAL B 418 -15.32 -42.66 -10.52
CA VAL B 418 -15.02 -43.92 -11.18
C VAL B 418 -13.69 -44.46 -10.65
N GLY B 419 -12.71 -43.57 -10.50
CA GLY B 419 -11.42 -43.94 -9.95
C GLY B 419 -10.23 -43.41 -10.71
N VAL B 420 -9.03 -43.63 -10.16
CA VAL B 420 -7.79 -43.24 -10.82
C VAL B 420 -7.48 -44.20 -11.96
N VAL B 421 -6.93 -43.67 -13.05
CA VAL B 421 -6.54 -44.50 -14.19
C VAL B 421 -5.05 -44.36 -14.49
N LEU B 422 -4.39 -43.45 -13.78
CA LEU B 422 -2.96 -43.26 -13.97
C LEU B 422 -2.30 -42.61 -12.75
N LYS B 423 -1.39 -43.36 -12.13
CA LYS B 423 -0.62 -42.85 -11.00
C LYS B 423 0.80 -43.39 -11.08
N GLY B 424 1.77 -42.56 -10.73
CA GLY B 424 3.16 -42.95 -10.80
C GLY B 424 4.01 -42.17 -9.82
N GLU B 425 5.11 -42.78 -9.40
CA GLU B 425 6.02 -42.13 -8.47
C GLU B 425 6.59 -40.84 -9.04
N GLN B 426 7.12 -40.91 -10.26
CA GLN B 426 7.76 -39.76 -10.89
C GLN B 426 6.83 -39.08 -11.90
N ASP B 427 5.62 -39.60 -12.05
CA ASP B 427 4.67 -39.06 -13.00
C ASP B 427 3.98 -37.80 -12.45
N ARG B 428 3.82 -36.81 -13.33
CA ARG B 428 3.12 -35.59 -12.99
C ARG B 428 2.27 -35.13 -14.17
N PRO B 429 1.04 -35.66 -14.27
CA PRO B 429 0.12 -35.32 -15.36
C PRO B 429 -0.48 -33.93 -15.16
N ARG B 430 -0.45 -33.10 -16.20
CA ARG B 430 -1.00 -31.75 -16.14
C ARG B 430 -2.09 -31.56 -17.19
N ALA B 431 -1.71 -31.12 -18.39
CA ALA B 431 -2.68 -30.95 -19.45
C ALA B 431 -3.22 -32.30 -19.88
N ILE B 432 -4.53 -32.37 -20.16
CA ILE B 432 -5.16 -33.63 -20.51
C ILE B 432 -6.27 -33.46 -21.56
N VAL B 433 -6.30 -34.33 -22.56
CA VAL B 433 -7.41 -34.38 -23.52
C VAL B 433 -7.75 -35.81 -23.92
N VAL B 434 -9.02 -36.16 -23.80
CA VAL B 434 -9.47 -37.51 -24.09
C VAL B 434 -10.00 -37.64 -25.52
N ASN B 435 -9.73 -38.79 -26.13
CA ASN B 435 -10.22 -39.08 -27.48
C ASN B 435 -10.99 -40.39 -27.49
N PRO B 436 -12.16 -40.42 -26.83
CA PRO B 436 -12.96 -41.63 -26.63
C PRO B 436 -13.43 -42.26 -27.94
N GLU B 437 -13.35 -41.52 -29.04
CA GLU B 437 -13.72 -42.07 -30.33
C GLU B 437 -12.73 -43.14 -30.78
N LYS B 438 -11.46 -42.95 -30.42
CA LYS B 438 -10.43 -43.92 -30.79
C LYS B 438 -9.97 -44.78 -29.61
N GLY B 439 -10.30 -44.35 -28.39
CA GLY B 439 -10.02 -45.13 -27.20
C GLY B 439 -8.78 -44.71 -26.42
N TYR B 440 -8.19 -43.59 -26.80
CA TYR B 440 -6.97 -43.11 -26.14
C TYR B 440 -7.18 -41.78 -25.42
N MET B 441 -6.19 -41.40 -24.61
CA MET B 441 -6.14 -40.08 -24.00
C MET B 441 -4.72 -39.53 -24.13
N TYR B 442 -4.62 -38.21 -24.25
CA TYR B 442 -3.31 -37.56 -24.40
C TYR B 442 -3.11 -36.54 -23.29
N PHE B 443 -1.89 -36.47 -22.78
CA PHE B 443 -1.61 -35.58 -21.66
C PHE B 443 -0.15 -35.18 -21.60
N THR B 444 0.13 -34.08 -20.93
CA THR B 444 1.51 -33.67 -20.69
C THR B 444 1.98 -34.23 -19.36
N ASN B 445 3.22 -34.71 -19.34
CA ASN B 445 3.81 -35.27 -18.14
C ASN B 445 5.03 -34.48 -17.72
N LEU B 446 4.83 -33.53 -16.82
CA LEU B 446 5.90 -32.62 -16.42
C LEU B 446 6.82 -33.20 -15.35
N GLN B 447 7.53 -34.27 -15.72
CA GLN B 447 8.53 -34.90 -14.85
C GLN B 447 9.66 -33.90 -14.62
N GLU B 448 10.35 -34.02 -13.48
CA GLU B 448 11.34 -33.01 -13.11
C GLU B 448 12.52 -32.98 -14.07
N ARG B 449 12.69 -31.85 -14.77
CA ARG B 449 13.79 -31.60 -15.71
C ARG B 449 13.72 -32.36 -17.04
N SER B 450 12.67 -33.14 -17.24
CA SER B 450 12.44 -33.80 -18.53
C SER B 450 10.96 -33.88 -18.83
N PRO B 451 10.41 -32.80 -19.42
CA PRO B 451 8.98 -32.74 -19.77
C PRO B 451 8.69 -33.64 -20.96
N LYS B 452 7.49 -34.20 -21.02
CA LYS B 452 7.13 -35.04 -22.16
C LYS B 452 5.63 -35.13 -22.42
N ILE B 453 5.28 -35.51 -23.65
CA ILE B 453 3.88 -35.69 -24.04
C ILE B 453 3.60 -37.17 -24.27
N GLU B 454 2.61 -37.69 -23.55
CA GLU B 454 2.34 -39.13 -23.59
C GLU B 454 0.93 -39.46 -24.06
N ARG B 455 0.75 -40.73 -24.43
CA ARG B 455 -0.56 -41.26 -24.77
C ARG B 455 -0.82 -42.52 -23.95
N ALA B 456 -2.08 -42.93 -23.89
CA ALA B 456 -2.46 -44.14 -23.17
C ALA B 456 -3.92 -44.44 -23.43
N ALA B 457 -4.33 -45.67 -23.14
CA ALA B 457 -5.73 -46.03 -23.25
C ALA B 457 -6.49 -45.37 -22.12
N LEU B 458 -7.78 -45.15 -22.31
CA LEU B 458 -8.59 -44.43 -21.33
C LEU B 458 -8.68 -45.14 -19.98
N ASP B 459 -8.03 -46.30 -19.85
CA ASP B 459 -8.00 -47.02 -18.58
C ASP B 459 -6.62 -46.92 -17.91
N GLY B 460 -5.66 -46.34 -18.62
CA GLY B 460 -4.32 -46.13 -18.08
C GLY B 460 -3.27 -47.06 -18.64
N THR B 461 -3.69 -47.99 -19.51
CA THR B 461 -2.78 -48.96 -20.08
C THR B 461 -2.25 -48.53 -21.45
N GLU B 462 -1.31 -49.30 -21.99
CA GLU B 462 -0.73 -49.01 -23.29
C GLU B 462 -0.06 -47.63 -23.31
N ARG B 463 0.51 -47.25 -22.17
CA ARG B 463 1.25 -46.00 -22.08
C ARG B 463 2.44 -45.99 -23.04
N GLU B 464 2.71 -44.82 -23.61
CA GLU B 464 3.88 -44.63 -24.45
C GLU B 464 4.23 -43.15 -24.51
N VAL B 465 5.50 -42.86 -24.72
CA VAL B 465 5.93 -41.48 -24.85
C VAL B 465 5.94 -41.07 -26.33
N LEU B 466 5.15 -40.04 -26.64
CA LEU B 466 5.09 -39.52 -28.00
C LEU B 466 6.28 -38.61 -28.28
N PHE B 467 6.54 -37.68 -27.37
CA PHE B 467 7.62 -36.73 -27.54
C PHE B 467 8.33 -36.42 -26.23
N PHE B 468 9.66 -36.39 -26.27
CA PHE B 468 10.46 -36.10 -25.08
C PHE B 468 11.52 -35.04 -25.33
N SER B 469 11.73 -34.68 -26.60
CA SER B 469 12.67 -33.63 -26.94
C SER B 469 11.97 -32.47 -27.62
N GLY B 470 12.59 -31.29 -27.60
CA GLY B 470 12.00 -30.10 -28.16
C GLY B 470 10.88 -29.58 -27.27
N LEU B 471 10.97 -29.89 -25.98
CA LEU B 471 9.95 -29.48 -25.02
C LEU B 471 10.58 -28.82 -23.80
N SER B 472 9.88 -27.83 -23.26
CA SER B 472 10.34 -27.14 -22.05
C SER B 472 9.15 -26.87 -21.14
N LYS B 473 8.06 -26.37 -21.73
CA LYS B 473 6.81 -26.18 -21.00
C LYS B 473 5.58 -26.54 -21.84
N PRO B 474 5.39 -27.83 -22.11
CA PRO B 474 4.16 -28.29 -22.75
C PRO B 474 2.98 -27.86 -21.88
N ILE B 475 2.25 -26.85 -22.32
CA ILE B 475 1.30 -26.16 -21.45
C ILE B 475 -0.16 -26.34 -21.88
N ALA B 476 -0.38 -26.74 -23.12
CA ALA B 476 -1.75 -26.91 -23.62
C ALA B 476 -1.83 -27.97 -24.72
N LEU B 477 -2.91 -28.74 -24.71
CA LEU B 477 -3.15 -29.75 -25.74
C LEU B 477 -4.49 -29.52 -26.44
N ALA B 478 -4.58 -29.98 -27.67
CA ALA B 478 -5.80 -29.91 -28.45
C ALA B 478 -5.71 -30.96 -29.54
N LEU B 479 -6.81 -31.61 -29.85
CA LEU B 479 -6.80 -32.60 -30.93
C LEU B 479 -7.99 -32.47 -31.87
N ASP B 480 -7.80 -32.96 -33.09
CA ASP B 480 -8.86 -33.01 -34.08
C ASP B 480 -9.09 -34.47 -34.43
N SER B 481 -10.16 -35.05 -33.88
CA SER B 481 -10.45 -36.47 -34.10
C SER B 481 -10.66 -36.81 -35.57
N ARG B 482 -11.32 -35.93 -36.30
CA ARG B 482 -11.64 -36.18 -37.70
C ARG B 482 -10.37 -36.33 -38.55
N LEU B 483 -9.38 -35.49 -38.29
CA LEU B 483 -8.13 -35.51 -39.07
C LEU B 483 -6.98 -36.20 -38.33
N GLY B 484 -7.30 -36.80 -37.19
CA GLY B 484 -6.30 -37.51 -36.40
C GLY B 484 -5.06 -36.70 -36.10
N LYS B 485 -5.26 -35.44 -35.73
CA LYS B 485 -4.15 -34.55 -35.45
C LYS B 485 -4.04 -34.20 -33.97
N LEU B 486 -2.81 -33.97 -33.51
CA LEU B 486 -2.57 -33.50 -32.15
C LEU B 486 -1.88 -32.15 -32.22
N PHE B 487 -2.24 -31.25 -31.31
CA PHE B 487 -1.59 -29.94 -31.23
C PHE B 487 -1.14 -29.66 -29.80
N TRP B 488 0.03 -29.04 -29.65
CA TRP B 488 0.46 -28.59 -28.34
C TRP B 488 1.17 -27.25 -28.39
N ALA B 489 1.13 -26.53 -27.28
CA ALA B 489 1.78 -25.24 -27.16
C ALA B 489 2.81 -25.29 -26.04
N ASP B 490 3.98 -24.71 -26.30
CA ASP B 490 5.06 -24.69 -25.31
C ASP B 490 5.35 -23.26 -24.89
N SER B 491 5.12 -22.94 -23.62
CA SER B 491 5.29 -21.58 -23.12
C SER B 491 6.72 -21.09 -23.20
N ASP B 492 7.67 -21.96 -22.90
CA ASP B 492 9.08 -21.57 -22.87
C ASP B 492 9.65 -21.44 -24.28
N LEU B 493 9.26 -22.36 -25.15
CA LEU B 493 9.78 -22.38 -26.52
C LEU B 493 8.98 -21.45 -27.45
N ARG B 494 7.91 -20.87 -26.92
CA ARG B 494 7.12 -19.89 -27.66
C ARG B 494 6.75 -20.38 -29.05
N ARG B 495 6.03 -21.49 -29.12
CA ARG B 495 5.69 -22.07 -30.41
C ARG B 495 4.53 -23.05 -30.31
N ILE B 496 3.80 -23.20 -31.42
CA ILE B 496 2.73 -24.18 -31.52
C ILE B 496 3.11 -25.29 -32.50
N GLU B 497 3.08 -26.53 -32.02
CA GLU B 497 3.46 -27.68 -32.82
C GLU B 497 2.29 -28.62 -33.06
N SER B 498 2.43 -29.47 -34.07
CA SER B 498 1.38 -30.41 -34.44
C SER B 498 1.96 -31.78 -34.76
N SER B 499 1.10 -32.80 -34.74
CA SER B 499 1.52 -34.15 -35.12
C SER B 499 0.33 -35.07 -35.31
N ASP B 500 0.60 -36.25 -35.85
CA ASP B 500 -0.42 -37.28 -35.92
C ASP B 500 -0.67 -37.83 -34.54
N LEU B 501 -1.85 -38.37 -34.30
CA LEU B 501 -2.17 -38.97 -33.01
C LEU B 501 -1.13 -40.03 -32.65
N SER B 502 -0.56 -40.65 -33.68
CA SER B 502 0.47 -41.67 -33.50
C SER B 502 1.76 -41.05 -32.98
N GLY B 503 2.00 -39.80 -33.37
CA GLY B 503 3.22 -39.10 -32.99
C GLY B 503 4.13 -38.86 -34.17
N ALA B 504 3.72 -39.30 -35.34
CA ALA B 504 4.50 -39.11 -36.56
C ALA B 504 4.20 -37.74 -37.18
N ASN B 505 5.08 -37.29 -38.06
CA ASN B 505 4.88 -36.05 -38.80
C ASN B 505 4.81 -34.82 -37.90
N ARG B 506 5.76 -34.73 -36.97
CA ARG B 506 5.86 -33.57 -36.07
C ARG B 506 6.25 -32.32 -36.84
N ILE B 507 5.42 -31.29 -36.74
CA ILE B 507 5.62 -30.06 -37.50
C ILE B 507 5.31 -28.82 -36.68
N VAL B 508 6.21 -27.85 -36.72
CA VAL B 508 5.99 -26.56 -36.08
C VAL B 508 5.04 -25.70 -36.91
N LEU B 509 3.94 -25.27 -36.30
CA LEU B 509 2.95 -24.44 -36.99
C LEU B 509 3.34 -22.97 -36.94
N GLU B 510 3.60 -22.48 -35.74
CA GLU B 510 3.95 -21.09 -35.54
C GLU B 510 4.99 -20.95 -34.44
N ASP B 511 6.06 -20.21 -34.72
CA ASP B 511 7.12 -20.01 -33.73
C ASP B 511 7.64 -18.58 -33.76
N SER B 512 6.86 -17.68 -34.32
CA SER B 512 7.22 -16.26 -34.37
C SER B 512 6.09 -15.38 -33.84
N ASN B 513 6.46 -14.31 -33.15
CA ASN B 513 5.50 -13.37 -32.59
C ASN B 513 4.52 -14.04 -31.62
N ILE B 514 5.03 -15.03 -30.91
CA ILE B 514 4.30 -15.70 -29.84
C ILE B 514 5.09 -15.53 -28.55
N LEU B 515 4.40 -15.28 -27.44
CA LEU B 515 5.07 -15.07 -26.15
C LEU B 515 4.69 -16.12 -25.11
N GLN B 516 3.39 -16.36 -24.95
CA GLN B 516 2.90 -17.21 -23.88
C GLN B 516 1.56 -17.86 -24.22
N PRO B 517 1.59 -18.91 -25.06
CA PRO B 517 0.39 -19.69 -25.38
C PRO B 517 -0.02 -20.44 -24.13
N VAL B 518 -1.31 -20.50 -23.84
CA VAL B 518 -1.78 -21.19 -22.64
C VAL B 518 -3.06 -21.96 -22.91
N GLY B 519 -3.58 -21.82 -24.12
CA GLY B 519 -4.81 -22.49 -24.51
C GLY B 519 -4.87 -22.78 -25.99
N LEU B 520 -5.44 -23.94 -26.33
CA LEU B 520 -5.61 -24.34 -27.72
C LEU B 520 -7.02 -24.89 -27.93
N THR B 521 -7.53 -24.72 -29.14
CA THR B 521 -8.82 -25.29 -29.52
C THR B 521 -9.01 -25.28 -31.04
N VAL B 522 -9.58 -26.34 -31.57
CA VAL B 522 -9.84 -26.45 -33.00
C VAL B 522 -11.28 -26.08 -33.33
N PHE B 523 -11.45 -25.12 -34.23
CA PHE B 523 -12.78 -24.66 -34.62
C PHE B 523 -12.91 -24.70 -36.13
N GLU B 524 -13.59 -25.73 -36.64
CA GLU B 524 -13.66 -26.00 -38.07
C GLU B 524 -12.28 -26.36 -38.62
N ASN B 525 -11.76 -25.55 -39.53
CA ASN B 525 -10.45 -25.80 -40.12
C ASN B 525 -9.37 -24.91 -39.51
N TRP B 526 -9.73 -24.21 -38.44
CA TRP B 526 -8.82 -23.24 -37.84
C TRP B 526 -8.32 -23.69 -36.47
N LEU B 527 -7.09 -23.33 -36.14
CA LEU B 527 -6.56 -23.54 -34.81
C LEU B 527 -6.51 -22.23 -34.04
N TYR B 528 -7.43 -22.06 -33.10
CA TYR B 528 -7.45 -20.89 -32.23
C TYR B 528 -6.54 -21.10 -31.04
N TRP B 529 -5.86 -20.05 -30.60
CA TRP B 529 -5.04 -20.12 -29.40
C TRP B 529 -5.02 -18.76 -28.70
N ILE B 530 -4.71 -18.77 -27.41
CA ILE B 530 -4.69 -17.53 -26.63
C ILE B 530 -3.31 -17.24 -26.04
N ASP B 531 -2.90 -15.98 -26.14
CA ASP B 531 -1.62 -15.55 -25.60
C ASP B 531 -1.83 -14.68 -24.36
N LYS B 532 -1.50 -15.24 -23.20
CA LYS B 532 -1.69 -14.56 -21.92
C LYS B 532 -1.04 -13.18 -21.88
N GLN B 533 0.23 -13.11 -22.27
CA GLN B 533 0.96 -11.84 -22.22
C GLN B 533 0.60 -10.89 -23.35
N GLN B 534 0.47 -11.42 -24.57
CA GLN B 534 0.05 -10.60 -25.69
C GLN B 534 -1.41 -10.21 -25.55
N GLN B 535 -2.11 -10.88 -24.64
CA GLN B 535 -3.51 -10.60 -24.38
C GLN B 535 -4.34 -10.72 -25.66
N MET B 536 -4.04 -11.72 -26.47
CA MET B 536 -4.72 -11.90 -27.75
C MET B 536 -5.30 -13.28 -27.97
N ILE B 537 -6.32 -13.34 -28.81
CA ILE B 537 -6.81 -14.57 -29.38
C ILE B 537 -6.42 -14.54 -30.85
N GLU B 538 -5.69 -15.56 -31.29
CA GLU B 538 -5.30 -15.64 -32.70
C GLU B 538 -5.68 -16.99 -33.29
N LYS B 539 -5.56 -17.10 -34.60
CA LYS B 539 -5.90 -18.33 -35.27
C LYS B 539 -5.07 -18.52 -36.54
N ILE B 540 -4.74 -19.76 -36.85
CA ILE B 540 -4.14 -20.09 -38.14
C ILE B 540 -4.98 -21.14 -38.85
N ASP B 541 -4.89 -21.15 -40.18
CA ASP B 541 -5.57 -22.15 -40.99
C ASP B 541 -4.75 -23.43 -40.99
N MET B 542 -5.35 -24.51 -40.49
CA MET B 542 -4.66 -25.80 -40.43
C MET B 542 -4.28 -26.30 -41.83
N THR B 543 -4.98 -25.81 -42.85
CA THR B 543 -4.71 -26.19 -44.23
C THR B 543 -3.64 -25.29 -44.84
N GLY B 544 -3.38 -24.16 -44.20
CA GLY B 544 -2.35 -23.25 -44.65
C GLY B 544 -2.76 -22.37 -45.80
N ARG B 545 -4.00 -22.53 -46.26
CA ARG B 545 -4.50 -21.75 -47.38
C ARG B 545 -4.60 -20.27 -47.04
N GLU B 546 -5.24 -19.96 -45.91
CA GLU B 546 -5.32 -18.59 -45.43
C GLU B 546 -4.26 -18.34 -44.35
N GLY B 547 -4.07 -17.08 -43.98
CA GLY B 547 -2.98 -16.71 -43.11
C GLY B 547 -3.37 -16.43 -41.67
N ARG B 548 -2.37 -16.45 -40.79
CA ARG B 548 -2.56 -16.15 -39.38
C ARG B 548 -3.40 -14.89 -39.19
N THR B 549 -4.43 -14.99 -38.36
CA THR B 549 -5.40 -13.91 -38.17
C THR B 549 -5.65 -13.58 -36.70
N LYS B 550 -5.66 -12.29 -36.36
CA LYS B 550 -6.03 -11.84 -35.03
C LYS B 550 -7.55 -11.87 -34.87
N VAL B 551 -8.02 -12.37 -33.73
CA VAL B 551 -9.44 -12.45 -33.45
C VAL B 551 -9.87 -11.35 -32.48
N GLN B 552 -9.21 -11.29 -31.34
CA GLN B 552 -9.46 -10.24 -30.36
C GLN B 552 -8.19 -9.86 -29.60
N ALA B 553 -8.07 -8.58 -29.28
CA ALA B 553 -6.91 -8.07 -28.56
C ALA B 553 -7.32 -7.50 -27.22
N ARG B 554 -6.34 -7.17 -26.40
CA ARG B 554 -6.57 -6.59 -25.09
C ARG B 554 -7.53 -7.40 -24.22
N ILE B 555 -7.26 -8.69 -24.09
CA ILE B 555 -8.00 -9.54 -23.15
C ILE B 555 -7.07 -9.93 -22.02
N ALA B 556 -7.36 -9.43 -20.82
CA ALA B 556 -6.48 -9.64 -19.68
C ALA B 556 -6.73 -10.96 -18.96
N GLN B 557 -5.65 -11.56 -18.48
CA GLN B 557 -5.74 -12.76 -17.66
C GLN B 557 -6.41 -13.94 -18.35
N LEU B 558 -6.01 -14.22 -19.58
CA LEU B 558 -6.53 -15.36 -20.32
C LEU B 558 -6.09 -16.68 -19.67
N SER B 559 -7.03 -17.61 -19.54
CA SER B 559 -6.75 -18.87 -18.86
C SER B 559 -7.00 -20.07 -19.76
N ASP B 560 -8.10 -20.03 -20.51
CA ASP B 560 -8.46 -21.15 -21.35
C ASP B 560 -9.42 -20.75 -22.47
N ILE B 561 -9.38 -21.52 -23.56
CA ILE B 561 -10.26 -21.28 -24.71
C ILE B 561 -10.79 -22.62 -25.19
N HIS B 562 -12.04 -22.66 -25.64
CA HIS B 562 -12.67 -23.93 -25.98
C HIS B 562 -13.77 -23.80 -27.03
N ALA B 563 -13.62 -24.54 -28.12
CA ALA B 563 -14.59 -24.53 -29.22
C ALA B 563 -15.75 -25.49 -28.98
N VAL B 564 -16.97 -25.02 -29.25
CA VAL B 564 -18.15 -25.83 -29.12
C VAL B 564 -18.86 -25.96 -30.46
N LYS B 565 -18.91 -27.18 -30.99
CA LYS B 565 -19.62 -27.46 -32.23
C LYS B 565 -20.96 -28.12 -31.91
N GLU B 566 -21.94 -27.92 -32.78
CA GLU B 566 -23.26 -28.52 -32.60
C GLU B 566 -23.16 -30.05 -32.60
N LEU B 567 -23.76 -30.69 -31.60
CA LEU B 567 -23.67 -32.13 -31.47
C LEU B 567 -24.56 -32.84 -32.50
N ASN B 568 -23.98 -33.80 -33.22
CA ASN B 568 -24.74 -34.63 -34.13
C ASN B 568 -25.32 -35.81 -33.37
N LEU B 569 -26.54 -35.64 -32.85
CA LEU B 569 -27.17 -36.65 -32.01
C LEU B 569 -27.16 -38.05 -32.63
N GLN B 570 -27.39 -38.12 -33.93
CA GLN B 570 -27.42 -39.41 -34.60
C GLN B 570 -26.01 -39.98 -34.69
N GLU B 571 -25.07 -39.15 -35.12
CA GLU B 571 -23.67 -39.56 -35.21
C GLU B 571 -23.11 -39.86 -33.82
N TYR B 572 -23.75 -39.27 -32.81
CA TYR B 572 -23.34 -39.45 -31.43
C TYR B 572 -23.70 -40.85 -30.92
N ARG B 573 -24.88 -41.31 -31.30
CA ARG B 573 -25.40 -42.60 -30.83
C ARG B 573 -24.72 -43.78 -31.52
N GLN B 574 -24.00 -43.50 -32.60
CA GLN B 574 -23.25 -44.53 -33.30
C GLN B 574 -22.13 -45.06 -32.42
N HIS B 575 -21.68 -44.22 -31.48
CA HIS B 575 -20.62 -44.60 -30.56
C HIS B 575 -21.10 -45.72 -29.62
N PRO B 576 -20.28 -46.78 -29.50
CA PRO B 576 -20.62 -47.99 -28.75
C PRO B 576 -20.81 -47.76 -27.26
N CYS B 577 -20.39 -46.60 -26.76
CA CYS B 577 -20.50 -46.31 -25.32
C CYS B 577 -21.62 -45.32 -25.03
N ALA B 578 -22.30 -44.89 -26.08
CA ALA B 578 -23.31 -43.83 -25.98
C ALA B 578 -24.44 -44.17 -25.01
N GLN B 579 -24.94 -45.40 -25.09
CA GLN B 579 -26.02 -45.84 -24.21
C GLN B 579 -25.58 -47.03 -23.35
N ASP B 580 -26.04 -47.05 -22.10
CA ASP B 580 -25.71 -48.12 -21.16
C ASP B 580 -24.20 -48.26 -20.93
N ASN B 581 -23.44 -47.32 -21.49
CA ASN B 581 -21.99 -47.31 -21.32
C ASN B 581 -21.34 -48.60 -21.80
N GLY B 582 -21.89 -49.17 -22.87
CA GLY B 582 -21.34 -50.38 -23.47
C GLY B 582 -21.52 -51.62 -22.60
N GLY B 583 -22.42 -51.53 -21.63
CA GLY B 583 -22.66 -52.62 -20.72
C GLY B 583 -21.57 -52.77 -19.67
N CYS B 584 -20.75 -51.74 -19.52
CA CYS B 584 -19.65 -51.76 -18.57
C CYS B 584 -20.02 -51.06 -17.26
N SER B 585 -19.34 -51.43 -16.19
CA SER B 585 -19.59 -50.83 -14.88
C SER B 585 -18.83 -49.52 -14.73
N HIS B 586 -17.60 -49.48 -15.24
CA HIS B 586 -16.75 -48.31 -15.12
C HIS B 586 -16.30 -47.78 -16.48
N ILE B 587 -15.07 -48.10 -16.88
CA ILE B 587 -14.52 -47.62 -18.15
C ILE B 587 -14.95 -48.45 -19.36
N CYS B 588 -15.31 -47.76 -20.43
CA CYS B 588 -15.67 -48.42 -21.68
C CYS B 588 -14.67 -48.07 -22.78
N LEU B 589 -13.80 -49.02 -23.12
CA LEU B 589 -12.79 -48.80 -24.15
C LEU B 589 -13.29 -49.20 -25.53
N VAL B 590 -12.71 -48.59 -26.57
CA VAL B 590 -13.10 -48.86 -27.95
C VAL B 590 -11.98 -49.55 -28.71
N LYS B 591 -12.19 -50.80 -29.07
CA LYS B 591 -11.20 -51.54 -29.86
C LYS B 591 -11.05 -50.93 -31.25
N GLY B 592 -9.96 -51.25 -31.92
CA GLY B 592 -9.70 -50.74 -33.26
C GLY B 592 -10.80 -51.10 -34.25
N ASP B 593 -11.55 -52.15 -33.95
CA ASP B 593 -12.59 -52.63 -34.85
C ASP B 593 -13.98 -52.16 -34.42
N GLY B 594 -14.04 -51.04 -33.73
CA GLY B 594 -15.31 -50.47 -33.32
C GLY B 594 -16.06 -51.28 -32.28
N THR B 595 -15.36 -52.25 -31.68
CA THR B 595 -15.93 -53.07 -30.62
C THR B 595 -15.52 -52.51 -29.27
N THR B 596 -16.24 -52.89 -28.22
CA THR B 596 -15.96 -52.35 -26.89
C THR B 596 -15.67 -53.39 -25.82
N ARG B 597 -14.57 -53.16 -25.10
CA ARG B 597 -14.20 -53.97 -23.95
C ARG B 597 -14.64 -53.23 -22.69
N CYS B 598 -14.37 -53.81 -21.54
CA CYS B 598 -14.62 -53.13 -20.27
C CYS B 598 -13.37 -53.16 -19.41
N SER B 599 -13.01 -52.00 -18.85
CA SER B 599 -11.82 -51.92 -18.00
C SER B 599 -12.18 -51.24 -16.68
N CYS B 600 -11.18 -51.07 -15.83
CA CYS B 600 -11.41 -50.59 -14.46
C CYS B 600 -10.34 -49.60 -14.01
N PRO B 601 -10.63 -48.82 -12.95
CA PRO B 601 -9.65 -47.96 -12.31
C PRO B 601 -8.51 -48.76 -11.67
N MET B 602 -7.50 -48.06 -11.15
CA MET B 602 -6.31 -48.70 -10.59
C MET B 602 -6.61 -49.64 -9.42
N HIS B 603 -7.72 -49.39 -8.72
CA HIS B 603 -8.03 -50.12 -7.50
C HIS B 603 -9.00 -51.29 -7.70
N LEU B 604 -9.57 -51.39 -8.90
CA LEU B 604 -10.48 -52.48 -9.20
C LEU B 604 -9.91 -53.43 -10.24
N VAL B 605 -10.58 -54.56 -10.44
CA VAL B 605 -10.17 -55.56 -11.42
C VAL B 605 -11.39 -56.05 -12.19
N LEU B 606 -11.22 -56.36 -13.47
CA LEU B 606 -12.32 -56.86 -14.27
C LEU B 606 -12.70 -58.28 -13.85
N LEU B 607 -13.99 -58.52 -13.68
CA LEU B 607 -14.48 -59.82 -13.22
C LEU B 607 -14.78 -60.78 -14.36
N GLN B 608 -15.40 -61.91 -14.04
CA GLN B 608 -15.72 -62.92 -15.04
C GLN B 608 -16.78 -62.43 -16.02
N ASP B 609 -17.63 -61.51 -15.57
CA ASP B 609 -18.62 -60.90 -16.43
C ASP B 609 -17.95 -60.18 -17.59
N GLU B 610 -16.70 -59.79 -17.39
CA GLU B 610 -15.98 -58.96 -18.35
C GLU B 610 -16.73 -57.65 -18.56
N LEU B 611 -17.58 -57.31 -17.60
CA LEU B 611 -18.35 -56.08 -17.63
C LEU B 611 -18.25 -55.36 -16.28
N SER B 612 -18.14 -56.15 -15.21
CA SER B 612 -18.12 -55.61 -13.86
C SER B 612 -16.71 -55.44 -13.31
N CYS B 613 -16.56 -54.54 -12.35
CA CYS B 613 -15.27 -54.30 -11.70
C CYS B 613 -15.39 -54.52 -10.21
N LYS C 1 2.36 -3.96 -16.97
CA LYS C 1 1.90 -2.69 -16.42
C LYS C 1 0.45 -2.37 -16.80
N GLY C 2 -0.11 -1.34 -16.17
CA GLY C 2 -1.50 -0.99 -16.34
C GLY C 2 -1.93 -0.66 -17.76
N GLN C 3 -3.05 -1.24 -18.17
CA GLN C 3 -3.63 -0.98 -19.48
C GLN C 3 -4.76 0.04 -19.35
N GLU C 4 -5.33 0.44 -20.48
CA GLU C 4 -6.45 1.39 -20.47
C GLU C 4 -7.62 0.82 -19.66
N GLY C 5 -8.14 1.63 -18.75
CA GLY C 5 -9.24 1.21 -17.90
C GLY C 5 -8.79 0.58 -16.60
N SER C 6 -7.54 0.12 -16.57
CA SER C 6 -7.00 -0.51 -15.37
C SER C 6 -6.91 0.49 -14.22
N VAL C 7 -7.21 0.02 -13.02
CA VAL C 7 -7.06 0.84 -11.82
C VAL C 7 -5.60 1.20 -11.62
N CYS C 8 -5.33 2.47 -11.36
CA CYS C 8 -3.97 2.93 -11.14
C CYS C 8 -3.92 3.89 -9.96
N LEU C 9 -2.71 4.29 -9.57
CA LEU C 9 -2.52 5.23 -8.49
C LEU C 9 -1.63 6.37 -8.96
N ARG C 10 -0.62 6.03 -9.75
CA ARG C 10 0.31 7.00 -10.31
C ARG C 10 0.51 6.68 -11.79
N SER C 11 0.82 7.70 -12.58
CA SER C 11 1.03 7.50 -14.01
C SER C 11 2.07 6.43 -14.29
N SER C 12 2.96 6.19 -13.33
CA SER C 12 3.99 5.18 -13.48
C SER C 12 3.42 3.77 -13.49
N ASP C 13 2.23 3.61 -12.93
CA ASP C 13 1.56 2.31 -12.89
C ASP C 13 0.95 1.96 -14.24
N CYS C 14 0.95 2.91 -15.16
CA CYS C 14 0.30 2.73 -16.46
C CYS C 14 1.29 2.46 -17.59
N ALA C 15 0.79 2.03 -18.74
CA ALA C 15 1.63 1.72 -19.90
C ALA C 15 2.22 2.96 -20.55
N SER C 16 2.93 2.77 -21.67
CA SER C 16 3.65 3.86 -22.35
C SER C 16 2.79 5.06 -22.74
N GLY C 17 1.73 4.80 -23.51
CA GLY C 17 0.89 5.87 -24.04
C GLY C 17 -0.32 6.17 -23.18
N LEU C 18 -0.17 6.00 -21.87
CA LEU C 18 -1.28 6.20 -20.95
C LEU C 18 -0.84 7.01 -19.71
N CYS C 19 -1.81 7.62 -19.05
CA CYS C 19 -1.55 8.35 -17.81
C CYS C 19 -2.61 7.97 -16.78
N CYS C 20 -2.35 8.25 -15.51
CA CYS C 20 -3.29 7.93 -14.46
C CYS C 20 -4.20 9.12 -14.18
N ALA C 21 -5.42 9.07 -14.71
CA ALA C 21 -6.38 10.14 -14.57
C ALA C 21 -7.58 9.66 -13.77
N ARG C 22 -8.19 10.54 -12.99
CA ARG C 22 -9.32 10.12 -12.17
C ARG C 22 -10.61 10.03 -12.97
N HIS C 23 -11.37 8.98 -12.70
CA HIS C 23 -12.70 8.79 -13.27
C HIS C 23 -13.64 8.51 -12.12
N PHE C 24 -14.54 9.45 -11.86
CA PHE C 24 -15.38 9.42 -10.67
C PHE C 24 -14.51 9.53 -9.42
N TRP C 25 -14.52 8.51 -8.58
CA TRP C 25 -13.81 8.60 -7.29
C TRP C 25 -12.67 7.60 -7.10
N SER C 26 -12.08 7.21 -8.22
CA SER C 26 -10.85 6.43 -8.23
C SER C 26 -10.09 6.84 -9.49
N LYS C 27 -8.91 6.27 -9.68
CA LYS C 27 -8.14 6.60 -10.88
C LYS C 27 -7.93 5.38 -11.75
N ILE C 28 -8.02 5.56 -13.06
CA ILE C 28 -7.77 4.50 -14.02
C ILE C 28 -6.84 4.97 -15.11
N CYS C 29 -6.19 4.03 -15.78
CA CYS C 29 -5.25 4.38 -16.85
C CYS C 29 -6.00 4.87 -18.09
N LYS C 30 -5.71 6.10 -18.49
CA LYS C 30 -6.30 6.68 -19.69
C LYS C 30 -5.22 7.02 -20.70
N PRO C 31 -5.57 7.03 -21.99
CA PRO C 31 -4.62 7.33 -23.07
C PRO C 31 -4.26 8.80 -23.16
N VAL C 32 -3.02 9.10 -23.53
CA VAL C 32 -2.61 10.48 -23.79
C VAL C 32 -3.32 10.97 -25.05
N LEU C 33 -3.49 12.27 -25.18
CA LEU C 33 -4.17 12.85 -26.33
C LEU C 33 -3.25 12.97 -27.53
N LYS C 34 -3.82 12.89 -28.73
CA LYS C 34 -3.06 13.02 -29.97
C LYS C 34 -3.52 14.26 -30.74
N GLU C 35 -2.79 14.61 -31.79
CA GLU C 35 -3.10 15.82 -32.54
C GLU C 35 -4.56 15.83 -33.03
N GLY C 36 -5.24 16.94 -32.81
CA GLY C 36 -6.63 17.10 -33.23
C GLY C 36 -7.65 16.75 -32.15
N GLN C 37 -7.23 15.95 -31.17
CA GLN C 37 -8.12 15.50 -30.11
C GLN C 37 -8.39 16.58 -29.07
N VAL C 38 -9.65 16.65 -28.61
CA VAL C 38 -10.06 17.68 -27.67
C VAL C 38 -9.40 17.53 -26.30
N CYS C 39 -8.85 18.62 -25.77
CA CYS C 39 -8.20 18.60 -24.47
C CYS C 39 -8.86 19.54 -23.47
N THR C 40 -8.55 19.35 -22.19
CA THR C 40 -9.19 20.11 -21.11
C THR C 40 -8.54 21.49 -20.90
N LYS C 41 -9.38 22.49 -20.69
CA LYS C 41 -8.92 23.85 -20.36
C LYS C 41 -9.78 24.42 -19.24
N HIS C 42 -9.19 24.53 -18.05
CA HIS C 42 -9.93 24.99 -16.87
C HIS C 42 -10.04 26.51 -16.80
N ARG C 43 -11.24 27.00 -16.47
CA ARG C 43 -11.44 28.44 -16.29
C ARG C 43 -10.97 28.86 -14.92
N ARG C 44 -11.64 28.35 -13.89
CA ARG C 44 -11.26 28.64 -12.52
C ARG C 44 -10.31 27.58 -11.97
N LYS C 45 -9.36 28.02 -11.16
CA LYS C 45 -8.41 27.12 -10.50
C LYS C 45 -9.16 26.01 -9.77
N GLY C 46 -10.26 26.37 -9.11
CA GLY C 46 -11.04 25.41 -8.36
C GLY C 46 -11.70 24.33 -9.21
N SER C 47 -11.97 24.64 -10.46
CA SER C 47 -12.64 23.66 -11.32
C SER C 47 -11.74 22.45 -11.54
N HIS C 48 -10.45 22.65 -11.31
CA HIS C 48 -9.49 21.54 -11.42
C HIS C 48 -9.67 20.56 -10.27
N GLY C 49 -9.93 21.09 -9.07
CA GLY C 49 -10.13 20.25 -7.90
C GLY C 49 -11.44 19.48 -7.96
N LEU C 50 -12.39 20.00 -8.73
CA LEU C 50 -13.73 19.42 -8.80
C LEU C 50 -13.86 18.38 -9.89
N GLU C 51 -13.00 18.48 -10.91
CA GLU C 51 -13.04 17.56 -12.04
C GLU C 51 -12.99 16.11 -11.57
N ILE C 52 -13.99 15.32 -11.98
CA ILE C 52 -13.98 13.89 -11.71
C ILE C 52 -13.86 13.10 -13.02
N PHE C 53 -13.96 13.81 -14.14
CA PHE C 53 -13.72 13.21 -15.44
C PHE C 53 -12.48 13.85 -16.06
N GLN C 54 -11.32 13.36 -15.63
CA GLN C 54 -10.03 13.94 -15.99
C GLN C 54 -9.48 13.35 -17.28
N ARG C 55 -9.11 14.21 -18.22
CA ARG C 55 -8.40 13.79 -19.41
C ARG C 55 -6.91 13.72 -19.12
N CYS C 56 -6.16 13.03 -19.99
CA CYS C 56 -4.71 13.06 -19.92
C CYS C 56 -4.18 14.29 -20.64
N TYR C 57 -2.91 14.59 -20.44
CA TYR C 57 -2.25 15.68 -21.12
C TYR C 57 -2.09 15.39 -22.62
N CYS C 58 -1.64 16.39 -23.36
CA CYS C 58 -1.34 16.23 -24.78
C CYS C 58 0.00 15.52 -24.96
N GLY C 59 0.09 14.68 -26.00
CA GLY C 59 1.27 13.88 -26.24
C GLY C 59 2.53 14.67 -26.55
N GLU C 60 3.62 13.96 -26.78
CA GLU C 60 4.92 14.57 -27.07
C GLU C 60 4.84 15.53 -28.26
N GLY C 61 5.29 16.75 -28.06
CA GLY C 61 5.33 17.74 -29.12
C GLY C 61 3.96 18.31 -29.45
N LEU C 62 3.02 18.16 -28.52
CA LEU C 62 1.68 18.70 -28.69
C LEU C 62 1.36 19.69 -27.58
N SER C 63 0.60 20.72 -27.91
CA SER C 63 0.23 21.75 -26.95
C SER C 63 -1.28 21.96 -26.96
N CYS C 64 -1.86 22.11 -25.78
CA CYS C 64 -3.30 22.31 -25.68
C CYS C 64 -3.66 23.76 -25.98
N ARG C 65 -4.03 24.02 -27.23
CA ARG C 65 -4.37 25.35 -27.69
C ARG C 65 -5.82 25.41 -28.18
N ILE C 66 -6.33 26.62 -28.38
CA ILE C 66 -7.70 26.78 -28.83
C ILE C 66 -7.81 26.60 -30.35
N GLN C 67 -8.97 26.12 -30.80
CA GLN C 67 -9.23 25.96 -32.23
C GLN C 67 -9.41 27.32 -32.90
N LYS C 68 -9.07 27.40 -34.18
CA LYS C 68 -9.26 28.64 -34.91
C LYS C 68 -10.04 28.41 -36.21
N ARG C 78 -16.34 27.23 -28.16
CA ARG C 78 -14.91 27.21 -28.45
C ARG C 78 -14.18 26.12 -27.67
N LEU C 79 -13.68 25.11 -28.39
CA LEU C 79 -12.96 24.00 -27.78
C LEU C 79 -11.46 24.18 -27.89
N HIS C 80 -10.74 23.34 -27.15
CA HIS C 80 -9.28 23.28 -27.25
C HIS C 80 -8.86 21.91 -27.77
N THR C 81 -7.90 21.89 -28.68
CA THR C 81 -7.40 20.65 -29.25
C THR C 81 -5.89 20.57 -29.12
N CYS C 82 -5.35 19.34 -29.17
CA CYS C 82 -3.91 19.16 -29.13
C CYS C 82 -3.31 19.53 -30.47
N GLN C 83 -2.45 20.54 -30.47
CA GLN C 83 -1.83 21.02 -31.71
C GLN C 83 -0.31 21.08 -31.55
N ARG C 84 0.41 21.02 -32.66
CA ARG C 84 1.87 21.07 -32.65
C ARG C 84 2.38 22.50 -32.50
N HIS C 85 3.49 22.66 -31.79
CA HIS C 85 4.09 23.96 -31.56
C HIS C 85 4.39 24.68 -32.86
C1 NAG D . 48.19 1.10 46.27
C2 NAG D . 49.35 0.83 47.23
C3 NAG D . 49.87 2.17 47.80
C4 NAG D . 50.11 3.24 46.70
C5 NAG D . 49.00 3.25 45.63
C6 NAG D . 49.40 4.04 44.37
C7 NAG D . 49.58 -1.14 48.64
C8 NAG D . 50.39 -1.11 49.93
N2 NAG D . 48.91 -0.03 48.32
O3 NAG D . 51.08 1.93 48.50
O4 NAG D . 50.15 4.55 47.32
O5 NAG D . 48.65 1.92 45.19
O6 NAG D . 50.66 3.60 43.86
O7 NAG D . 49.58 -2.14 47.92
C1 NAG D . 51.35 5.25 47.33
C2 NAG D . 52.31 4.68 48.41
C3 NAG D . 53.68 5.37 48.32
C4 NAG D . 54.22 5.36 46.89
C5 NAG D . 53.17 5.92 45.92
C6 NAG D . 53.61 5.83 44.46
C7 NAG D . 52.40 4.43 50.80
C8 NAG D . 53.13 5.47 51.66
N2 NAG D . 51.74 4.88 49.73
O3 NAG D . 54.59 4.69 49.19
O4 NAG D . 55.41 6.14 46.81
O5 NAG D . 51.94 5.17 46.03
O6 NAG D . 54.88 5.20 44.33
O7 NAG D . 52.45 3.24 51.11
C1 NAG E . -6.14 31.88 -3.35
C2 NAG E . -5.20 33.10 -3.50
C3 NAG E . -5.93 34.43 -3.32
C4 NAG E . -7.23 34.48 -4.14
C5 NAG E . -8.07 33.25 -3.78
C6 NAG E . -9.39 33.20 -4.54
C7 NAG E . -2.90 33.41 -2.81
C8 NAG E . -2.53 34.81 -2.35
N2 NAG E . -4.14 33.00 -2.52
O3 NAG E . -5.08 35.49 -3.76
O4 NAG E . -7.97 35.68 -3.85
O5 NAG E . -7.35 32.05 -4.11
O6 NAG E . -9.19 32.85 -5.91
O7 NAG E . -2.08 32.71 -3.41
C1 NAG E . -8.30 36.55 -4.90
C2 NAG E . -7.36 37.75 -4.92
C3 NAG E . -7.70 38.68 -6.11
C4 NAG E . -7.85 37.89 -7.44
C5 NAG E . -8.73 36.63 -7.25
C6 NAG E . -8.72 35.75 -8.50
C7 NAG E . -6.77 39.59 -3.45
C8 NAG E . -7.51 40.92 -3.60
N2 NAG E . -7.49 38.48 -3.68
O3 NAG E . -6.68 39.65 -6.25
O4 NAG E . -8.39 38.75 -8.48
O5 NAG E . -8.25 35.83 -6.15
O6 NAG E . -9.44 34.54 -8.27
O7 NAG E . -5.58 39.56 -3.16
C1 NAG F . 1.10 32.14 35.24
C2 NAG F . 1.09 33.53 34.57
C3 NAG F . 1.23 34.71 35.56
C4 NAG F . 0.71 34.48 36.99
C5 NAG F . 0.94 33.03 37.42
C6 NAG F . 0.32 32.66 38.75
C7 NAG F . 3.22 34.40 33.89
C8 NAG F . 3.29 35.76 33.17
N2 NAG F . 2.17 33.62 33.62
O3 NAG F . 0.58 35.83 35.00
O4 NAG F . 1.41 35.37 37.90
O5 NAG F . 0.36 32.14 36.45
O6 NAG F . 0.08 31.26 38.80
O7 NAG F . 4.12 34.09 34.68
C1 NAG F . 0.93 36.68 38.09
C2 NAG F . 1.48 37.62 36.99
C3 NAG F . 0.83 39.00 37.10
C4 NAG F . -0.71 38.89 37.12
C5 NAG F . -1.15 37.91 38.23
C6 NAG F . -2.65 37.67 38.24
C7 NAG F . 3.66 38.02 36.00
C8 NAG F . 5.05 37.42 35.98
N2 NAG F . 2.92 37.77 37.09
O3 NAG F . 1.24 39.81 36.01
O4 NAG F . -1.27 40.16 37.35
O5 NAG F . -0.52 36.63 38.05
O6 NAG F . -3.20 37.82 36.93
O7 NAG F . 3.25 38.69 35.04
C1 NAG G . -44.68 -0.33 -3.17
C2 NAG G . -45.56 -1.18 -2.26
C3 NAG G . -46.06 -2.44 -2.96
C4 NAG G . -46.62 -2.14 -4.34
C5 NAG G . -45.63 -1.27 -5.12
C6 NAG G . -46.14 -0.95 -6.53
C7 NAG G . -45.10 -1.08 0.11
C8 NAG G . -44.25 -1.57 1.26
N2 NAG G . -44.80 -1.56 -1.08
O3 NAG G . -47.08 -3.04 -2.16
O4 NAG G . -46.81 -3.35 -5.03
O5 NAG G . -45.34 -0.09 -4.41
O6 NAG G . -46.72 0.33 -6.63
O7 NAG G . -46.00 -0.26 0.32
C1 NAG G . -48.23 -3.60 -5.19
C2 NAG G . -48.43 -4.66 -6.28
C3 NAG G . -49.91 -4.96 -6.47
C4 NAG G . -50.53 -5.30 -5.12
C5 NAG G . -50.25 -4.19 -4.11
C6 NAG G . -50.84 -4.50 -2.74
C7 NAG G . -48.23 -3.32 -8.34
C8 NAG G . -47.38 -3.04 -9.55
N2 NAG G . -47.78 -4.28 -7.53
O3 NAG G . -50.09 -6.04 -7.35
O4 NAG G . -51.93 -5.46 -5.26
O5 NAG G . -48.85 -3.99 -3.99
O6 NAG G . -50.10 -5.51 -2.10
O7 NAG G . -49.25 -2.67 -8.15
C1 FUC G . -48.16 0.23 -6.51
C2 FUC G . -48.67 1.41 -5.69
C3 FUC G . -48.42 2.72 -6.42
C4 FUC G . -48.96 2.63 -7.85
C5 FUC G . -48.45 1.38 -8.54
C6 FUC G . -49.05 1.27 -9.94
O2 FUC G . -47.99 1.45 -4.46
O3 FUC G . -49.07 3.76 -5.73
O4 FUC G . -50.36 2.64 -7.82
O5 FUC G . -48.79 0.24 -7.78
C1 NAG H . -10.48 -39.02 -7.39
C2 NAG H . -9.86 -38.58 -6.07
C3 NAG H . -10.65 -39.14 -4.89
C4 NAG H . -12.14 -38.81 -5.01
C5 NAG H . -12.69 -38.95 -6.43
C6 NAG H . -13.97 -38.13 -6.58
C7 NAG H . -8.02 -40.19 -5.82
C8 NAG H . -6.52 -40.34 -5.73
N2 NAG H . -8.46 -38.95 -6.01
O3 NAG H . -10.16 -38.58 -3.69
O4 NAG H . -12.85 -39.72 -4.20
O5 NAG H . -11.80 -38.53 -7.46
O6 NAG H . -14.36 -38.07 -7.93
O7 NAG H . -8.75 -41.19 -5.73
C1 NAG H . -12.99 -39.21 -2.86
C2 NAG H . -14.44 -39.38 -2.40
C3 NAG H . -14.63 -39.06 -0.93
C4 NAG H . -13.59 -39.79 -0.09
C5 NAG H . -12.20 -39.46 -0.61
C6 NAG H . -11.12 -40.14 0.22
C7 NAG H . -16.30 -39.11 -3.95
C8 NAG H . -17.34 -38.16 -4.48
N2 NAG H . -15.32 -38.57 -3.22
O3 NAG H . -15.93 -39.46 -0.52
O4 NAG H . -13.71 -39.40 1.26
O5 NAG H . -12.08 -39.86 -1.97
O6 NAG H . -9.87 -39.56 -0.07
O7 NAG H . -16.38 -40.31 -4.18
P PO4 I . 40.14 -10.55 34.50
O1 PO4 I . 41.22 -9.73 33.87
O2 PO4 I . 40.08 -11.88 33.86
O3 PO4 I . 38.84 -9.86 34.31
O4 PO4 I . 40.41 -10.70 35.96
P PO4 J . 7.58 33.87 32.65
O1 PO4 J . 8.92 34.52 32.65
O2 PO4 J . 7.53 32.87 31.56
O3 PO4 J . 6.53 34.90 32.43
O4 PO4 J . 7.36 33.20 33.96
C1 NAG K . -39.78 32.46 -21.77
C2 NAG K . -40.95 33.12 -21.06
C3 NAG K . -42.12 33.32 -22.01
C4 NAG K . -41.66 34.06 -23.25
C5 NAG K . -40.41 33.43 -23.85
C6 NAG K . -39.85 34.30 -24.97
C7 NAG K . -42.32 31.53 -19.75
C8 NAG K . -42.76 31.21 -18.35
N2 NAG K . -41.30 32.37 -19.85
O3 NAG K . -43.14 34.06 -21.38
O4 NAG K . -42.69 34.08 -24.22
O5 NAG K . -39.39 33.26 -22.87
O6 NAG K . -38.44 34.41 -24.83
O7 NAG K . -42.90 31.02 -20.70
C1 NAG L . -39.15 36.92 -17.24
C2 NAG L . -40.54 37.32 -16.77
C3 NAG L . -41.18 38.32 -17.73
C4 NAG L . -40.23 39.50 -17.95
C5 NAG L . -38.84 39.03 -18.33
C6 NAG L . -37.88 40.21 -18.41
C7 NAG L . -42.23 35.61 -17.41
C8 NAG L . -43.10 34.51 -16.89
N2 NAG L . -41.37 36.14 -16.54
O3 NAG L . -42.39 38.79 -17.20
O4 NAG L . -40.75 40.34 -18.95
O5 NAG L . -38.34 38.07 -17.40
O6 NAG L . -36.54 39.77 -18.33
O7 NAG L . -42.34 35.98 -18.58
C1 NAG M . -40.10 -12.04 -42.80
C2 NAG M . -41.50 -12.32 -43.35
C3 NAG M . -41.52 -12.31 -44.87
C4 NAG M . -40.84 -11.06 -45.41
C5 NAG M . -39.47 -10.86 -44.77
C6 NAG M . -38.86 -9.54 -45.22
C7 NAG M . -43.15 -13.71 -42.22
C8 NAG M . -43.87 -12.43 -41.90
N2 NAG M . -41.99 -13.60 -42.87
O3 NAG M . -42.85 -12.36 -45.32
O4 NAG M . -40.70 -11.17 -46.81
O5 NAG M . -39.56 -10.86 -43.36
O6 NAG M . -39.64 -8.46 -44.76
O7 NAG M . -43.63 -14.79 -41.90
C1 GOL N . -1.18 -16.13 -2.40
O1 GOL N . -1.89 -15.23 -3.23
C2 GOL N . -2.13 -16.70 -1.36
O2 GOL N . -2.23 -15.80 -0.28
C3 GOL N . -1.61 -18.05 -0.86
O3 GOL N . -1.89 -19.04 -1.82
#